data_2KMS
#
_entry.id   2KMS
#
_cell.length_a   1.000
_cell.length_b   1.000
_cell.length_c   1.000
_cell.angle_alpha   90.00
_cell.angle_beta   90.00
_cell.angle_gamma   90.00
#
_symmetry.space_group_name_H-M   'P 1'
#
_entity_poly.entity_id   1
_entity_poly.type   'polypeptide(L)'
_entity_poly.pdbx_seq_one_letter_code
;TCGDIPELEHGWAQLSSPPYYYGDSVEFNCSESFTMIGHRSITCIHGVWTQLPQCVAIDKLKKCKSSNLIILEEHLKNKK
EFDHNSNIRYRCRGKEGWIHTVCINGRWDPEVNCS
;
_entity_poly.pdbx_strand_id   A
#
# COMPACT_ATOMS: atom_id res chain seq x y z
N THR A 1 4.76 0.90 29.42
CA THR A 1 5.48 1.32 28.27
C THR A 1 6.00 0.11 27.54
N CYS A 2 5.96 0.17 26.25
CA CYS A 2 6.55 -0.85 25.42
C CYS A 2 8.06 -0.74 25.47
N GLY A 3 8.56 0.31 24.93
CA GLY A 3 9.91 0.53 24.91
C GLY A 3 10.34 0.85 23.54
N ASP A 4 11.60 0.70 23.37
CA ASP A 4 12.35 0.98 22.13
C ASP A 4 11.62 0.52 20.90
N ILE A 5 11.28 1.49 20.07
CA ILE A 5 10.58 1.24 18.84
C ILE A 5 11.37 0.33 17.91
N PRO A 6 10.69 -0.45 17.10
CA PRO A 6 11.32 -1.28 16.09
C PRO A 6 11.82 -0.43 14.92
N GLU A 7 12.03 -1.05 13.80
CA GLU A 7 12.45 -0.37 12.65
C GLU A 7 11.90 -1.12 11.50
N LEU A 8 12.02 -0.56 10.38
CA LEU A 8 11.64 -1.20 9.18
C LEU A 8 12.81 -1.80 8.51
N GLU A 9 12.64 -3.04 8.19
CA GLU A 9 13.57 -3.88 7.47
C GLU A 9 14.15 -3.19 6.23
N HIS A 10 13.35 -2.36 5.59
CA HIS A 10 13.76 -1.67 4.38
C HIS A 10 13.14 -0.30 4.33
N GLY A 11 12.82 0.24 5.47
CA GLY A 11 12.15 1.53 5.52
C GLY A 11 12.71 2.43 6.60
N TRP A 12 11.87 3.27 7.17
CA TRP A 12 12.29 4.22 8.18
C TRP A 12 11.13 4.51 9.13
N ALA A 13 11.39 5.29 10.14
CA ALA A 13 10.40 5.71 11.08
C ALA A 13 10.04 7.15 10.78
N GLN A 14 8.88 7.56 11.19
CA GLN A 14 8.47 8.94 11.06
C GLN A 14 8.77 9.73 12.31
N LEU A 15 8.05 9.42 13.36
CA LEU A 15 8.25 10.06 14.64
C LEU A 15 7.99 9.07 15.74
N SER A 16 8.95 8.87 16.57
CA SER A 16 8.85 7.98 17.66
C SER A 16 9.60 8.53 18.81
N SER A 17 8.89 8.99 19.71
CA SER A 17 9.44 9.58 20.87
C SER A 17 9.03 8.76 22.07
N PRO A 18 9.97 8.41 22.97
CA PRO A 18 9.67 7.62 24.17
C PRO A 18 8.76 8.41 25.11
N PRO A 19 8.25 7.83 26.19
CA PRO A 19 8.59 6.46 26.69
C PRO A 19 7.94 5.34 25.91
N TYR A 20 7.06 5.69 25.01
CA TYR A 20 6.36 4.74 24.15
C TYR A 20 5.32 4.00 24.97
N TYR A 21 4.21 4.65 25.20
CA TYR A 21 3.15 4.13 26.05
C TYR A 21 2.20 3.26 25.28
N TYR A 22 1.30 2.64 26.01
CA TYR A 22 0.28 1.82 25.39
C TYR A 22 -0.68 2.68 24.65
N GLY A 23 -0.95 2.31 23.45
CA GLY A 23 -1.80 3.09 22.62
C GLY A 23 -1.01 3.95 21.68
N ASP A 24 0.30 4.09 21.96
CA ASP A 24 1.19 4.85 21.09
C ASP A 24 1.30 4.19 19.77
N SER A 25 1.42 4.99 18.79
CA SER A 25 1.59 4.53 17.46
C SER A 25 2.70 5.31 16.84
N VAL A 26 3.40 4.69 15.95
CA VAL A 26 4.50 5.30 15.26
C VAL A 26 4.37 4.99 13.83
N GLU A 27 4.47 5.98 13.01
CA GLU A 27 4.41 5.76 11.61
C GLU A 27 5.76 5.32 11.07
N PHE A 28 5.69 4.39 10.19
CA PHE A 28 6.81 3.78 9.53
C PHE A 28 6.47 3.65 8.07
N ASN A 29 7.24 4.25 7.24
CA ASN A 29 7.00 4.17 5.84
C ASN A 29 8.28 3.75 5.19
N CYS A 30 8.36 3.94 3.94
CA CYS A 30 9.50 3.51 3.22
C CYS A 30 10.10 4.74 2.62
N SER A 31 11.38 4.86 2.74
CA SER A 31 12.07 6.08 2.39
C SER A 31 12.14 6.29 0.86
N GLU A 32 13.13 5.68 0.24
CA GLU A 32 13.36 5.85 -1.18
C GLU A 32 13.61 4.52 -1.83
N SER A 33 12.93 4.30 -2.96
CA SER A 33 13.06 3.09 -3.78
C SER A 33 12.41 1.91 -3.06
N PHE A 34 11.45 2.19 -2.21
CA PHE A 34 10.76 1.18 -1.49
C PHE A 34 9.32 1.56 -1.42
N THR A 35 8.50 0.57 -1.44
CA THR A 35 7.07 0.73 -1.50
C THR A 35 6.42 1.17 -0.13
N MET A 36 5.56 0.32 0.40
CA MET A 36 4.89 0.38 1.68
C MET A 36 3.72 -0.59 1.57
N ILE A 37 3.83 -1.71 2.18
CA ILE A 37 2.77 -2.69 2.12
C ILE A 37 2.26 -2.99 3.52
N GLY A 38 0.96 -3.11 3.64
CA GLY A 38 0.36 -3.51 4.87
C GLY A 38 -0.24 -2.36 5.62
N HIS A 39 0.60 -1.58 6.23
CA HIS A 39 0.19 -0.50 7.11
C HIS A 39 1.22 0.58 6.94
N ARG A 40 1.16 1.63 7.73
CA ARG A 40 2.28 2.58 7.73
C ARG A 40 2.54 3.08 9.14
N SER A 41 2.13 2.31 10.09
CA SER A 41 2.27 2.65 11.48
C SER A 41 2.23 1.41 12.34
N ILE A 42 2.69 1.54 13.55
CA ILE A 42 2.71 0.45 14.50
C ILE A 42 1.95 0.87 15.73
N THR A 43 1.59 -0.07 16.56
CA THR A 43 0.85 0.25 17.77
C THR A 43 1.41 -0.52 18.97
N CYS A 44 1.57 0.18 20.06
CA CYS A 44 2.04 -0.43 21.29
C CYS A 44 0.88 -1.06 22.05
N ILE A 45 0.86 -2.37 22.02
CA ILE A 45 -0.16 -3.21 22.63
C ILE A 45 0.47 -4.47 23.20
N HIS A 46 -0.02 -4.94 24.33
CA HIS A 46 0.51 -6.16 25.00
C HIS A 46 1.96 -5.98 25.49
N GLY A 47 2.50 -4.80 25.34
CA GLY A 47 3.85 -4.51 25.74
C GLY A 47 4.81 -4.65 24.60
N VAL A 48 4.26 -4.73 23.40
CA VAL A 48 5.00 -4.92 22.20
C VAL A 48 4.35 -4.03 21.14
N TRP A 49 5.08 -3.65 20.17
CA TRP A 49 4.52 -2.96 19.06
C TRP A 49 3.86 -3.95 18.11
N THR A 50 3.27 -3.45 17.06
CA THR A 50 2.58 -4.29 16.14
C THR A 50 3.51 -4.88 15.07
N GLN A 51 2.90 -5.36 14.03
CA GLN A 51 3.54 -6.18 13.02
C GLN A 51 4.44 -5.40 12.07
N LEU A 52 4.28 -4.09 12.03
CA LEU A 52 5.03 -3.21 11.12
C LEU A 52 4.65 -3.41 9.65
N PRO A 53 4.78 -2.38 8.83
CA PRO A 53 4.54 -2.49 7.40
C PRO A 53 5.68 -3.25 6.71
N GLN A 54 5.55 -3.46 5.44
CA GLN A 54 6.55 -4.15 4.71
C GLN A 54 7.10 -3.27 3.62
N CYS A 55 8.28 -2.73 3.83
CA CYS A 55 8.93 -2.00 2.79
C CYS A 55 9.58 -2.92 1.81
N VAL A 56 9.04 -2.96 0.65
CA VAL A 56 9.59 -3.75 -0.41
C VAL A 56 10.27 -2.81 -1.38
N ALA A 57 11.31 -3.26 -1.98
CA ALA A 57 12.17 -2.49 -2.91
C ALA A 57 11.47 -2.07 -4.20
N ILE A 58 10.22 -2.46 -4.31
CA ILE A 58 9.37 -2.22 -5.46
C ILE A 58 9.75 -3.15 -6.65
N ASP A 59 10.91 -3.72 -6.52
CA ASP A 59 11.53 -4.64 -7.47
C ASP A 59 10.86 -5.97 -7.36
N LYS A 60 10.36 -6.21 -6.18
CA LYS A 60 9.81 -7.48 -5.80
C LYS A 60 8.32 -7.36 -5.74
N LEU A 61 7.83 -6.32 -6.35
CA LEU A 61 6.44 -6.08 -6.44
C LEU A 61 5.87 -6.87 -7.57
N LYS A 62 4.64 -6.70 -7.76
CA LYS A 62 3.90 -7.41 -8.71
C LYS A 62 3.19 -6.44 -9.59
N LYS A 63 3.01 -6.90 -10.75
CA LYS A 63 2.38 -6.22 -11.82
C LYS A 63 0.92 -6.53 -11.79
N CYS A 64 0.18 -5.55 -11.48
CA CYS A 64 -1.26 -5.62 -11.50
C CYS A 64 -1.71 -5.70 -12.92
N LYS A 65 -2.64 -6.51 -13.20
CA LYS A 65 -3.05 -6.65 -14.55
C LYS A 65 -4.40 -6.01 -14.75
N SER A 66 -4.54 -5.32 -15.84
CA SER A 66 -5.80 -4.77 -16.22
C SER A 66 -6.78 -5.89 -16.59
N SER A 67 -7.91 -5.90 -15.92
CA SER A 67 -8.96 -6.85 -16.21
C SER A 67 -9.59 -6.49 -17.55
N ASN A 68 -10.01 -7.48 -18.30
CA ASN A 68 -10.64 -7.25 -19.59
C ASN A 68 -12.14 -7.04 -19.38
N LEU A 69 -12.55 -7.05 -18.12
CA LEU A 69 -13.95 -6.84 -17.78
C LEU A 69 -14.16 -5.39 -17.53
N ILE A 70 -13.13 -4.76 -17.07
CA ILE A 70 -13.20 -3.39 -16.72
C ILE A 70 -12.65 -2.52 -17.84
N ILE A 71 -13.04 -1.29 -17.83
CA ILE A 71 -12.60 -0.32 -18.82
C ILE A 71 -11.68 0.67 -18.13
N LEU A 72 -10.55 0.93 -18.72
CA LEU A 72 -9.60 1.88 -18.20
C LEU A 72 -9.64 3.15 -19.03
N GLU A 73 -8.83 4.11 -18.64
CA GLU A 73 -8.72 5.35 -19.36
C GLU A 73 -8.05 5.16 -20.70
N GLU A 74 -8.07 6.19 -21.49
CA GLU A 74 -7.55 6.17 -22.84
C GLU A 74 -6.03 5.97 -22.85
N HIS A 75 -5.37 6.24 -21.73
CA HIS A 75 -3.91 6.01 -21.67
C HIS A 75 -3.71 4.60 -21.17
N LEU A 76 -4.65 4.16 -20.37
CA LEU A 76 -4.45 3.00 -19.58
C LEU A 76 -4.96 1.74 -20.24
N LYS A 77 -5.75 1.89 -21.28
CA LYS A 77 -6.20 0.73 -22.01
C LYS A 77 -5.04 0.13 -22.82
N ASN A 78 -3.91 0.87 -22.86
CA ASN A 78 -2.72 0.43 -23.59
C ASN A 78 -1.78 -0.28 -22.60
N LYS A 79 -2.19 -0.34 -21.35
CA LYS A 79 -1.41 -0.91 -20.30
C LYS A 79 -2.03 -2.24 -19.99
N LYS A 80 -1.26 -3.27 -20.01
CA LYS A 80 -1.79 -4.57 -19.68
C LYS A 80 -1.46 -4.89 -18.25
N GLU A 81 -0.37 -4.35 -17.80
CA GLU A 81 0.09 -4.55 -16.52
C GLU A 81 0.64 -3.29 -15.94
N PHE A 82 0.30 -3.06 -14.76
CA PHE A 82 0.63 -1.88 -14.06
C PHE A 82 1.62 -2.17 -12.97
N ASP A 83 2.43 -1.23 -12.70
CA ASP A 83 3.32 -1.29 -11.58
C ASP A 83 2.58 -0.65 -10.43
N HIS A 84 3.08 -0.85 -9.25
CA HIS A 84 2.48 -0.31 -8.06
C HIS A 84 2.47 1.23 -8.08
N ASN A 85 1.54 1.82 -7.30
CA ASN A 85 1.42 3.29 -7.11
C ASN A 85 0.74 3.89 -8.32
N SER A 86 0.21 3.04 -9.17
CA SER A 86 -0.48 3.51 -10.26
C SER A 86 -1.92 3.72 -9.80
N ASN A 87 -2.27 4.97 -9.61
CA ASN A 87 -3.61 5.32 -9.22
C ASN A 87 -4.39 5.54 -10.48
N ILE A 88 -5.16 4.58 -10.84
CA ILE A 88 -5.90 4.63 -12.06
C ILE A 88 -7.37 4.72 -11.76
N ARG A 89 -8.14 4.67 -12.79
CA ARG A 89 -9.52 4.63 -12.68
C ARG A 89 -10.06 3.69 -13.70
N TYR A 90 -10.76 2.73 -13.23
CA TYR A 90 -11.38 1.76 -14.06
C TYR A 90 -12.86 1.95 -13.93
N ARG A 91 -13.60 1.24 -14.72
CA ARG A 91 -15.00 1.29 -14.66
C ARG A 91 -15.57 0.02 -15.21
N CYS A 92 -16.82 -0.18 -15.03
CA CYS A 92 -17.48 -1.37 -15.50
C CYS A 92 -18.24 -1.01 -16.77
N ARG A 93 -18.59 -2.02 -17.53
CA ARG A 93 -19.39 -1.86 -18.72
C ARG A 93 -20.85 -1.60 -18.29
N GLY A 94 -21.10 -0.39 -17.95
CA GLY A 94 -22.37 -0.07 -17.40
C GLY A 94 -22.25 1.03 -16.40
N LYS A 95 -21.08 1.11 -15.80
CA LYS A 95 -20.78 2.21 -14.91
C LYS A 95 -20.29 3.40 -15.72
N GLU A 96 -21.15 4.38 -15.91
CA GLU A 96 -20.77 5.59 -16.61
C GLU A 96 -20.18 6.54 -15.59
N GLY A 97 -18.93 6.29 -15.31
CA GLY A 97 -18.16 7.01 -14.36
C GLY A 97 -16.99 6.16 -14.05
N TRP A 98 -16.21 6.49 -13.06
CA TRP A 98 -15.06 5.69 -12.73
C TRP A 98 -15.06 5.40 -11.26
N ILE A 99 -14.36 4.36 -10.87
CA ILE A 99 -14.29 4.01 -9.47
C ILE A 99 -12.99 4.51 -8.84
N HIS A 100 -11.86 4.35 -9.58
CA HIS A 100 -10.47 4.68 -9.12
C HIS A 100 -9.92 3.58 -8.25
N THR A 101 -8.71 3.18 -8.53
CA THR A 101 -8.06 2.12 -7.79
C THR A 101 -6.54 2.25 -7.91
N VAL A 102 -5.83 1.66 -6.98
CA VAL A 102 -4.40 1.73 -6.94
C VAL A 102 -3.79 0.34 -7.02
N CYS A 103 -2.79 0.17 -7.86
CA CYS A 103 -2.07 -1.09 -7.99
C CYS A 103 -1.27 -1.35 -6.74
N ILE A 104 -1.63 -2.39 -6.05
CA ILE A 104 -0.99 -2.79 -4.83
C ILE A 104 -0.38 -4.16 -5.02
N ASN A 105 0.83 -4.18 -5.60
CA ASN A 105 1.61 -5.42 -5.81
C ASN A 105 0.78 -6.51 -6.48
N GLY A 106 0.38 -6.28 -7.71
CA GLY A 106 -0.41 -7.26 -8.42
C GLY A 106 -1.87 -7.29 -8.01
N ARG A 107 -2.33 -6.28 -7.30
CA ARG A 107 -3.69 -6.26 -6.81
C ARG A 107 -4.18 -4.86 -7.00
N TRP A 108 -5.41 -4.66 -6.89
CA TRP A 108 -5.97 -3.39 -7.02
C TRP A 108 -6.60 -3.02 -5.71
N ASP A 109 -6.75 -1.77 -5.46
CA ASP A 109 -7.39 -1.30 -4.26
C ASP A 109 -8.11 -0.01 -4.55
N PRO A 110 -9.44 -0.04 -4.67
CA PRO A 110 -10.25 -1.28 -4.53
C PRO A 110 -10.06 -2.25 -5.69
N GLU A 111 -10.06 -3.54 -5.37
CA GLU A 111 -10.01 -4.59 -6.37
C GLU A 111 -11.10 -4.41 -7.40
N VAL A 112 -10.73 -4.37 -8.63
CA VAL A 112 -11.58 -4.13 -9.68
C VAL A 112 -12.44 -5.35 -10.00
N ASN A 113 -13.70 -5.11 -10.30
CA ASN A 113 -14.61 -6.15 -10.71
C ASN A 113 -15.74 -5.55 -11.52
N CYS A 114 -16.01 -6.13 -12.64
CA CYS A 114 -17.12 -5.75 -13.48
C CYS A 114 -17.95 -6.99 -13.82
N SER A 115 -17.45 -8.13 -13.41
CA SER A 115 -18.12 -9.37 -13.60
C SER A 115 -19.00 -9.67 -12.40
N THR A 1 3.33 0.90 29.12
CA THR A 1 4.10 1.37 28.02
C THR A 1 4.73 0.20 27.32
N CYS A 2 4.81 0.29 26.03
CA CYS A 2 5.57 -0.66 25.26
C CYS A 2 7.03 -0.26 25.38
N GLY A 3 7.35 0.88 24.81
CA GLY A 3 8.67 1.37 24.92
C GLY A 3 9.50 0.95 23.77
N ASP A 4 10.33 1.86 23.37
CA ASP A 4 11.30 1.70 22.29
C ASP A 4 10.67 1.23 21.01
N ILE A 5 10.40 2.16 20.14
CA ILE A 5 9.82 1.84 18.88
C ILE A 5 10.76 0.99 18.04
N PRO A 6 10.21 0.11 17.24
CA PRO A 6 10.99 -0.75 16.37
C PRO A 6 11.65 0.04 15.23
N GLU A 7 12.21 -0.68 14.33
CA GLU A 7 12.83 -0.13 13.21
C GLU A 7 12.14 -0.73 12.04
N LEU A 8 12.52 -0.37 10.90
CA LEU A 8 11.91 -0.89 9.73
C LEU A 8 12.95 -1.51 8.83
N GLU A 9 12.65 -2.74 8.43
CA GLU A 9 13.46 -3.60 7.57
C GLU A 9 14.18 -2.86 6.41
N HIS A 10 13.44 -2.09 5.65
CA HIS A 10 14.02 -1.39 4.49
C HIS A 10 13.41 0.00 4.41
N GLY A 11 12.96 0.51 5.52
CA GLY A 11 12.29 1.78 5.52
C GLY A 11 12.70 2.65 6.68
N TRP A 12 11.77 3.44 7.18
CA TRP A 12 12.04 4.40 8.22
C TRP A 12 10.78 4.65 9.03
N ALA A 13 10.91 5.46 10.02
CA ALA A 13 9.80 5.87 10.86
C ALA A 13 9.56 7.34 10.62
N GLN A 14 8.32 7.75 10.64
CA GLN A 14 7.99 9.14 10.44
C GLN A 14 8.33 9.95 11.68
N LEU A 15 7.68 9.62 12.78
CA LEU A 15 7.92 10.25 14.06
C LEU A 15 7.25 9.38 15.10
N SER A 16 7.93 9.13 16.18
CA SER A 16 7.44 8.30 17.21
C SER A 16 7.58 9.00 18.55
N SER A 17 6.48 9.18 19.18
CA SER A 17 6.43 9.94 20.40
C SER A 17 6.18 9.06 21.62
N PRO A 18 7.17 8.95 22.53
CA PRO A 18 7.04 8.19 23.78
C PRO A 18 6.07 8.91 24.74
N PRO A 19 5.66 8.29 25.87
CA PRO A 19 6.11 6.96 26.36
C PRO A 19 5.75 5.75 25.52
N TYR A 20 4.98 5.94 24.46
CA TYR A 20 4.52 4.84 23.61
C TYR A 20 3.54 4.00 24.41
N TYR A 21 2.44 4.63 24.72
CA TYR A 21 1.38 4.02 25.49
C TYR A 21 0.66 2.95 24.74
N TYR A 22 -0.21 2.26 25.41
CA TYR A 22 -1.01 1.27 24.74
C TYR A 22 -2.02 1.94 23.87
N GLY A 23 -2.10 1.47 22.67
CA GLY A 23 -2.97 2.05 21.72
C GLY A 23 -2.23 3.04 20.85
N ASP A 24 -0.96 3.31 21.19
CA ASP A 24 -0.14 4.26 20.43
C ASP A 24 0.14 3.66 19.09
N SER A 25 0.41 4.47 18.15
CA SER A 25 0.68 4.03 16.83
C SER A 25 1.69 4.94 16.18
N VAL A 26 2.52 4.38 15.38
CA VAL A 26 3.58 5.13 14.75
C VAL A 26 3.62 4.85 13.28
N GLU A 27 3.75 5.87 12.48
CA GLU A 27 3.86 5.72 11.04
C GLU A 27 5.28 5.35 10.63
N PHE A 28 5.35 4.38 9.77
CA PHE A 28 6.56 3.85 9.21
C PHE A 28 6.32 3.61 7.74
N ASN A 29 7.20 4.08 6.91
CA ASN A 29 7.02 3.92 5.47
C ASN A 29 8.37 3.56 4.90
N CYS A 30 8.50 3.72 3.64
CA CYS A 30 9.73 3.40 2.97
C CYS A 30 10.21 4.69 2.39
N SER A 31 11.45 4.97 2.60
CA SER A 31 11.99 6.27 2.26
C SER A 31 12.01 6.48 0.75
N GLU A 32 12.93 5.84 0.10
CA GLU A 32 13.12 5.93 -1.33
C GLU A 32 13.67 4.61 -1.78
N SER A 33 13.41 4.25 -3.04
CA SER A 33 13.91 3.02 -3.66
C SER A 33 13.23 1.76 -3.15
N PHE A 34 12.27 1.96 -2.29
CA PHE A 34 11.54 0.95 -1.69
C PHE A 34 10.10 1.36 -1.66
N THR A 35 9.30 0.42 -1.82
CA THR A 35 7.89 0.55 -1.88
C THR A 35 7.25 0.01 -0.59
N MET A 36 6.29 0.77 -0.08
CA MET A 36 5.56 0.45 1.12
C MET A 36 4.43 -0.48 0.80
N ILE A 37 4.49 -1.61 1.38
CA ILE A 37 3.47 -2.62 1.23
C ILE A 37 2.99 -3.08 2.61
N GLY A 38 1.70 -3.33 2.71
CA GLY A 38 1.14 -3.93 3.90
C GLY A 38 0.37 -2.95 4.74
N HIS A 39 1.07 -2.01 5.31
CA HIS A 39 0.49 -1.04 6.22
C HIS A 39 1.55 0.03 6.32
N ARG A 40 1.36 1.03 7.13
CA ARG A 40 2.39 2.06 7.31
C ARG A 40 2.43 2.52 8.73
N SER A 41 1.99 1.71 9.62
CA SER A 41 1.96 2.09 11.01
C SER A 41 2.07 0.88 11.88
N ILE A 42 2.38 1.11 13.11
CA ILE A 42 2.47 0.07 14.08
C ILE A 42 1.58 0.43 15.24
N THR A 43 1.26 -0.52 16.06
CA THR A 43 0.40 -0.28 17.20
C THR A 43 0.93 -0.97 18.45
N CYS A 44 0.96 -0.26 19.55
CA CYS A 44 1.37 -0.81 20.82
C CYS A 44 0.20 -1.45 21.50
N ILE A 45 0.19 -2.75 21.49
CA ILE A 45 -0.85 -3.54 22.09
C ILE A 45 -0.26 -4.77 22.76
N HIS A 46 -0.78 -5.13 23.90
CA HIS A 46 -0.32 -6.31 24.69
C HIS A 46 1.15 -6.23 25.11
N GLY A 47 1.74 -5.07 25.00
CA GLY A 47 3.10 -4.88 25.40
C GLY A 47 4.05 -5.14 24.28
N VAL A 48 3.58 -5.00 23.08
CA VAL A 48 4.37 -5.19 21.92
C VAL A 48 3.81 -4.35 20.80
N TRP A 49 4.66 -3.83 19.98
CA TRP A 49 4.20 -3.19 18.78
C TRP A 49 3.70 -4.25 17.77
N THR A 50 3.27 -3.82 16.64
CA THR A 50 2.70 -4.69 15.66
C THR A 50 3.74 -5.26 14.67
N GLN A 51 3.26 -5.59 13.51
CA GLN A 51 3.98 -6.35 12.52
C GLN A 51 4.94 -5.51 11.70
N LEU A 52 4.80 -4.18 11.75
CA LEU A 52 5.61 -3.25 10.91
C LEU A 52 5.18 -3.33 9.43
N PRO A 53 5.34 -2.25 8.67
CA PRO A 53 5.11 -2.27 7.23
C PRO A 53 6.20 -3.07 6.52
N GLN A 54 6.09 -3.20 5.25
CA GLN A 54 7.06 -3.93 4.49
C GLN A 54 7.57 -3.05 3.39
N CYS A 55 8.86 -3.03 3.24
CA CYS A 55 9.48 -2.21 2.26
C CYS A 55 10.18 -3.05 1.28
N VAL A 56 9.61 -3.13 0.12
CA VAL A 56 10.17 -3.91 -0.90
C VAL A 56 10.96 -3.03 -1.78
N ALA A 57 12.05 -3.53 -2.24
CA ALA A 57 13.04 -2.82 -3.08
C ALA A 57 12.51 -2.43 -4.43
N ILE A 58 11.26 -2.76 -4.65
CA ILE A 58 10.51 -2.45 -5.85
C ILE A 58 10.85 -3.43 -6.97
N ASP A 59 11.97 -4.07 -6.82
CA ASP A 59 12.52 -5.02 -7.76
C ASP A 59 11.72 -6.27 -7.70
N LYS A 60 11.27 -6.55 -6.51
CA LYS A 60 10.59 -7.77 -6.19
C LYS A 60 9.11 -7.55 -6.21
N LEU A 61 8.74 -6.48 -6.84
CA LEU A 61 7.38 -6.14 -7.00
C LEU A 61 6.80 -6.90 -8.16
N LYS A 62 5.61 -6.58 -8.47
CA LYS A 62 4.85 -7.22 -9.47
C LYS A 62 4.15 -6.18 -10.28
N LYS A 63 3.39 -6.63 -11.18
CA LYS A 63 2.64 -5.85 -12.10
C LYS A 63 1.24 -6.38 -12.08
N CYS A 64 0.37 -5.50 -12.21
CA CYS A 64 -1.04 -5.75 -12.17
C CYS A 64 -1.59 -6.01 -13.54
N LYS A 65 -2.80 -6.50 -13.58
CA LYS A 65 -3.46 -6.85 -14.81
C LYS A 65 -4.81 -6.15 -14.88
N SER A 66 -5.12 -5.61 -16.02
CA SER A 66 -6.42 -5.03 -16.26
C SER A 66 -7.54 -6.12 -16.28
N SER A 67 -8.49 -6.01 -15.35
CA SER A 67 -9.64 -6.91 -15.33
C SER A 67 -10.50 -6.66 -16.57
N ASN A 68 -11.06 -7.72 -17.11
CA ASN A 68 -11.85 -7.62 -18.35
C ASN A 68 -13.25 -7.07 -18.09
N LEU A 69 -13.60 -6.90 -16.83
CA LEU A 69 -14.93 -6.44 -16.49
C LEU A 69 -14.91 -5.01 -16.07
N ILE A 70 -13.73 -4.49 -15.85
CA ILE A 70 -13.60 -3.14 -15.45
C ILE A 70 -13.29 -2.28 -16.66
N ILE A 71 -13.49 -1.02 -16.53
CA ILE A 71 -13.25 -0.09 -17.60
C ILE A 71 -12.19 0.87 -17.16
N LEU A 72 -11.08 0.87 -17.84
CA LEU A 72 -10.01 1.77 -17.55
C LEU A 72 -10.15 2.98 -18.42
N GLU A 73 -9.20 3.89 -18.32
CA GLU A 73 -9.17 5.03 -19.18
C GLU A 73 -8.98 4.60 -20.62
N GLU A 74 -8.99 5.55 -21.51
CA GLU A 74 -8.84 5.26 -22.93
C GLU A 74 -7.37 5.19 -23.23
N HIS A 75 -6.68 5.54 -22.21
CA HIS A 75 -5.28 5.58 -22.06
C HIS A 75 -4.82 4.23 -21.57
N LEU A 76 -5.57 3.71 -20.64
CA LEU A 76 -5.21 2.53 -19.92
C LEU A 76 -5.83 1.28 -20.47
N LYS A 77 -6.80 1.41 -21.33
CA LYS A 77 -7.39 0.23 -21.95
C LYS A 77 -6.40 -0.51 -22.86
N ASN A 78 -5.31 0.17 -23.19
CA ASN A 78 -4.22 -0.43 -23.96
C ASN A 78 -3.20 -1.05 -23.01
N LYS A 79 -3.45 -0.97 -21.74
CA LYS A 79 -2.56 -1.46 -20.75
C LYS A 79 -3.11 -2.78 -20.24
N LYS A 80 -2.46 -3.84 -20.58
CA LYS A 80 -2.87 -5.13 -20.11
C LYS A 80 -2.31 -5.33 -18.73
N GLU A 81 -1.13 -4.81 -18.55
CA GLU A 81 -0.42 -4.92 -17.35
C GLU A 81 0.08 -3.58 -16.92
N PHE A 82 -0.11 -3.32 -15.69
CA PHE A 82 0.27 -2.07 -15.09
C PHE A 82 1.39 -2.34 -14.14
N ASP A 83 2.31 -1.45 -14.05
CA ASP A 83 3.41 -1.64 -13.15
C ASP A 83 3.06 -1.03 -11.79
N HIS A 84 3.69 -1.54 -10.74
CA HIS A 84 3.51 -1.09 -9.36
C HIS A 84 3.48 0.47 -9.27
N ASN A 85 2.65 0.98 -8.37
CA ASN A 85 2.51 2.41 -8.11
C ASN A 85 1.88 3.19 -9.26
N SER A 86 1.32 2.49 -10.22
CA SER A 86 0.62 3.14 -11.29
C SER A 86 -0.73 3.55 -10.75
N ASN A 87 -0.93 4.84 -10.58
CA ASN A 87 -2.19 5.36 -10.11
C ASN A 87 -3.08 5.56 -11.29
N ILE A 88 -3.98 4.65 -11.46
CA ILE A 88 -4.88 4.65 -12.57
C ILE A 88 -6.28 4.86 -12.06
N ARG A 89 -7.22 4.75 -12.94
CA ARG A 89 -8.57 4.81 -12.59
C ARG A 89 -9.34 3.84 -13.44
N TYR A 90 -10.04 2.99 -12.78
CA TYR A 90 -10.90 2.05 -13.43
C TYR A 90 -12.29 2.42 -13.00
N ARG A 91 -13.23 1.80 -13.58
CA ARG A 91 -14.59 1.95 -13.22
C ARG A 91 -15.29 0.64 -13.51
N CYS A 92 -16.56 0.57 -13.23
CA CYS A 92 -17.31 -0.64 -13.42
C CYS A 92 -18.37 -0.37 -14.48
N ARG A 93 -18.92 -1.42 -15.05
CA ARG A 93 -19.96 -1.29 -16.05
C ARG A 93 -21.27 -0.88 -15.40
N GLY A 94 -21.38 -1.15 -14.11
CA GLY A 94 -22.54 -0.73 -13.38
C GLY A 94 -22.29 0.53 -12.58
N LYS A 95 -21.03 0.95 -12.53
CA LYS A 95 -20.65 2.14 -11.78
C LYS A 95 -19.86 3.08 -12.64
N GLU A 96 -20.49 4.13 -13.07
CA GLU A 96 -19.79 5.15 -13.79
C GLU A 96 -19.02 6.04 -12.80
N GLY A 97 -18.17 6.89 -13.32
CA GLY A 97 -17.31 7.64 -12.48
C GLY A 97 -15.99 6.94 -12.44
N TRP A 98 -15.10 7.32 -11.56
CA TRP A 98 -13.83 6.63 -11.45
C TRP A 98 -13.47 6.44 -10.02
N ILE A 99 -12.88 5.33 -9.73
CA ILE A 99 -12.54 5.02 -8.37
C ILE A 99 -11.10 5.45 -8.05
N HIS A 100 -10.19 5.21 -9.01
CA HIS A 100 -8.73 5.45 -8.87
C HIS A 100 -8.12 4.35 -8.03
N THR A 101 -7.08 3.74 -8.51
CA THR A 101 -6.44 2.68 -7.81
C THR A 101 -4.97 2.62 -8.17
N VAL A 102 -4.18 2.08 -7.27
CA VAL A 102 -2.76 2.01 -7.42
C VAL A 102 -2.33 0.56 -7.49
N CYS A 103 -1.48 0.24 -8.45
CA CYS A 103 -0.96 -1.11 -8.59
C CYS A 103 -0.02 -1.43 -7.42
N ILE A 104 -0.44 -2.32 -6.60
CA ILE A 104 0.26 -2.73 -5.44
C ILE A 104 0.72 -4.16 -5.62
N ASN A 105 1.83 -4.29 -6.33
CA ASN A 105 2.51 -5.56 -6.58
C ASN A 105 1.55 -6.60 -7.14
N GLY A 106 1.05 -6.38 -8.32
CA GLY A 106 0.14 -7.34 -8.93
C GLY A 106 -1.25 -7.35 -8.29
N ARG A 107 -1.61 -6.28 -7.62
CA ARG A 107 -2.89 -6.16 -6.97
C ARG A 107 -3.25 -4.72 -7.05
N TRP A 108 -4.45 -4.39 -6.84
CA TRP A 108 -4.84 -3.03 -6.90
C TRP A 108 -5.15 -2.50 -5.52
N ASP A 109 -5.18 -1.20 -5.39
CA ASP A 109 -5.53 -0.56 -4.13
C ASP A 109 -6.16 0.77 -4.40
N PRO A 110 -7.50 0.86 -4.31
CA PRO A 110 -8.37 -0.27 -3.96
C PRO A 110 -8.49 -1.33 -5.07
N GLU A 111 -8.51 -2.58 -4.65
CA GLU A 111 -8.69 -3.73 -5.54
C GLU A 111 -9.90 -3.56 -6.43
N VAL A 112 -9.68 -3.65 -7.71
CA VAL A 112 -10.67 -3.48 -8.64
C VAL A 112 -11.57 -4.72 -8.73
N ASN A 113 -12.86 -4.49 -8.69
CA ASN A 113 -13.84 -5.55 -8.82
C ASN A 113 -15.11 -4.95 -9.31
N CYS A 114 -15.43 -5.22 -10.52
CA CYS A 114 -16.68 -4.81 -11.08
C CYS A 114 -17.62 -5.99 -10.92
N SER A 115 -17.01 -7.16 -10.96
CA SER A 115 -17.57 -8.48 -10.90
C SER A 115 -16.38 -9.39 -11.13
N THR A 1 6.61 -0.24 30.40
CA THR A 1 7.15 0.42 29.26
C THR A 1 7.91 -0.56 28.39
N CYS A 2 7.74 -0.44 27.10
CA CYS A 2 8.54 -1.22 26.18
C CYS A 2 9.93 -0.64 26.16
N GLY A 3 10.06 0.52 25.58
CA GLY A 3 11.32 1.17 25.57
C GLY A 3 12.07 0.88 24.34
N ASP A 4 12.65 1.92 23.79
CA ASP A 4 13.43 1.87 22.55
C ASP A 4 12.59 1.44 21.37
N ILE A 5 12.38 2.33 20.47
CA ILE A 5 11.65 1.97 19.30
C ILE A 5 12.54 1.24 18.30
N PRO A 6 11.97 0.31 17.55
CA PRO A 6 12.68 -0.45 16.53
C PRO A 6 13.03 0.39 15.28
N GLU A 7 13.42 -0.27 14.22
CA GLU A 7 13.78 0.34 13.02
C GLU A 7 13.03 -0.35 11.94
N LEU A 8 12.98 0.23 10.83
CA LEU A 8 12.28 -0.30 9.73
C LEU A 8 13.25 -0.78 8.66
N GLU A 9 12.98 -1.98 8.18
CA GLU A 9 13.76 -2.68 7.16
C GLU A 9 14.16 -1.79 5.97
N HIS A 10 13.21 -1.13 5.37
CA HIS A 10 13.47 -0.32 4.17
C HIS A 10 12.71 0.98 4.30
N GLY A 11 12.49 1.38 5.51
CA GLY A 11 11.72 2.57 5.74
C GLY A 11 12.33 3.45 6.79
N TRP A 12 11.50 4.19 7.45
CA TRP A 12 11.90 5.17 8.45
C TRP A 12 10.82 5.29 9.50
N ALA A 13 11.09 6.04 10.52
CA ALA A 13 10.16 6.27 11.57
C ALA A 13 9.66 7.68 11.48
N GLN A 14 8.41 7.88 11.75
CA GLN A 14 7.84 9.19 11.68
C GLN A 14 8.19 10.02 12.90
N LEU A 15 7.66 9.62 14.03
CA LEU A 15 7.92 10.26 15.30
C LEU A 15 7.50 9.23 16.34
N SER A 16 8.27 9.04 17.38
CA SER A 16 8.03 7.93 18.26
C SER A 16 7.53 8.32 19.65
N SER A 17 8.21 9.25 20.28
CA SER A 17 7.88 9.76 21.62
C SER A 17 7.88 8.70 22.77
N PRO A 18 8.97 8.63 23.57
CA PRO A 18 9.00 7.81 24.80
C PRO A 18 8.01 8.40 25.84
N PRO A 19 7.74 7.72 26.98
CA PRO A 19 8.43 6.48 27.44
C PRO A 19 8.09 5.20 26.70
N TYR A 20 7.19 5.29 25.76
CA TYR A 20 6.78 4.14 24.95
C TYR A 20 6.00 3.15 25.84
N TYR A 21 4.79 3.53 26.19
CA TYR A 21 3.94 2.71 27.02
C TYR A 21 3.26 1.64 26.23
N TYR A 22 2.58 0.77 26.94
CA TYR A 22 1.84 -0.28 26.32
C TYR A 22 0.64 0.29 25.67
N GLY A 23 0.49 -0.02 24.44
CA GLY A 23 -0.56 0.52 23.68
C GLY A 23 -0.05 1.64 22.79
N ASP A 24 1.13 2.18 23.11
CA ASP A 24 1.72 3.22 22.28
C ASP A 24 2.06 2.68 20.94
N SER A 25 1.91 3.50 19.98
CA SER A 25 2.17 3.11 18.65
C SER A 25 3.10 4.14 18.02
N VAL A 26 3.83 3.70 17.04
CA VAL A 26 4.75 4.56 16.35
C VAL A 26 4.61 4.30 14.89
N GLU A 27 4.41 5.34 14.16
CA GLU A 27 4.23 5.22 12.76
C GLU A 27 5.56 5.18 12.02
N PHE A 28 5.61 4.32 11.07
CA PHE A 28 6.74 4.06 10.23
C PHE A 28 6.22 3.90 8.83
N ASN A 29 6.77 4.61 7.90
CA ASN A 29 6.36 4.44 6.52
C ASN A 29 7.60 4.14 5.73
N CYS A 30 7.54 4.28 4.46
CA CYS A 30 8.67 3.98 3.65
C CYS A 30 9.23 5.28 3.16
N SER A 31 10.52 5.38 3.21
CA SER A 31 11.21 6.64 2.98
C SER A 31 11.03 7.13 1.55
N GLU A 32 11.52 6.35 0.63
CA GLU A 32 11.47 6.64 -0.77
C GLU A 32 11.76 5.35 -1.44
N SER A 33 11.27 5.16 -2.66
CA SER A 33 11.53 3.95 -3.45
C SER A 33 10.95 2.67 -2.83
N PHE A 34 10.10 2.82 -1.87
CA PHE A 34 9.56 1.72 -1.17
C PHE A 34 8.11 1.94 -0.88
N THR A 35 7.41 0.90 -0.89
CA THR A 35 6.02 0.84 -0.67
C THR A 35 5.69 0.16 0.67
N MET A 36 4.78 0.79 1.39
CA MET A 36 4.28 0.29 2.64
C MET A 36 3.21 -0.72 2.35
N ILE A 37 3.42 -1.87 2.85
CA ILE A 37 2.45 -2.93 2.78
C ILE A 37 2.15 -3.41 4.19
N GLY A 38 0.88 -3.47 4.54
CA GLY A 38 0.50 -4.01 5.81
C GLY A 38 -0.11 -2.98 6.69
N HIS A 39 0.69 -2.33 7.46
CA HIS A 39 0.25 -1.36 8.44
C HIS A 39 1.33 -0.31 8.46
N ARG A 40 1.07 0.84 9.01
CA ARG A 40 2.15 1.87 9.01
C ARG A 40 2.55 2.26 10.41
N SER A 41 2.32 1.40 11.35
CA SER A 41 2.66 1.68 12.71
C SER A 41 2.92 0.42 13.47
N ILE A 42 3.62 0.57 14.56
CA ILE A 42 3.93 -0.51 15.44
C ILE A 42 3.17 -0.33 16.70
N THR A 43 3.11 -1.33 17.51
CA THR A 43 2.41 -1.20 18.77
C THR A 43 3.18 -1.86 19.89
N CYS A 44 3.31 -1.18 21.00
CA CYS A 44 3.96 -1.72 22.17
C CYS A 44 3.00 -2.59 22.92
N ILE A 45 3.22 -3.87 22.81
CA ILE A 45 2.43 -4.89 23.42
C ILE A 45 3.30 -6.05 23.85
N HIS A 46 2.96 -6.67 24.96
CA HIS A 46 3.69 -7.83 25.51
C HIS A 46 5.06 -7.47 26.09
N GLY A 47 5.56 -6.30 25.77
CA GLY A 47 6.84 -5.84 26.25
C GLY A 47 7.79 -5.59 25.20
N VAL A 48 7.27 -5.48 24.03
CA VAL A 48 7.98 -5.18 22.87
C VAL A 48 7.04 -4.52 21.92
N TRP A 49 7.53 -4.13 20.82
CA TRP A 49 6.70 -3.59 19.80
C TRP A 49 6.20 -4.70 18.88
N THR A 50 5.53 -4.33 17.83
CA THR A 50 5.02 -5.27 16.89
C THR A 50 6.07 -5.65 15.87
N GLN A 51 5.65 -6.07 14.74
CA GLN A 51 6.54 -6.68 13.76
C GLN A 51 7.06 -5.68 12.74
N LEU A 52 6.69 -4.41 12.93
CA LEU A 52 7.05 -3.31 12.00
C LEU A 52 6.23 -3.44 10.70
N PRO A 53 6.10 -2.36 9.93
CA PRO A 53 5.51 -2.43 8.61
C PRO A 53 6.45 -3.11 7.62
N GLN A 54 6.03 -3.17 6.40
CA GLN A 54 6.81 -3.80 5.36
C GLN A 54 7.04 -2.78 4.27
N CYS A 55 8.29 -2.57 3.93
CA CYS A 55 8.64 -1.62 2.90
C CYS A 55 9.27 -2.30 1.75
N VAL A 56 8.46 -2.59 0.80
CA VAL A 56 8.89 -3.29 -0.35
C VAL A 56 9.35 -2.31 -1.36
N ALA A 57 10.37 -2.68 -2.05
CA ALA A 57 11.06 -1.86 -3.08
C ALA A 57 10.20 -1.47 -4.28
N ILE A 58 8.94 -1.83 -4.22
CA ILE A 58 7.91 -1.54 -5.22
C ILE A 58 8.03 -2.47 -6.44
N ASP A 59 9.16 -3.04 -6.52
CA ASP A 59 9.57 -3.93 -7.56
C ASP A 59 8.99 -5.30 -7.30
N LYS A 60 8.86 -5.59 -6.03
CA LYS A 60 8.47 -6.89 -5.56
C LYS A 60 7.06 -6.83 -5.06
N LEU A 61 6.37 -5.81 -5.49
CA LEU A 61 5.01 -5.63 -5.17
C LEU A 61 4.20 -6.49 -6.10
N LYS A 62 2.95 -6.41 -5.98
CA LYS A 62 2.08 -7.19 -6.75
C LYS A 62 1.59 -6.39 -7.89
N LYS A 63 1.22 -7.09 -8.84
CA LYS A 63 0.85 -6.63 -10.12
C LYS A 63 -0.64 -6.72 -10.23
N CYS A 64 -1.24 -5.62 -10.38
CA CYS A 64 -2.66 -5.54 -10.56
C CYS A 64 -3.03 -5.94 -11.95
N LYS A 65 -3.99 -6.77 -12.07
CA LYS A 65 -4.39 -7.24 -13.36
C LYS A 65 -5.59 -6.49 -13.85
N SER A 66 -5.53 -6.09 -15.10
CA SER A 66 -6.64 -5.53 -15.81
C SER A 66 -7.77 -6.57 -15.87
N SER A 67 -8.95 -6.18 -15.49
CA SER A 67 -10.08 -7.04 -15.64
C SER A 67 -10.43 -7.10 -17.12
N ASN A 68 -10.99 -8.19 -17.55
CA ASN A 68 -11.26 -8.44 -18.96
C ASN A 68 -12.55 -7.79 -19.43
N LEU A 69 -13.24 -7.13 -18.53
CA LEU A 69 -14.51 -6.52 -18.89
C LEU A 69 -14.45 -5.00 -18.85
N ILE A 70 -13.36 -4.47 -18.34
CA ILE A 70 -13.22 -3.05 -18.21
C ILE A 70 -12.34 -2.46 -19.27
N ILE A 71 -12.63 -1.24 -19.55
CA ILE A 71 -11.97 -0.48 -20.55
C ILE A 71 -11.06 0.50 -19.84
N LEU A 72 -9.84 0.55 -20.26
CA LEU A 72 -8.89 1.47 -19.68
C LEU A 72 -8.55 2.47 -20.75
N GLU A 73 -7.64 3.36 -20.45
CA GLU A 73 -7.20 4.33 -21.43
C GLU A 73 -6.47 3.65 -22.58
N GLU A 74 -6.29 4.36 -23.66
CA GLU A 74 -5.69 3.81 -24.89
C GLU A 74 -4.20 3.53 -24.70
N HIS A 75 -3.68 3.94 -23.58
CA HIS A 75 -2.29 3.67 -23.23
C HIS A 75 -2.22 2.65 -22.13
N LEU A 76 -3.38 2.26 -21.60
CA LEU A 76 -3.42 1.32 -20.51
C LEU A 76 -4.12 0.03 -20.87
N LYS A 77 -4.81 -0.02 -22.01
CA LYS A 77 -5.45 -1.27 -22.44
C LYS A 77 -4.39 -2.27 -22.88
N ASN A 78 -3.20 -1.75 -23.12
CA ASN A 78 -2.03 -2.56 -23.48
C ASN A 78 -1.44 -3.20 -22.24
N LYS A 79 -1.88 -2.73 -21.09
CA LYS A 79 -1.36 -3.20 -19.84
C LYS A 79 -2.34 -4.20 -19.33
N LYS A 80 -1.88 -5.36 -19.01
CA LYS A 80 -2.72 -6.33 -18.41
C LYS A 80 -2.31 -6.52 -16.98
N GLU A 81 -1.10 -6.11 -16.69
CA GLU A 81 -0.54 -6.21 -15.38
C GLU A 81 0.14 -4.91 -15.01
N PHE A 82 -0.48 -4.21 -14.14
CA PHE A 82 -0.07 -2.88 -13.72
C PHE A 82 0.82 -2.96 -12.50
N ASP A 83 1.52 -1.90 -12.26
CA ASP A 83 2.38 -1.79 -11.10
C ASP A 83 1.68 -0.95 -10.08
N HIS A 84 2.02 -1.12 -8.82
CA HIS A 84 1.39 -0.36 -7.75
C HIS A 84 1.62 1.11 -7.93
N ASN A 85 0.59 1.89 -7.55
CA ASN A 85 0.57 3.36 -7.58
C ASN A 85 0.09 3.87 -8.93
N SER A 86 -0.28 2.98 -9.81
CA SER A 86 -0.78 3.39 -11.06
C SER A 86 -2.19 3.96 -10.88
N ASN A 87 -2.33 5.26 -10.95
CA ASN A 87 -3.62 5.88 -10.84
C ASN A 87 -4.21 5.90 -12.21
N ILE A 88 -4.92 4.88 -12.53
CA ILE A 88 -5.49 4.71 -13.84
C ILE A 88 -6.97 5.00 -13.78
N ARG A 89 -7.63 4.71 -14.84
CA ARG A 89 -9.03 4.82 -14.90
C ARG A 89 -9.62 3.73 -15.73
N TYR A 90 -10.54 3.03 -15.13
CA TYR A 90 -11.29 2.01 -15.82
C TYR A 90 -12.67 2.57 -16.04
N ARG A 91 -13.39 1.91 -16.86
CA ARG A 91 -14.75 2.22 -17.14
C ARG A 91 -15.38 0.93 -17.62
N CYS A 92 -16.65 0.87 -17.60
CA CYS A 92 -17.33 -0.31 -18.01
C CYS A 92 -17.87 -0.25 -19.42
N ARG A 93 -18.39 -1.38 -19.86
CA ARG A 93 -18.88 -1.57 -21.21
C ARG A 93 -20.41 -1.49 -21.22
N GLY A 94 -20.89 -0.61 -20.41
CA GLY A 94 -22.30 -0.45 -20.21
C GLY A 94 -22.55 0.66 -19.28
N LYS A 95 -21.66 0.80 -18.35
CA LYS A 95 -21.71 1.88 -17.43
C LYS A 95 -20.77 2.93 -17.98
N GLU A 96 -21.14 4.16 -17.91
CA GLU A 96 -20.35 5.19 -18.52
C GLU A 96 -19.51 5.98 -17.53
N GLY A 97 -18.43 6.53 -18.03
CA GLY A 97 -17.57 7.35 -17.24
C GLY A 97 -16.48 6.56 -16.59
N TRP A 98 -15.39 7.23 -16.31
CA TRP A 98 -14.25 6.61 -15.70
C TRP A 98 -14.32 6.82 -14.22
N ILE A 99 -13.96 5.83 -13.47
CA ILE A 99 -14.05 5.92 -12.03
C ILE A 99 -12.70 6.35 -11.41
N HIS A 100 -11.58 5.96 -12.05
CA HIS A 100 -10.18 6.22 -11.56
C HIS A 100 -9.85 5.35 -10.37
N THR A 101 -8.87 4.52 -10.53
CA THR A 101 -8.49 3.60 -9.52
C THR A 101 -6.96 3.47 -9.45
N VAL A 102 -6.47 3.11 -8.29
CA VAL A 102 -5.05 3.02 -8.05
C VAL A 102 -4.68 1.56 -7.77
N CYS A 103 -3.63 1.08 -8.42
CA CYS A 103 -3.13 -0.26 -8.17
C CYS A 103 -2.50 -0.30 -6.80
N ILE A 104 -3.08 -1.05 -5.94
CA ILE A 104 -2.60 -1.20 -4.61
C ILE A 104 -2.12 -2.61 -4.40
N ASN A 105 -0.87 -2.88 -4.77
CA ASN A 105 -0.23 -4.18 -4.62
C ASN A 105 -1.13 -5.33 -5.08
N GLY A 106 -1.35 -5.37 -6.37
CA GLY A 106 -2.19 -6.41 -6.97
C GLY A 106 -3.69 -6.25 -6.69
N ARG A 107 -4.12 -5.04 -6.39
CA ARG A 107 -5.51 -4.79 -6.11
C ARG A 107 -5.80 -3.40 -6.62
N TRP A 108 -7.01 -3.04 -6.70
CA TRP A 108 -7.35 -1.73 -7.17
C TRP A 108 -8.03 -0.96 -6.08
N ASP A 109 -8.08 0.33 -6.22
CA ASP A 109 -8.76 1.20 -5.28
C ASP A 109 -9.27 2.43 -5.99
N PRO A 110 -10.58 2.51 -6.25
CA PRO A 110 -11.56 1.46 -5.91
C PRO A 110 -11.35 0.19 -6.76
N GLU A 111 -11.52 -0.96 -6.12
CA GLU A 111 -11.41 -2.26 -6.79
C GLU A 111 -12.25 -2.30 -8.07
N VAL A 112 -11.58 -2.55 -9.16
CA VAL A 112 -12.23 -2.58 -10.45
C VAL A 112 -13.14 -3.78 -10.58
N ASN A 113 -14.38 -3.50 -10.78
CA ASN A 113 -15.41 -4.49 -10.95
C ASN A 113 -16.33 -3.96 -12.01
N CYS A 114 -16.82 -4.82 -12.87
CA CYS A 114 -17.64 -4.35 -13.97
C CYS A 114 -19.00 -5.01 -13.98
N SER A 115 -19.31 -5.63 -12.89
CA SER A 115 -20.56 -6.29 -12.72
C SER A 115 -21.63 -5.24 -12.43
N THR A 1 4.31 -1.14 29.60
CA THR A 1 4.84 -0.48 28.44
C THR A 1 5.52 -1.51 27.56
N CYS A 2 5.62 -1.20 26.31
CA CYS A 2 6.35 -2.00 25.36
C CYS A 2 7.83 -1.71 25.43
N GLY A 3 8.18 -0.50 25.13
CA GLY A 3 9.50 -0.11 25.09
C GLY A 3 9.68 0.67 23.86
N ASP A 4 10.84 1.20 23.71
CA ASP A 4 11.22 2.00 22.56
C ASP A 4 10.93 1.28 21.27
N ILE A 5 10.37 2.02 20.36
CA ILE A 5 9.90 1.53 19.11
C ILE A 5 10.96 0.78 18.27
N PRO A 6 10.53 -0.17 17.47
CA PRO A 6 11.41 -0.90 16.54
C PRO A 6 11.83 -0.03 15.35
N GLU A 7 12.29 -0.64 14.30
CA GLU A 7 12.71 0.06 13.16
C GLU A 7 12.16 -0.65 11.97
N LEU A 8 11.95 0.07 10.96
CA LEU A 8 11.38 -0.44 9.76
C LEU A 8 12.46 -0.87 8.79
N GLU A 9 12.36 -2.14 8.42
CA GLU A 9 13.27 -2.88 7.51
C GLU A 9 13.86 -2.03 6.37
N HIS A 10 13.02 -1.32 5.65
CA HIS A 10 13.47 -0.52 4.53
C HIS A 10 12.78 0.82 4.58
N GLY A 11 12.44 1.26 5.75
CA GLY A 11 11.73 2.51 5.90
C GLY A 11 12.17 3.29 7.11
N TRP A 12 11.31 4.15 7.59
CA TRP A 12 11.63 5.05 8.67
C TRP A 12 10.43 5.15 9.59
N ALA A 13 10.53 5.95 10.60
CA ALA A 13 9.46 6.18 11.53
C ALA A 13 9.06 7.61 11.43
N GLN A 14 7.80 7.88 11.60
CA GLN A 14 7.32 9.24 11.57
C GLN A 14 7.71 9.98 12.84
N LEU A 15 7.11 9.58 13.94
CA LEU A 15 7.35 10.17 15.23
C LEU A 15 6.90 9.15 16.25
N SER A 16 7.66 8.99 17.31
CA SER A 16 7.41 8.03 18.29
C SER A 16 8.01 8.54 19.58
N SER A 17 7.19 8.62 20.56
CA SER A 17 7.57 9.17 21.82
C SER A 17 7.22 8.22 22.95
N PRO A 18 8.18 7.93 23.86
CA PRO A 18 7.96 7.06 25.01
C PRO A 18 6.93 7.71 25.96
N PRO A 19 6.40 7.00 26.97
CA PRO A 19 6.81 5.62 27.36
C PRO A 19 6.41 4.52 26.41
N TYR A 20 5.55 4.82 25.45
CA TYR A 20 5.06 3.82 24.47
C TYR A 20 4.16 2.80 25.18
N TYR A 21 2.94 3.20 25.45
CA TYR A 21 2.01 2.35 26.16
C TYR A 21 1.31 1.36 25.27
N TYR A 22 0.59 0.47 25.91
CA TYR A 22 -0.20 -0.51 25.22
C TYR A 22 -1.38 0.13 24.57
N GLY A 23 -1.57 -0.21 23.33
CA GLY A 23 -2.63 0.38 22.56
C GLY A 23 -2.09 1.43 21.62
N ASP A 24 -0.86 1.86 21.87
CA ASP A 24 -0.21 2.87 21.04
C ASP A 24 0.19 2.30 19.72
N SER A 25 0.15 3.13 18.73
CA SER A 25 0.52 2.77 17.41
C SER A 25 1.39 3.86 16.83
N VAL A 26 2.35 3.46 16.05
CA VAL A 26 3.30 4.39 15.49
C VAL A 26 3.35 4.21 14.01
N GLU A 27 3.41 5.31 13.30
CA GLU A 27 3.46 5.31 11.88
C GLU A 27 4.91 5.18 11.38
N PHE A 28 5.10 4.21 10.56
CA PHE A 28 6.36 3.89 9.91
C PHE A 28 6.08 3.76 8.43
N ASN A 29 6.69 4.60 7.64
CA ASN A 29 6.47 4.54 6.21
C ASN A 29 7.80 4.30 5.55
N CYS A 30 7.89 4.55 4.30
CA CYS A 30 9.09 4.37 3.58
C CYS A 30 9.54 5.76 3.22
N SER A 31 10.79 6.03 3.41
CA SER A 31 11.34 7.38 3.27
C SER A 31 11.16 7.88 1.84
N GLU A 32 11.71 7.14 0.93
CA GLU A 32 11.63 7.38 -0.48
C GLU A 32 12.30 6.21 -1.10
N SER A 33 12.13 6.00 -2.40
CA SER A 33 12.76 4.88 -3.12
C SER A 33 12.17 3.52 -2.72
N PHE A 34 11.23 3.58 -1.82
CA PHE A 34 10.61 2.46 -1.28
C PHE A 34 9.12 2.71 -1.21
N THR A 35 8.43 1.69 -1.41
CA THR A 35 7.02 1.63 -1.45
C THR A 35 6.48 0.87 -0.22
N MET A 36 5.47 1.44 0.40
CA MET A 36 4.84 0.90 1.56
C MET A 36 3.80 -0.10 1.15
N ILE A 37 3.95 -1.26 1.63
CA ILE A 37 3.01 -2.31 1.37
C ILE A 37 2.21 -2.71 2.61
N GLY A 38 0.90 -2.62 2.48
CA GLY A 38 0.00 -3.07 3.47
C GLY A 38 -0.50 -1.98 4.33
N HIS A 39 0.23 -1.72 5.34
CA HIS A 39 -0.13 -0.83 6.36
C HIS A 39 1.06 0.02 6.68
N ARG A 40 0.91 0.94 7.60
CA ARG A 40 2.01 1.82 7.95
C ARG A 40 2.18 2.02 9.45
N SER A 41 1.50 1.27 10.27
CA SER A 41 1.64 1.48 11.68
C SER A 41 1.90 0.20 12.43
N ILE A 42 2.51 0.35 13.55
CA ILE A 42 2.78 -0.73 14.46
C ILE A 42 1.94 -0.55 15.66
N THR A 43 1.73 -1.59 16.41
CA THR A 43 0.89 -1.48 17.58
C THR A 43 1.51 -2.17 18.77
N CYS A 44 1.51 -1.51 19.88
CA CYS A 44 2.01 -2.04 21.10
C CYS A 44 0.94 -2.86 21.77
N ILE A 45 1.09 -4.16 21.66
CA ILE A 45 0.15 -5.12 22.20
C ILE A 45 0.88 -6.33 22.76
N HIS A 46 0.34 -6.90 23.84
CA HIS A 46 0.88 -8.10 24.52
C HIS A 46 2.14 -7.77 25.32
N GLY A 47 3.05 -7.11 24.67
CA GLY A 47 4.27 -6.68 25.28
C GLY A 47 5.32 -6.43 24.24
N VAL A 48 4.91 -6.15 23.03
CA VAL A 48 5.78 -5.97 21.94
C VAL A 48 5.02 -5.21 20.89
N TRP A 49 5.70 -4.55 20.02
CA TRP A 49 5.04 -3.94 18.91
C TRP A 49 4.71 -5.00 17.87
N THR A 50 3.95 -4.64 16.90
CA THR A 50 3.50 -5.53 15.87
C THR A 50 4.59 -5.89 14.85
N GLN A 51 4.15 -6.41 13.77
CA GLN A 51 4.96 -7.01 12.74
C GLN A 51 5.82 -6.06 11.97
N LEU A 52 5.43 -4.78 11.94
CA LEU A 52 6.07 -3.72 11.13
C LEU A 52 5.54 -3.79 9.69
N PRO A 53 5.44 -2.66 8.99
CA PRO A 53 5.01 -2.64 7.59
C PRO A 53 6.08 -3.19 6.62
N GLN A 54 5.80 -3.12 5.35
CA GLN A 54 6.69 -3.63 4.35
C GLN A 54 7.12 -2.51 3.41
N CYS A 55 8.41 -2.33 3.25
CA CYS A 55 8.91 -1.33 2.33
C CYS A 55 9.71 -1.98 1.25
N VAL A 56 9.19 -1.95 0.06
CA VAL A 56 9.86 -2.53 -1.05
C VAL A 56 10.53 -1.45 -1.82
N ALA A 57 11.67 -1.77 -2.37
CA ALA A 57 12.54 -0.83 -3.14
C ALA A 57 11.92 -0.35 -4.44
N ILE A 58 10.69 -0.75 -4.64
CA ILE A 58 9.81 -0.32 -5.74
C ILE A 58 10.11 -1.06 -7.01
N ASP A 59 11.29 -1.45 -7.09
CA ASP A 59 11.87 -2.05 -8.26
C ASP A 59 11.52 -3.50 -8.31
N LYS A 60 11.27 -4.01 -7.15
CA LYS A 60 10.93 -5.39 -6.96
C LYS A 60 9.50 -5.52 -6.49
N LEU A 61 8.68 -4.64 -6.99
CA LEU A 61 7.29 -4.62 -6.74
C LEU A 61 6.62 -5.69 -7.62
N LYS A 62 5.34 -5.62 -7.71
CA LYS A 62 4.59 -6.59 -8.39
C LYS A 62 3.82 -5.96 -9.48
N LYS A 63 3.09 -6.77 -10.13
CA LYS A 63 2.28 -6.46 -11.22
C LYS A 63 0.86 -6.68 -10.81
N CYS A 64 0.10 -5.74 -11.12
CA CYS A 64 -1.31 -5.74 -10.91
C CYS A 64 -1.98 -6.32 -12.12
N LYS A 65 -3.24 -6.50 -12.06
CA LYS A 65 -3.95 -6.99 -13.18
C LYS A 65 -5.30 -6.35 -13.25
N SER A 66 -5.80 -6.27 -14.44
CA SER A 66 -7.12 -5.77 -14.71
C SER A 66 -8.20 -6.66 -14.06
N SER A 67 -9.05 -6.04 -13.28
CA SER A 67 -10.15 -6.72 -12.68
C SER A 67 -11.21 -7.01 -13.77
N ASN A 68 -11.76 -8.21 -13.76
CA ASN A 68 -12.68 -8.72 -14.81
C ASN A 68 -14.07 -8.07 -14.77
N LEU A 69 -14.34 -7.24 -13.82
CA LEU A 69 -15.66 -6.66 -13.71
C LEU A 69 -15.66 -5.21 -14.14
N ILE A 70 -14.50 -4.61 -14.13
CA ILE A 70 -14.36 -3.23 -14.47
C ILE A 70 -13.92 -3.06 -15.89
N ILE A 71 -13.94 -1.85 -16.35
CA ILE A 71 -13.52 -1.52 -17.68
C ILE A 71 -12.33 -0.60 -17.56
N LEU A 72 -11.32 -0.83 -18.36
CA LEU A 72 -10.16 0.04 -18.39
C LEU A 72 -10.19 0.86 -19.65
N GLU A 73 -9.23 1.74 -19.79
CA GLU A 73 -9.10 2.57 -20.97
C GLU A 73 -8.87 1.71 -22.21
N GLU A 74 -9.10 2.28 -23.37
CA GLU A 74 -8.97 1.57 -24.65
C GLU A 74 -7.51 1.27 -24.97
N HIS A 75 -6.66 1.84 -24.19
CA HIS A 75 -5.23 1.64 -24.33
C HIS A 75 -4.69 0.83 -23.17
N LEU A 76 -5.57 0.46 -22.24
CA LEU A 76 -5.14 -0.30 -21.08
C LEU A 76 -5.88 -1.62 -20.90
N LYS A 77 -7.00 -1.83 -21.60
CA LYS A 77 -7.69 -3.13 -21.49
C LYS A 77 -6.86 -4.23 -22.13
N ASN A 78 -5.93 -3.80 -22.99
CA ASN A 78 -5.01 -4.70 -23.70
C ASN A 78 -3.87 -5.13 -22.78
N LYS A 79 -3.69 -4.40 -21.69
CA LYS A 79 -2.63 -4.64 -20.76
C LYS A 79 -3.18 -5.68 -19.80
N LYS A 80 -2.71 -6.91 -19.88
CA LYS A 80 -3.21 -7.94 -19.01
C LYS A 80 -2.68 -7.76 -17.60
N GLU A 81 -1.48 -7.25 -17.52
CA GLU A 81 -0.79 -7.06 -16.28
C GLU A 81 -0.24 -5.69 -16.26
N PHE A 82 -0.34 -5.09 -15.16
CA PHE A 82 0.11 -3.75 -14.97
C PHE A 82 1.27 -3.70 -14.06
N ASP A 83 2.25 -2.96 -14.43
CA ASP A 83 3.41 -2.84 -13.61
C ASP A 83 3.19 -1.72 -12.60
N HIS A 84 3.90 -1.79 -11.51
CA HIS A 84 3.82 -0.81 -10.44
C HIS A 84 3.95 0.63 -10.97
N ASN A 85 3.21 1.54 -10.33
CA ASN A 85 3.22 2.96 -10.65
C ASN A 85 2.62 3.27 -11.99
N SER A 86 1.75 2.40 -12.44
CA SER A 86 1.07 2.63 -13.67
C SER A 86 -0.23 3.28 -13.31
N ASN A 87 -0.32 4.52 -13.63
CA ASN A 87 -1.48 5.31 -13.32
C ASN A 87 -2.50 5.05 -14.43
N ILE A 88 -3.61 4.44 -14.10
CA ILE A 88 -4.62 4.07 -15.07
C ILE A 88 -5.99 4.60 -14.66
N ARG A 89 -6.99 4.21 -15.42
CA ARG A 89 -8.34 4.57 -15.15
C ARG A 89 -9.21 3.35 -15.29
N TYR A 90 -9.95 3.02 -14.26
CA TYR A 90 -10.95 1.98 -14.36
C TYR A 90 -12.29 2.66 -14.24
N ARG A 91 -13.30 1.96 -14.57
CA ARG A 91 -14.64 2.40 -14.45
C ARG A 91 -15.49 1.18 -14.26
N CYS A 92 -16.65 1.35 -13.75
CA CYS A 92 -17.53 0.24 -13.56
C CYS A 92 -18.50 0.09 -14.70
N ARG A 93 -19.09 -1.07 -14.78
CA ARG A 93 -20.03 -1.43 -15.84
C ARG A 93 -21.32 -0.64 -15.78
N GLY A 94 -21.71 -0.22 -14.59
CA GLY A 94 -22.89 0.60 -14.43
C GLY A 94 -22.56 2.02 -14.04
N LYS A 95 -21.28 2.34 -14.09
CA LYS A 95 -20.80 3.67 -13.76
C LYS A 95 -20.07 4.28 -14.93
N GLU A 96 -20.64 5.32 -15.49
CA GLU A 96 -20.03 5.98 -16.60
C GLU A 96 -19.13 7.09 -16.09
N GLY A 97 -17.93 6.74 -15.82
CA GLY A 97 -16.95 7.67 -15.35
C GLY A 97 -15.77 6.93 -14.80
N TRP A 98 -14.62 7.48 -14.98
CA TRP A 98 -13.41 6.82 -14.57
C TRP A 98 -13.01 7.32 -13.22
N ILE A 99 -12.51 6.45 -12.41
CA ILE A 99 -12.15 6.82 -11.05
C ILE A 99 -10.67 7.17 -10.92
N HIS A 100 -9.84 6.54 -11.77
CA HIS A 100 -8.34 6.70 -11.79
C HIS A 100 -7.74 5.91 -10.64
N THR A 101 -6.77 5.09 -10.95
CA THR A 101 -6.08 4.30 -9.94
C THR A 101 -4.68 3.97 -10.41
N VAL A 102 -3.80 3.64 -9.50
CA VAL A 102 -2.45 3.28 -9.87
C VAL A 102 -2.05 1.90 -9.35
N CYS A 103 -1.14 1.25 -10.03
CA CYS A 103 -0.68 -0.07 -9.61
C CYS A 103 0.34 0.04 -8.50
N ILE A 104 0.02 -0.47 -7.36
CA ILE A 104 0.89 -0.44 -6.21
C ILE A 104 1.16 -1.87 -5.76
N ASN A 105 2.17 -2.50 -6.36
CA ASN A 105 2.59 -3.86 -5.98
C ASN A 105 1.43 -4.84 -6.02
N GLY A 106 0.98 -5.11 -7.21
CA GLY A 106 -0.13 -6.00 -7.40
C GLY A 106 -1.45 -5.49 -6.79
N ARG A 107 -1.57 -4.19 -6.56
CA ARG A 107 -2.74 -3.64 -5.94
C ARG A 107 -3.03 -2.36 -6.65
N TRP A 108 -4.12 -1.79 -6.44
CA TRP A 108 -4.48 -0.60 -7.11
C TRP A 108 -4.63 0.53 -6.10
N ASP A 109 -4.46 1.77 -6.55
CA ASP A 109 -4.65 2.93 -5.67
C ASP A 109 -5.49 4.00 -6.35
N PRO A 110 -6.79 4.10 -6.05
CA PRO A 110 -7.49 3.24 -5.10
C PRO A 110 -7.73 1.84 -5.66
N GLU A 111 -7.65 0.86 -4.79
CA GLU A 111 -7.87 -0.52 -5.13
C GLU A 111 -9.15 -0.70 -5.94
N VAL A 112 -9.01 -1.26 -7.11
CA VAL A 112 -10.12 -1.44 -8.00
C VAL A 112 -10.99 -2.57 -7.52
N ASN A 113 -12.21 -2.22 -7.27
CA ASN A 113 -13.23 -3.12 -6.84
C ASN A 113 -14.52 -2.55 -7.34
N CYS A 114 -15.32 -3.34 -7.97
CA CYS A 114 -16.56 -2.81 -8.51
C CYS A 114 -17.73 -3.18 -7.61
N SER A 115 -17.55 -4.26 -6.88
CA SER A 115 -18.56 -4.76 -6.01
C SER A 115 -17.92 -5.41 -4.80
N THR A 1 5.78 1.20 30.18
CA THR A 1 6.35 1.69 28.97
C THR A 1 6.93 0.51 28.20
N CYS A 2 6.75 0.51 26.91
CA CYS A 2 7.35 -0.52 26.05
C CYS A 2 8.88 -0.40 26.02
N GLY A 3 9.37 0.49 25.22
CA GLY A 3 10.75 0.66 25.03
C GLY A 3 10.92 1.32 23.71
N ASP A 4 12.08 1.84 23.49
CA ASP A 4 12.45 2.53 22.23
C ASP A 4 12.03 1.76 21.03
N ILE A 5 11.34 2.46 20.15
CA ILE A 5 10.76 1.91 18.97
C ILE A 5 11.72 1.07 18.12
N PRO A 6 11.19 0.06 17.44
CA PRO A 6 11.96 -0.80 16.55
C PRO A 6 12.46 -0.04 15.30
N GLU A 7 12.88 -0.77 14.31
CA GLU A 7 13.37 -0.20 13.12
C GLU A 7 12.82 -0.97 11.97
N LEU A 8 12.49 -0.26 10.97
CA LEU A 8 11.94 -0.81 9.77
C LEU A 8 13.04 -1.19 8.80
N GLU A 9 13.01 -2.45 8.43
CA GLU A 9 13.96 -3.13 7.57
C GLU A 9 14.41 -2.32 6.32
N HIS A 10 13.46 -1.76 5.59
CA HIS A 10 13.78 -1.01 4.36
C HIS A 10 13.01 0.28 4.34
N GLY A 11 12.66 0.74 5.49
CA GLY A 11 11.91 1.96 5.58
C GLY A 11 12.47 2.86 6.63
N TRP A 12 11.62 3.58 7.27
CA TRP A 12 12.02 4.53 8.29
C TRP A 12 10.89 4.73 9.27
N ALA A 13 11.18 5.42 10.31
CA ALA A 13 10.20 5.75 11.30
C ALA A 13 9.83 7.18 11.11
N GLN A 14 8.64 7.53 11.45
CA GLN A 14 8.22 8.88 11.39
C GLN A 14 8.68 9.65 12.62
N LEU A 15 8.00 9.46 13.74
CA LEU A 15 8.32 10.16 14.98
C LEU A 15 7.50 9.61 16.14
N SER A 16 8.14 9.27 17.23
CA SER A 16 7.41 8.83 18.40
C SER A 16 8.03 9.36 19.68
N SER A 17 9.33 9.16 19.81
CA SER A 17 10.14 9.52 21.01
C SER A 17 9.62 8.81 22.32
N PRO A 18 10.49 8.62 23.35
CA PRO A 18 10.07 7.93 24.59
C PRO A 18 9.03 8.76 25.37
N PRO A 19 8.47 8.24 26.48
CA PRO A 19 8.84 6.95 27.11
C PRO A 19 8.26 5.72 26.44
N TYR A 20 7.36 5.94 25.50
CA TYR A 20 6.73 4.88 24.72
C TYR A 20 5.73 4.11 25.59
N TYR A 21 4.60 4.70 25.82
CA TYR A 21 3.56 4.13 26.63
C TYR A 21 2.72 3.12 25.89
N TYR A 22 1.93 2.39 26.64
CA TYR A 22 1.05 1.39 26.09
C TYR A 22 -0.10 2.04 25.39
N GLY A 23 -0.39 1.56 24.24
CA GLY A 23 -1.44 2.12 23.44
C GLY A 23 -0.88 3.10 22.45
N ASP A 24 0.40 3.36 22.53
CA ASP A 24 1.04 4.23 21.57
C ASP A 24 1.25 3.53 20.29
N SER A 25 1.21 4.29 19.25
CA SER A 25 1.45 3.79 17.95
C SER A 25 2.48 4.68 17.29
N VAL A 26 3.20 4.14 16.36
CA VAL A 26 4.25 4.85 15.67
C VAL A 26 4.14 4.53 14.22
N GLU A 27 4.38 5.48 13.39
CA GLU A 27 4.29 5.30 12.00
C GLU A 27 5.66 5.03 11.41
N PHE A 28 5.69 4.09 10.55
CA PHE A 28 6.85 3.67 9.84
C PHE A 28 6.45 3.49 8.40
N ASN A 29 7.05 4.23 7.52
CA ASN A 29 6.70 4.12 6.12
C ASN A 29 7.96 3.77 5.38
N CYS A 30 7.96 3.94 4.11
CA CYS A 30 9.10 3.60 3.34
C CYS A 30 9.60 4.87 2.75
N SER A 31 10.89 5.00 2.69
CA SER A 31 11.53 6.21 2.19
C SER A 31 11.20 6.45 0.70
N GLU A 32 12.04 5.96 -0.17
CA GLU A 32 11.87 6.06 -1.60
C GLU A 32 12.28 4.74 -2.14
N SER A 33 11.74 4.36 -3.29
CA SER A 33 12.06 3.09 -3.96
C SER A 33 11.47 1.87 -3.25
N PHE A 34 10.77 2.12 -2.19
CA PHE A 34 10.19 1.09 -1.41
C PHE A 34 8.77 1.42 -1.14
N THR A 35 8.02 0.41 -1.13
CA THR A 35 6.63 0.42 -0.94
C THR A 35 6.23 -0.23 0.40
N MET A 36 5.23 0.37 1.01
CA MET A 36 4.66 -0.05 2.26
C MET A 36 3.61 -1.09 2.00
N ILE A 37 3.78 -2.22 2.59
CA ILE A 37 2.82 -3.30 2.51
C ILE A 37 2.23 -3.60 3.90
N GLY A 38 0.92 -3.64 3.95
CA GLY A 38 0.21 -4.02 5.14
C GLY A 38 -0.21 -2.84 5.97
N HIS A 39 0.69 -2.42 6.80
CA HIS A 39 0.46 -1.36 7.79
C HIS A 39 1.49 -0.33 7.58
N ARG A 40 1.37 0.77 8.26
CA ARG A 40 2.45 1.76 8.29
C ARG A 40 2.63 2.22 9.73
N SER A 41 2.13 1.44 10.64
CA SER A 41 2.21 1.79 12.02
C SER A 41 2.40 0.56 12.87
N ILE A 42 2.90 0.79 14.04
CA ILE A 42 3.10 -0.21 15.03
C ILE A 42 2.36 0.18 16.27
N THR A 43 2.14 -0.75 17.15
CA THR A 43 1.41 -0.47 18.36
C THR A 43 2.08 -1.10 19.58
N CYS A 44 2.21 -0.34 20.63
CA CYS A 44 2.78 -0.81 21.87
C CYS A 44 1.70 -1.45 22.69
N ILE A 45 1.69 -2.74 22.65
CA ILE A 45 0.72 -3.54 23.34
C ILE A 45 1.41 -4.72 24.01
N HIS A 46 0.99 -5.06 25.21
CA HIS A 46 1.58 -6.18 26.00
C HIS A 46 3.06 -5.94 26.38
N GLY A 47 3.57 -4.76 26.09
CA GLY A 47 4.94 -4.44 26.43
C GLY A 47 5.87 -4.65 25.28
N VAL A 48 5.30 -4.73 24.11
CA VAL A 48 6.03 -4.96 22.91
C VAL A 48 5.32 -4.23 21.78
N TRP A 49 6.04 -3.78 20.82
CA TRP A 49 5.43 -3.20 19.65
C TRP A 49 4.94 -4.31 18.73
N THR A 50 4.18 -3.93 17.74
CA THR A 50 3.61 -4.85 16.83
C THR A 50 4.58 -5.29 15.74
N GLN A 51 4.02 -5.91 14.75
CA GLN A 51 4.70 -6.67 13.70
C GLN A 51 5.51 -5.83 12.69
N LEU A 52 5.45 -4.49 12.77
CA LEU A 52 6.11 -3.58 11.79
C LEU A 52 5.42 -3.67 10.40
N PRO A 53 5.59 -2.67 9.56
CA PRO A 53 5.16 -2.74 8.17
C PRO A 53 6.20 -3.47 7.31
N GLN A 54 5.91 -3.63 6.05
CA GLN A 54 6.82 -4.29 5.14
C GLN A 54 7.19 -3.34 4.02
N CYS A 55 8.44 -2.97 3.94
CA CYS A 55 8.90 -2.13 2.85
C CYS A 55 9.54 -2.96 1.78
N VAL A 56 8.85 -3.06 0.70
CA VAL A 56 9.29 -3.81 -0.41
C VAL A 56 9.85 -2.88 -1.43
N ALA A 57 10.89 -3.32 -2.05
CA ALA A 57 11.67 -2.56 -3.08
C ALA A 57 10.89 -2.27 -4.34
N ILE A 58 9.64 -2.66 -4.31
CA ILE A 58 8.66 -2.46 -5.35
C ILE A 58 8.88 -3.42 -6.53
N ASP A 59 10.05 -3.99 -6.53
CA ASP A 59 10.53 -4.87 -7.55
C ASP A 59 9.94 -6.23 -7.31
N LYS A 60 9.72 -6.49 -6.04
CA LYS A 60 9.23 -7.78 -5.55
C LYS A 60 7.74 -7.69 -5.41
N LEU A 61 7.19 -6.65 -5.95
CA LEU A 61 5.81 -6.42 -5.90
C LEU A 61 5.12 -7.20 -7.00
N LYS A 62 3.91 -6.90 -7.20
CA LYS A 62 3.14 -7.52 -8.17
C LYS A 62 2.55 -6.47 -9.03
N LYS A 63 2.42 -6.82 -10.22
CA LYS A 63 1.97 -6.01 -11.28
C LYS A 63 0.57 -6.41 -11.58
N CYS A 64 -0.26 -5.47 -11.50
CA CYS A 64 -1.66 -5.61 -11.81
C CYS A 64 -1.83 -5.75 -13.30
N LYS A 65 -2.91 -6.32 -13.69
CA LYS A 65 -3.21 -6.45 -15.07
C LYS A 65 -4.59 -5.91 -15.30
N SER A 66 -4.77 -5.31 -16.45
CA SER A 66 -6.05 -4.82 -16.89
C SER A 66 -7.08 -5.97 -16.91
N SER A 67 -8.22 -5.75 -16.26
CA SER A 67 -9.29 -6.72 -16.23
C SER A 67 -10.05 -6.73 -17.56
N ASN A 68 -10.77 -7.79 -17.80
CA ASN A 68 -11.49 -8.01 -19.04
C ASN A 68 -12.89 -7.39 -19.02
N LEU A 69 -13.28 -6.84 -17.88
CA LEU A 69 -14.61 -6.21 -17.77
C LEU A 69 -14.48 -4.70 -17.64
N ILE A 70 -13.28 -4.22 -17.59
CA ILE A 70 -13.06 -2.82 -17.33
C ILE A 70 -12.54 -2.10 -18.54
N ILE A 71 -12.78 -0.84 -18.54
CA ILE A 71 -12.29 0.02 -19.57
C ILE A 71 -11.42 1.07 -18.92
N LEU A 72 -10.21 1.22 -19.41
CA LEU A 72 -9.29 2.19 -18.88
C LEU A 72 -9.20 3.36 -19.84
N GLU A 73 -8.37 4.33 -19.52
CA GLU A 73 -8.14 5.44 -20.42
C GLU A 73 -7.38 4.94 -21.66
N GLU A 74 -7.19 5.78 -22.63
CA GLU A 74 -6.52 5.40 -23.87
C GLU A 74 -5.05 5.08 -23.65
N HIS A 75 -4.51 5.53 -22.53
CA HIS A 75 -3.09 5.33 -22.24
C HIS A 75 -2.98 3.99 -21.56
N LEU A 76 -3.99 3.69 -20.77
CA LEU A 76 -4.00 2.55 -19.90
C LEU A 76 -4.59 1.33 -20.57
N LYS A 77 -5.36 1.53 -21.63
CA LYS A 77 -5.81 0.41 -22.44
C LYS A 77 -4.62 -0.15 -23.22
N ASN A 78 -3.57 0.64 -23.30
CA ASN A 78 -2.32 0.26 -23.94
C ASN A 78 -1.33 -0.18 -22.85
N LYS A 79 -1.84 -0.46 -21.66
CA LYS A 79 -1.04 -0.89 -20.57
C LYS A 79 -1.42 -2.33 -20.32
N LYS A 80 -0.50 -3.20 -20.59
CA LYS A 80 -0.70 -4.62 -20.41
C LYS A 80 -0.67 -4.94 -18.93
N GLU A 81 0.26 -4.33 -18.25
CA GLU A 81 0.46 -4.57 -16.84
C GLU A 81 0.76 -3.28 -16.15
N PHE A 82 0.27 -3.15 -14.97
CA PHE A 82 0.40 -1.97 -14.20
C PHE A 82 1.26 -2.24 -13.01
N ASP A 83 2.14 -1.35 -12.74
CA ASP A 83 3.00 -1.46 -11.58
C ASP A 83 2.28 -0.87 -10.40
N HIS A 84 2.71 -1.21 -9.21
CA HIS A 84 2.10 -0.66 -8.02
C HIS A 84 2.28 0.85 -7.96
N ASN A 85 1.33 1.53 -7.30
CA ASN A 85 1.31 2.97 -7.15
C ASN A 85 0.82 3.67 -8.39
N SER A 86 0.22 2.92 -9.28
CA SER A 86 -0.35 3.48 -10.46
C SER A 86 -1.81 3.82 -10.20
N ASN A 87 -2.11 5.09 -10.19
CA ASN A 87 -3.45 5.57 -9.98
C ASN A 87 -4.09 5.68 -11.33
N ILE A 88 -5.05 4.85 -11.57
CA ILE A 88 -5.73 4.86 -12.85
C ILE A 88 -7.20 5.06 -12.61
N ARG A 89 -7.93 5.09 -13.66
CA ARG A 89 -9.32 5.12 -13.60
C ARG A 89 -9.86 4.13 -14.55
N TYR A 90 -10.58 3.21 -14.02
CA TYR A 90 -11.23 2.24 -14.81
C TYR A 90 -12.67 2.58 -14.76
N ARG A 91 -13.41 1.98 -15.60
CA ARG A 91 -14.80 2.17 -15.62
C ARG A 91 -15.42 0.88 -16.04
N CYS A 92 -16.63 0.71 -15.67
CA CYS A 92 -17.37 -0.45 -16.03
C CYS A 92 -18.29 -0.11 -17.19
N ARG A 93 -18.32 -0.98 -18.18
CA ARG A 93 -19.10 -0.78 -19.39
C ARG A 93 -20.60 -0.61 -19.14
N GLY A 94 -21.19 -1.50 -18.36
CA GLY A 94 -22.63 -1.44 -18.12
C GLY A 94 -22.99 -0.52 -16.98
N LYS A 95 -22.02 0.17 -16.46
CA LYS A 95 -22.26 1.10 -15.37
C LYS A 95 -22.08 2.52 -15.87
N GLU A 96 -20.98 2.74 -16.57
CA GLU A 96 -20.55 4.04 -17.09
C GLU A 96 -20.11 4.98 -15.97
N GLY A 97 -18.95 5.53 -16.16
CA GLY A 97 -18.34 6.36 -15.16
C GLY A 97 -17.12 5.70 -14.60
N TRP A 98 -16.13 6.47 -14.28
CA TRP A 98 -14.89 5.94 -13.81
C TRP A 98 -14.90 5.91 -12.30
N ILE A 99 -14.30 4.90 -11.75
CA ILE A 99 -14.29 4.76 -10.31
C ILE A 99 -12.94 5.24 -9.72
N HIS A 100 -11.86 5.04 -10.50
CA HIS A 100 -10.46 5.34 -10.09
C HIS A 100 -9.97 4.31 -9.11
N THR A 101 -8.84 3.78 -9.38
CA THR A 101 -8.29 2.73 -8.56
C THR A 101 -6.77 2.75 -8.63
N VAL A 102 -6.13 2.16 -7.63
CA VAL A 102 -4.71 2.14 -7.52
C VAL A 102 -4.19 0.71 -7.53
N CYS A 103 -3.13 0.45 -8.28
CA CYS A 103 -2.52 -0.88 -8.35
C CYS A 103 -1.83 -1.17 -7.05
N ILE A 104 -2.34 -2.13 -6.35
CA ILE A 104 -1.86 -2.57 -5.08
C ILE A 104 -1.38 -3.99 -5.18
N ASN A 105 -0.09 -4.16 -5.55
CA ASN A 105 0.57 -5.46 -5.61
C ASN A 105 -0.27 -6.51 -6.32
N GLY A 106 -0.47 -6.30 -7.60
CA GLY A 106 -1.25 -7.20 -8.42
C GLY A 106 -2.74 -7.17 -8.09
N ARG A 107 -3.22 -6.05 -7.60
CA ARG A 107 -4.61 -5.92 -7.29
C ARG A 107 -4.96 -4.48 -7.46
N TRP A 108 -6.18 -4.19 -7.49
CA TRP A 108 -6.60 -2.85 -7.58
C TRP A 108 -7.23 -2.44 -6.28
N ASP A 109 -7.32 -1.16 -6.05
CA ASP A 109 -7.97 -0.64 -4.86
C ASP A 109 -8.62 0.68 -5.20
N PRO A 110 -9.94 0.71 -5.37
CA PRO A 110 -10.82 -0.47 -5.21
C PRO A 110 -10.59 -1.50 -6.31
N GLU A 111 -10.58 -2.75 -5.91
CA GLU A 111 -10.43 -3.84 -6.82
C GLU A 111 -11.55 -3.81 -7.83
N VAL A 112 -11.17 -3.83 -9.07
CA VAL A 112 -12.00 -3.66 -10.12
C VAL A 112 -12.87 -4.90 -10.35
N ASN A 113 -14.14 -4.66 -10.46
CA ASN A 113 -15.09 -5.69 -10.67
C ASN A 113 -16.27 -5.09 -11.37
N CYS A 114 -16.41 -5.38 -12.62
CA CYS A 114 -17.48 -4.82 -13.41
C CYS A 114 -18.52 -5.86 -13.76
N SER A 115 -18.32 -7.04 -13.24
CA SER A 115 -19.21 -8.13 -13.44
C SER A 115 -19.42 -8.81 -12.10
N THR A 1 4.54 -0.15 29.58
CA THR A 1 5.05 0.49 28.41
C THR A 1 5.65 -0.60 27.53
N CYS A 2 5.55 -0.45 26.24
CA CYS A 2 6.15 -1.42 25.34
C CYS A 2 7.65 -1.27 25.33
N GLY A 3 8.09 -0.12 24.97
CA GLY A 3 9.44 0.15 24.93
C GLY A 3 9.74 0.76 23.63
N ASP A 4 10.98 1.05 23.47
CA ASP A 4 11.58 1.62 22.26
C ASP A 4 11.02 1.00 21.00
N ILE A 5 10.63 1.85 20.10
CA ILE A 5 10.05 1.43 18.86
C ILE A 5 11.02 0.60 18.00
N PRO A 6 10.49 -0.32 17.23
CA PRO A 6 11.28 -1.15 16.29
C PRO A 6 11.77 -0.32 15.09
N GLU A 7 12.15 -0.98 14.03
CA GLU A 7 12.59 -0.31 12.86
C GLU A 7 11.97 -0.98 11.67
N LEU A 8 11.76 -0.22 10.70
CA LEU A 8 11.18 -0.67 9.47
C LEU A 8 12.27 -1.04 8.49
N GLU A 9 12.21 -2.29 8.02
CA GLU A 9 13.16 -2.92 7.11
C GLU A 9 13.81 -2.00 6.06
N HIS A 10 12.99 -1.30 5.30
CA HIS A 10 13.48 -0.44 4.23
C HIS A 10 12.76 0.89 4.26
N GLY A 11 12.32 1.27 5.43
CA GLY A 11 11.57 2.49 5.54
C GLY A 11 12.11 3.38 6.60
N TRP A 12 11.25 4.15 7.18
CA TRP A 12 11.61 5.12 8.19
C TRP A 12 10.49 5.24 9.20
N ALA A 13 10.73 6.01 10.22
CA ALA A 13 9.76 6.25 11.25
C ALA A 13 9.20 7.64 11.06
N GLN A 14 7.90 7.76 11.12
CA GLN A 14 7.27 9.06 10.97
C GLN A 14 7.44 9.90 12.22
N LEU A 15 6.92 9.41 13.31
CA LEU A 15 7.04 10.01 14.61
C LEU A 15 6.50 8.93 15.53
N SER A 16 7.12 8.72 16.65
CA SER A 16 6.78 7.57 17.44
C SER A 16 6.20 7.92 18.80
N SER A 17 6.78 8.91 19.43
CA SER A 17 6.38 9.43 20.73
C SER A 17 6.48 8.40 21.89
N PRO A 18 7.61 8.39 22.64
CA PRO A 18 7.74 7.57 23.85
C PRO A 18 6.84 8.16 24.95
N PRO A 19 6.65 7.52 26.12
CA PRO A 19 7.33 6.24 26.56
C PRO A 19 6.89 5.01 25.85
N TYR A 20 5.90 5.18 25.01
CA TYR A 20 5.35 4.12 24.17
C TYR A 20 4.43 3.25 25.01
N TYR A 21 3.33 3.84 25.35
CA TYR A 21 2.33 3.21 26.14
C TYR A 21 1.49 2.26 25.37
N TYR A 22 0.71 1.53 26.10
CA TYR A 22 -0.19 0.59 25.50
C TYR A 22 -1.31 1.30 24.83
N GLY A 23 -1.54 0.95 23.60
CA GLY A 23 -2.58 1.58 22.86
C GLY A 23 -2.01 2.60 21.90
N ASP A 24 -0.70 2.80 21.97
CA ASP A 24 -0.01 3.74 21.07
C ASP A 24 0.29 3.09 19.77
N SER A 25 0.35 3.89 18.75
CA SER A 25 0.63 3.43 17.44
C SER A 25 1.69 4.34 16.86
N VAL A 26 2.43 3.84 15.89
CA VAL A 26 3.49 4.63 15.27
C VAL A 26 3.45 4.42 13.79
N GLU A 27 3.46 5.50 13.05
CA GLU A 27 3.52 5.44 11.62
C GLU A 27 4.94 5.14 11.13
N PHE A 28 5.02 4.23 10.20
CA PHE A 28 6.24 3.81 9.55
C PHE A 28 5.93 3.62 8.08
N ASN A 29 6.50 4.45 7.24
CA ASN A 29 6.26 4.31 5.81
C ASN A 29 7.59 4.10 5.13
N CYS A 30 7.60 4.26 3.87
CA CYS A 30 8.82 4.08 3.13
C CYS A 30 9.25 5.45 2.66
N SER A 31 10.51 5.74 2.83
CA SER A 31 11.08 7.06 2.56
C SER A 31 10.74 7.52 1.13
N GLU A 32 11.38 6.93 0.19
CA GLU A 32 11.18 7.13 -1.20
C GLU A 32 11.96 6.03 -1.83
N SER A 33 11.64 5.68 -3.06
CA SER A 33 12.30 4.57 -3.78
C SER A 33 11.91 3.21 -3.18
N PHE A 34 10.91 3.25 -2.38
CA PHE A 34 10.38 2.13 -1.71
C PHE A 34 8.90 2.31 -1.65
N THR A 35 8.24 1.23 -1.74
CA THR A 35 6.84 1.15 -1.77
C THR A 35 6.29 0.43 -0.51
N MET A 36 5.24 1.01 0.06
CA MET A 36 4.61 0.57 1.28
C MET A 36 3.69 -0.57 0.99
N ILE A 37 3.95 -1.67 1.59
CA ILE A 37 3.13 -2.84 1.44
C ILE A 37 2.40 -3.21 2.73
N GLY A 38 1.08 -3.24 2.64
CA GLY A 38 0.24 -3.69 3.72
C GLY A 38 -0.14 -2.61 4.69
N HIS A 39 0.74 -2.35 5.60
CA HIS A 39 0.52 -1.45 6.72
C HIS A 39 1.42 -0.25 6.61
N ARG A 40 1.22 0.71 7.49
CA ARG A 40 2.12 1.85 7.60
C ARG A 40 2.21 2.29 9.06
N SER A 41 1.79 1.44 9.97
CA SER A 41 1.82 1.76 11.37
C SER A 41 1.93 0.51 12.20
N ILE A 42 2.34 0.68 13.42
CA ILE A 42 2.48 -0.39 14.36
C ILE A 42 1.65 -0.08 15.59
N THR A 43 1.36 -1.09 16.39
CA THR A 43 0.55 -0.89 17.58
C THR A 43 1.18 -1.57 18.78
N CYS A 44 1.22 -0.87 19.87
CA CYS A 44 1.71 -1.42 21.11
C CYS A 44 0.59 -2.15 21.82
N ILE A 45 0.68 -3.45 21.78
CA ILE A 45 -0.30 -4.34 22.34
C ILE A 45 0.38 -5.50 23.05
N HIS A 46 -0.19 -5.92 24.17
CA HIS A 46 0.29 -7.06 24.99
C HIS A 46 1.57 -6.70 25.75
N GLY A 47 2.52 -6.24 25.01
CA GLY A 47 3.77 -5.79 25.52
C GLY A 47 4.81 -5.78 24.44
N VAL A 48 4.34 -5.62 23.20
CA VAL A 48 5.15 -5.71 22.03
C VAL A 48 4.45 -4.81 21.02
N TRP A 49 5.18 -4.29 20.08
CA TRP A 49 4.56 -3.63 18.96
C TRP A 49 4.05 -4.68 17.98
N THR A 50 3.48 -4.25 16.90
CA THR A 50 2.93 -5.17 15.95
C THR A 50 4.00 -5.67 14.96
N GLN A 51 3.54 -6.14 13.84
CA GLN A 51 4.35 -6.88 12.87
C GLN A 51 5.20 -6.03 11.95
N LEU A 52 4.95 -4.73 11.95
CA LEU A 52 5.70 -3.78 11.10
C LEU A 52 5.33 -3.89 9.60
N PRO A 53 5.18 -2.74 8.92
CA PRO A 53 4.89 -2.71 7.48
C PRO A 53 6.04 -3.26 6.63
N GLN A 54 5.87 -3.24 5.33
CA GLN A 54 6.87 -3.74 4.44
C GLN A 54 7.20 -2.64 3.45
N CYS A 55 8.46 -2.48 3.17
CA CYS A 55 8.91 -1.48 2.25
C CYS A 55 9.71 -2.11 1.19
N VAL A 56 9.07 -2.33 0.10
CA VAL A 56 9.68 -2.97 -0.98
C VAL A 56 10.36 -1.93 -1.78
N ALA A 57 11.50 -2.27 -2.24
CA ALA A 57 12.42 -1.38 -2.98
C ALA A 57 11.89 -0.93 -4.32
N ILE A 58 10.68 -1.30 -4.60
CA ILE A 58 9.94 -1.00 -5.82
C ILE A 58 10.44 -1.84 -7.00
N ASP A 59 11.58 -2.38 -6.81
CA ASP A 59 12.31 -3.18 -7.77
C ASP A 59 11.70 -4.55 -7.82
N LYS A 60 11.21 -4.95 -6.69
CA LYS A 60 10.72 -6.27 -6.49
C LYS A 60 9.22 -6.25 -6.50
N LEU A 61 8.68 -5.13 -6.94
CA LEU A 61 7.31 -4.97 -7.06
C LEU A 61 6.81 -5.69 -8.28
N LYS A 62 5.64 -6.14 -8.16
CA LYS A 62 4.97 -6.99 -9.07
C LYS A 62 4.21 -6.21 -10.14
N LYS A 63 3.44 -6.93 -10.86
CA LYS A 63 2.66 -6.48 -11.99
C LYS A 63 1.24 -6.77 -11.67
N CYS A 64 0.45 -5.79 -11.76
CA CYS A 64 -0.96 -5.89 -11.50
C CYS A 64 -1.69 -6.31 -12.75
N LYS A 65 -2.79 -6.98 -12.62
CA LYS A 65 -3.57 -7.35 -13.76
C LYS A 65 -4.93 -6.68 -13.66
N SER A 66 -5.41 -6.21 -14.77
CA SER A 66 -6.73 -5.65 -14.86
C SER A 66 -7.79 -6.68 -14.51
N SER A 67 -8.78 -6.25 -13.79
CA SER A 67 -9.92 -7.06 -13.51
C SER A 67 -10.80 -7.05 -14.77
N ASN A 68 -11.52 -8.12 -15.01
CA ASN A 68 -12.30 -8.23 -16.24
C ASN A 68 -13.73 -7.73 -16.06
N LEU A 69 -13.98 -7.14 -14.92
CA LEU A 69 -15.27 -6.52 -14.65
C LEU A 69 -15.13 -5.02 -14.69
N ILE A 70 -13.90 -4.55 -14.75
CA ILE A 70 -13.66 -3.15 -14.73
C ILE A 70 -13.20 -2.66 -16.07
N ILE A 71 -13.48 -1.43 -16.34
CA ILE A 71 -13.12 -0.83 -17.61
C ILE A 71 -12.01 0.16 -17.35
N LEU A 72 -11.00 0.09 -18.13
CA LEU A 72 -9.87 0.96 -18.02
C LEU A 72 -9.94 2.01 -19.12
N GLU A 73 -8.98 2.91 -19.14
CA GLU A 73 -8.91 3.92 -20.18
C GLU A 73 -8.64 3.26 -21.51
N GLU A 74 -8.78 4.03 -22.56
CA GLU A 74 -8.52 3.53 -23.90
C GLU A 74 -7.04 3.09 -24.07
N HIS A 75 -6.15 3.62 -23.22
CA HIS A 75 -4.73 3.22 -23.28
C HIS A 75 -4.62 1.90 -22.57
N LEU A 76 -5.32 1.85 -21.48
CA LEU A 76 -5.20 0.82 -20.50
C LEU A 76 -5.99 -0.42 -20.83
N LYS A 77 -6.95 -0.28 -21.69
CA LYS A 77 -7.71 -1.44 -22.16
C LYS A 77 -6.88 -2.32 -23.08
N ASN A 78 -5.70 -1.84 -23.39
CA ASN A 78 -4.74 -2.58 -24.15
C ASN A 78 -3.64 -3.07 -23.21
N LYS A 79 -3.92 -3.01 -21.93
CA LYS A 79 -3.00 -3.40 -20.90
C LYS A 79 -3.68 -4.48 -20.09
N LYS A 80 -3.26 -5.68 -20.27
CA LYS A 80 -3.78 -6.77 -19.50
C LYS A 80 -3.17 -6.69 -18.11
N GLU A 81 -1.87 -6.48 -18.11
CA GLU A 81 -1.08 -6.41 -16.90
C GLU A 81 -0.31 -5.11 -16.87
N PHE A 82 -0.40 -4.46 -15.76
CA PHE A 82 0.17 -3.18 -15.53
C PHE A 82 1.42 -3.33 -14.72
N ASP A 83 2.20 -2.31 -14.69
CA ASP A 83 3.42 -2.29 -13.95
C ASP A 83 3.24 -1.47 -12.70
N HIS A 84 3.85 -1.92 -11.60
CA HIS A 84 3.87 -1.25 -10.33
C HIS A 84 4.07 0.27 -10.44
N ASN A 85 3.33 0.97 -9.61
CA ASN A 85 3.39 2.41 -9.47
C ASN A 85 2.82 3.14 -10.65
N SER A 86 1.96 2.48 -11.38
CA SER A 86 1.30 3.11 -12.47
C SER A 86 -0.05 3.56 -11.97
N ASN A 87 -0.29 4.85 -12.07
CA ASN A 87 -1.52 5.46 -11.63
C ASN A 87 -2.49 5.51 -12.79
N ILE A 88 -3.43 4.64 -12.76
CA ILE A 88 -4.39 4.47 -13.81
C ILE A 88 -5.77 4.83 -13.29
N ARG A 89 -6.75 4.60 -14.11
CA ARG A 89 -8.09 4.79 -13.76
C ARG A 89 -8.94 3.73 -14.38
N TYR A 90 -9.70 3.10 -13.55
CA TYR A 90 -10.63 2.09 -13.96
C TYR A 90 -12.00 2.61 -13.61
N ARG A 91 -12.98 1.87 -13.99
CA ARG A 91 -14.32 2.16 -13.71
C ARG A 91 -15.10 0.87 -13.72
N CYS A 92 -16.30 0.94 -13.29
CA CYS A 92 -17.17 -0.20 -13.25
C CYS A 92 -18.06 -0.09 -14.47
N ARG A 93 -18.67 -1.18 -14.86
CA ARG A 93 -19.57 -1.13 -15.99
C ARG A 93 -20.87 -0.44 -15.59
N GLY A 94 -21.13 -0.42 -14.30
CA GLY A 94 -22.29 0.29 -13.81
C GLY A 94 -21.95 1.71 -13.40
N LYS A 95 -20.68 2.06 -13.46
CA LYS A 95 -20.25 3.40 -13.10
C LYS A 95 -19.55 4.12 -14.24
N GLU A 96 -20.22 5.10 -14.81
CA GLU A 96 -19.67 5.96 -15.83
C GLU A 96 -18.85 7.04 -15.14
N GLY A 97 -17.58 6.85 -15.11
CA GLY A 97 -16.69 7.74 -14.45
C GLY A 97 -15.44 7.02 -14.19
N TRP A 98 -14.57 7.54 -13.36
CA TRP A 98 -13.34 6.84 -13.03
C TRP A 98 -13.05 6.97 -11.56
N ILE A 99 -12.46 5.95 -11.00
CA ILE A 99 -12.16 5.96 -9.57
C ILE A 99 -10.68 6.31 -9.31
N HIS A 100 -9.78 5.87 -10.23
CA HIS A 100 -8.30 6.03 -10.13
C HIS A 100 -7.73 5.04 -9.15
N THR A 101 -6.65 4.43 -9.53
CA THR A 101 -5.99 3.47 -8.68
C THR A 101 -4.53 3.32 -9.11
N VAL A 102 -3.71 2.85 -8.20
CA VAL A 102 -2.30 2.71 -8.45
C VAL A 102 -1.90 1.25 -8.30
N CYS A 103 -1.09 0.76 -9.21
CA CYS A 103 -0.58 -0.61 -9.15
C CYS A 103 0.42 -0.74 -8.02
N ILE A 104 0.02 -1.38 -7.00
CA ILE A 104 0.80 -1.52 -5.83
C ILE A 104 1.16 -2.98 -5.66
N ASN A 105 2.23 -3.39 -6.32
CA ASN A 105 2.79 -4.74 -6.14
C ASN A 105 1.75 -5.81 -6.46
N GLY A 106 1.40 -5.87 -7.71
CA GLY A 106 0.39 -6.80 -8.17
C GLY A 106 -0.98 -6.58 -7.54
N ARG A 107 -1.26 -5.37 -7.08
CA ARG A 107 -2.51 -5.09 -6.44
C ARG A 107 -2.86 -3.69 -6.81
N TRP A 108 -4.03 -3.31 -6.59
CA TRP A 108 -4.45 -1.99 -6.92
C TRP A 108 -4.71 -1.22 -5.66
N ASP A 109 -4.67 0.06 -5.74
CA ASP A 109 -4.99 0.91 -4.61
C ASP A 109 -5.60 2.19 -5.08
N PRO A 110 -6.91 2.36 -4.89
CA PRO A 110 -7.79 1.38 -4.25
C PRO A 110 -7.98 0.11 -5.07
N GLU A 111 -8.05 -1.03 -4.39
CA GLU A 111 -8.35 -2.30 -5.03
C GLU A 111 -9.65 -2.22 -5.79
N VAL A 112 -9.54 -2.39 -7.08
CA VAL A 112 -10.57 -2.23 -7.97
C VAL A 112 -11.63 -3.33 -7.86
N ASN A 113 -12.89 -2.93 -7.94
CA ASN A 113 -13.99 -3.86 -7.90
C ASN A 113 -15.17 -3.28 -8.62
N CYS A 114 -15.83 -4.09 -9.39
CA CYS A 114 -17.06 -3.69 -10.06
C CYS A 114 -18.18 -4.67 -9.68
N SER A 115 -17.77 -5.85 -9.28
CA SER A 115 -18.66 -6.88 -8.88
C SER A 115 -17.95 -7.68 -7.79
N THR A 1 6.88 -0.39 30.81
CA THR A 1 7.30 0.34 29.66
C THR A 1 7.90 -0.62 28.69
N CYS A 2 7.92 -0.22 27.51
CA CYS A 2 8.53 -0.89 26.43
C CYS A 2 9.93 -0.31 26.33
N GLY A 3 10.63 -0.58 25.29
CA GLY A 3 11.90 -0.03 25.18
C GLY A 3 11.94 0.83 24.01
N ASP A 4 13.10 1.01 23.51
CA ASP A 4 13.34 1.84 22.34
C ASP A 4 12.61 1.26 21.19
N ILE A 5 12.08 2.10 20.38
CA ILE A 5 11.33 1.70 19.24
C ILE A 5 12.19 0.94 18.23
N PRO A 6 11.58 0.06 17.47
CA PRO A 6 12.27 -0.69 16.42
C PRO A 6 12.66 0.18 15.21
N GLU A 7 12.92 -0.47 14.11
CA GLU A 7 13.37 0.12 12.93
C GLU A 7 12.60 -0.51 11.80
N LEU A 8 12.55 0.16 10.74
CA LEU A 8 11.91 -0.34 9.56
C LEU A 8 12.94 -0.93 8.64
N GLU A 9 12.64 -2.09 8.12
CA GLU A 9 13.52 -2.82 7.21
C GLU A 9 13.91 -2.02 5.96
N HIS A 10 12.98 -1.24 5.43
CA HIS A 10 13.25 -0.46 4.21
C HIS A 10 12.51 0.86 4.28
N GLY A 11 12.33 1.35 5.48
CA GLY A 11 11.58 2.57 5.67
C GLY A 11 12.19 3.46 6.71
N TRP A 12 11.35 4.05 7.53
CA TRP A 12 11.78 4.96 8.59
C TRP A 12 10.67 5.05 9.65
N ALA A 13 10.91 5.83 10.67
CA ALA A 13 9.93 6.06 11.69
C ALA A 13 9.51 7.51 11.64
N GLN A 14 8.26 7.77 11.91
CA GLN A 14 7.76 9.13 11.93
C GLN A 14 8.28 9.88 13.13
N LEU A 15 7.82 9.47 14.29
CA LEU A 15 8.20 10.07 15.53
C LEU A 15 7.84 9.08 16.60
N SER A 16 8.72 8.84 17.51
CA SER A 16 8.49 7.94 18.57
C SER A 16 9.00 8.52 19.86
N SER A 17 8.10 8.78 20.72
CA SER A 17 8.39 9.45 21.95
C SER A 17 8.40 8.46 23.12
N PRO A 18 9.52 8.42 23.88
CA PRO A 18 9.61 7.58 25.07
C PRO A 18 8.64 8.11 26.15
N PRO A 19 8.46 7.41 27.28
CA PRO A 19 9.20 6.19 27.68
C PRO A 19 8.78 4.95 26.93
N TYR A 20 7.78 5.11 26.11
CA TYR A 20 7.23 4.04 25.30
C TYR A 20 6.42 3.10 26.20
N TYR A 21 5.23 3.52 26.51
CA TYR A 21 4.30 2.76 27.34
C TYR A 21 3.54 1.69 26.57
N TYR A 22 2.82 0.87 27.31
CA TYR A 22 2.00 -0.15 26.73
C TYR A 22 0.79 0.44 26.11
N GLY A 23 0.59 0.13 24.88
CA GLY A 23 -0.49 0.67 24.17
C GLY A 23 -0.05 1.77 23.26
N ASP A 24 1.22 2.15 23.35
CA ASP A 24 1.77 3.20 22.50
C ASP A 24 1.84 2.67 21.09
N SER A 25 1.80 3.55 20.17
CA SER A 25 1.88 3.21 18.80
C SER A 25 2.73 4.22 18.07
N VAL A 26 3.48 3.74 17.11
CA VAL A 26 4.39 4.58 16.36
C VAL A 26 4.20 4.33 14.89
N GLU A 27 4.18 5.38 14.13
CA GLU A 27 4.05 5.30 12.71
C GLU A 27 5.44 5.11 12.08
N PHE A 28 5.46 4.21 11.18
CA PHE A 28 6.61 3.84 10.39
C PHE A 28 6.15 3.72 8.93
N ASN A 29 6.66 4.57 8.07
CA ASN A 29 6.28 4.50 6.68
C ASN A 29 7.51 4.28 5.86
N CYS A 30 7.40 4.48 4.60
CA CYS A 30 8.50 4.25 3.71
C CYS A 30 8.84 5.59 3.15
N SER A 31 10.11 5.90 3.11
CA SER A 31 10.59 7.22 2.66
C SER A 31 10.10 7.53 1.22
N GLU A 32 10.78 6.98 0.26
CA GLU A 32 10.44 7.05 -1.13
C GLU A 32 11.05 5.84 -1.72
N SER A 33 10.59 5.44 -2.90
CA SER A 33 11.10 4.25 -3.58
C SER A 33 10.70 2.97 -2.89
N PHE A 34 9.86 3.10 -1.92
CA PHE A 34 9.40 2.03 -1.15
C PHE A 34 7.94 2.23 -0.88
N THR A 35 7.29 1.17 -0.86
CA THR A 35 5.91 1.09 -0.67
C THR A 35 5.56 0.41 0.66
N MET A 36 4.54 0.95 1.31
CA MET A 36 4.06 0.53 2.59
C MET A 36 3.10 -0.62 2.40
N ILE A 37 3.47 -1.75 2.88
CA ILE A 37 2.62 -2.92 2.82
C ILE A 37 2.16 -3.34 4.22
N GLY A 38 0.86 -3.55 4.33
CA GLY A 38 0.25 -4.11 5.52
C GLY A 38 -0.13 -3.07 6.55
N HIS A 39 0.85 -2.56 7.22
CA HIS A 39 0.67 -1.64 8.33
C HIS A 39 1.50 -0.42 8.09
N ARG A 40 1.36 0.55 8.96
CA ARG A 40 2.26 1.69 8.95
C ARG A 40 2.57 2.09 10.39
N SER A 41 2.17 1.27 11.32
CA SER A 41 2.35 1.59 12.70
C SER A 41 2.73 0.36 13.46
N ILE A 42 3.15 0.57 14.66
CA ILE A 42 3.48 -0.50 15.54
C ILE A 42 2.76 -0.27 16.84
N THR A 43 2.62 -1.28 17.62
CA THR A 43 1.98 -1.14 18.92
C THR A 43 2.78 -1.88 19.94
N CYS A 44 2.95 -1.33 21.08
CA CYS A 44 3.61 -2.04 22.09
C CYS A 44 2.63 -2.76 22.95
N ILE A 45 2.73 -4.04 22.91
CA ILE A 45 1.91 -4.96 23.64
C ILE A 45 2.77 -6.13 24.04
N HIS A 46 2.50 -6.73 25.19
CA HIS A 46 3.30 -7.89 25.70
C HIS A 46 4.76 -7.47 26.00
N GLY A 47 5.02 -6.18 26.08
CA GLY A 47 6.35 -5.67 26.42
C GLY A 47 7.24 -5.53 25.22
N VAL A 48 6.65 -5.52 24.06
CA VAL A 48 7.38 -5.46 22.84
C VAL A 48 6.48 -4.81 21.81
N TRP A 49 7.06 -4.27 20.82
CA TRP A 49 6.30 -3.69 19.74
C TRP A 49 5.80 -4.79 18.81
N THR A 50 4.93 -4.42 17.93
CA THR A 50 4.31 -5.32 17.01
C THR A 50 5.26 -5.76 15.89
N GLN A 51 4.68 -6.30 14.86
CA GLN A 51 5.37 -6.97 13.77
C GLN A 51 6.11 -6.02 12.84
N LEU A 52 5.84 -4.72 12.95
CA LEU A 52 6.41 -3.69 12.04
C LEU A 52 5.75 -3.75 10.66
N PRO A 53 5.67 -2.61 9.96
CA PRO A 53 5.18 -2.60 8.60
C PRO A 53 6.23 -3.18 7.64
N GLN A 54 5.87 -3.29 6.40
CA GLN A 54 6.77 -3.84 5.43
C GLN A 54 6.92 -2.90 4.27
N CYS A 55 8.06 -2.28 4.19
CA CYS A 55 8.37 -1.43 3.08
C CYS A 55 9.03 -2.20 2.00
N VAL A 56 8.36 -2.32 0.91
CA VAL A 56 8.87 -3.02 -0.21
C VAL A 56 9.36 -2.00 -1.19
N ALA A 57 10.42 -2.33 -1.84
CA ALA A 57 11.17 -1.47 -2.79
C ALA A 57 10.38 -1.11 -4.05
N ILE A 58 9.14 -1.48 -4.06
CA ILE A 58 8.19 -1.22 -5.15
C ILE A 58 8.44 -2.12 -6.38
N ASP A 59 9.61 -2.62 -6.40
CA ASP A 59 10.15 -3.47 -7.44
C ASP A 59 9.54 -4.84 -7.34
N LYS A 60 9.29 -5.20 -6.13
CA LYS A 60 8.78 -6.52 -5.80
C LYS A 60 7.39 -6.42 -5.25
N LEU A 61 6.69 -5.43 -5.68
CA LEU A 61 5.32 -5.29 -5.37
C LEU A 61 4.54 -6.14 -6.34
N LYS A 62 3.28 -6.07 -6.25
CA LYS A 62 2.46 -6.84 -7.05
C LYS A 62 1.86 -5.97 -8.09
N LYS A 63 1.66 -6.56 -9.16
CA LYS A 63 1.22 -5.94 -10.34
C LYS A 63 -0.24 -6.26 -10.53
N CYS A 64 -0.98 -5.25 -10.62
CA CYS A 64 -2.42 -5.33 -10.83
C CYS A 64 -2.72 -5.77 -12.22
N LYS A 65 -3.81 -6.43 -12.40
CA LYS A 65 -4.15 -6.89 -13.70
C LYS A 65 -5.37 -6.17 -14.25
N SER A 66 -5.33 -5.94 -15.52
CA SER A 66 -6.43 -5.44 -16.28
C SER A 66 -7.56 -6.48 -16.35
N SER A 67 -8.71 -6.13 -15.82
CA SER A 67 -9.87 -6.98 -15.89
C SER A 67 -10.50 -6.83 -17.28
N ASN A 68 -11.20 -7.82 -17.74
CA ASN A 68 -11.80 -7.79 -19.06
C ASN A 68 -13.27 -7.45 -19.00
N LEU A 69 -13.78 -7.25 -17.79
CA LEU A 69 -15.18 -6.89 -17.60
C LEU A 69 -15.29 -5.38 -17.60
N ILE A 70 -14.14 -4.76 -17.58
CA ILE A 70 -14.02 -3.35 -17.58
C ILE A 70 -13.29 -2.91 -18.81
N ILE A 71 -13.29 -1.64 -19.03
CA ILE A 71 -12.60 -1.06 -20.14
C ILE A 71 -11.57 -0.11 -19.59
N LEU A 72 -10.33 -0.29 -19.96
CA LEU A 72 -9.29 0.61 -19.59
C LEU A 72 -9.05 1.57 -20.72
N GLU A 73 -8.12 2.48 -20.52
CA GLU A 73 -7.76 3.42 -21.55
C GLU A 73 -7.06 2.69 -22.70
N GLU A 74 -6.90 3.39 -23.79
CA GLU A 74 -6.34 2.81 -25.01
C GLU A 74 -4.87 2.47 -24.89
N HIS A 75 -4.28 2.98 -23.84
CA HIS A 75 -2.89 2.70 -23.50
C HIS A 75 -2.79 1.67 -22.40
N LEU A 76 -3.91 1.37 -21.82
CA LEU A 76 -3.93 0.48 -20.70
C LEU A 76 -4.58 -0.83 -21.01
N LYS A 77 -5.35 -0.90 -22.06
CA LYS A 77 -5.92 -2.17 -22.50
C LYS A 77 -4.81 -3.08 -23.06
N ASN A 78 -3.66 -2.48 -23.30
CA ASN A 78 -2.47 -3.18 -23.77
C ASN A 78 -1.51 -3.42 -22.62
N LYS A 79 -1.99 -3.18 -21.42
CA LYS A 79 -1.22 -3.34 -20.23
C LYS A 79 -1.69 -4.63 -19.58
N LYS A 80 -0.86 -5.64 -19.62
CA LYS A 80 -1.24 -6.92 -19.02
C LYS A 80 -1.22 -6.81 -17.51
N GLU A 81 -0.25 -6.07 -17.01
CA GLU A 81 -0.06 -5.87 -15.60
C GLU A 81 0.42 -4.48 -15.33
N PHE A 82 -0.19 -3.85 -14.38
CA PHE A 82 0.13 -2.50 -13.98
C PHE A 82 0.94 -2.57 -12.70
N ASP A 83 1.81 -1.63 -12.49
CA ASP A 83 2.60 -1.59 -11.26
C ASP A 83 1.92 -0.74 -10.25
N HIS A 84 2.25 -0.94 -8.99
CA HIS A 84 1.67 -0.16 -7.94
C HIS A 84 2.02 1.30 -8.12
N ASN A 85 1.03 2.16 -7.83
CA ASN A 85 1.13 3.64 -7.94
C ASN A 85 0.73 4.08 -9.34
N SER A 86 0.32 3.15 -10.20
CA SER A 86 -0.08 3.55 -11.49
C SER A 86 -1.53 4.00 -11.47
N ASN A 87 -1.73 5.28 -11.72
CA ASN A 87 -3.05 5.89 -11.75
C ASN A 87 -3.60 5.75 -13.15
N ILE A 88 -4.62 4.98 -13.26
CA ILE A 88 -5.27 4.70 -14.53
C ILE A 88 -6.74 4.99 -14.37
N ARG A 89 -7.51 4.68 -15.36
CA ARG A 89 -8.91 4.78 -15.26
C ARG A 89 -9.57 3.66 -16.00
N TYR A 90 -10.43 2.98 -15.31
CA TYR A 90 -11.23 1.94 -15.88
C TYR A 90 -12.63 2.49 -15.95
N ARG A 91 -13.45 1.77 -16.60
CA ARG A 91 -14.83 2.05 -16.65
C ARG A 91 -15.53 0.71 -16.74
N CYS A 92 -16.73 0.68 -16.31
CA CYS A 92 -17.52 -0.53 -16.34
C CYS A 92 -18.11 -0.64 -17.74
N ARG A 93 -18.44 -1.83 -18.17
CA ARG A 93 -19.04 -2.00 -19.48
C ARG A 93 -20.52 -1.59 -19.45
N GLY A 94 -20.99 -1.28 -18.26
CA GLY A 94 -22.32 -0.77 -18.08
C GLY A 94 -22.32 0.74 -17.87
N LYS A 95 -21.16 1.32 -17.67
CA LYS A 95 -21.06 2.76 -17.41
C LYS A 95 -20.18 3.45 -18.43
N GLU A 96 -20.70 4.45 -19.08
CA GLU A 96 -19.91 5.23 -19.98
C GLU A 96 -19.34 6.42 -19.21
N GLY A 97 -18.28 6.15 -18.49
CA GLY A 97 -17.60 7.11 -17.70
C GLY A 97 -16.56 6.42 -16.87
N TRP A 98 -15.52 7.12 -16.51
CA TRP A 98 -14.40 6.53 -15.83
C TRP A 98 -14.47 6.83 -14.35
N ILE A 99 -13.70 6.10 -13.58
CA ILE A 99 -13.67 6.32 -12.14
C ILE A 99 -12.30 6.81 -11.66
N HIS A 100 -11.22 6.33 -12.34
CA HIS A 100 -9.80 6.57 -11.95
C HIS A 100 -9.44 5.69 -10.76
N THR A 101 -8.45 4.87 -10.92
CA THR A 101 -8.04 3.98 -9.87
C THR A 101 -6.52 3.84 -9.85
N VAL A 102 -5.98 3.49 -8.72
CA VAL A 102 -4.56 3.36 -8.54
C VAL A 102 -4.23 1.92 -8.19
N CYS A 103 -3.21 1.39 -8.83
CA CYS A 103 -2.76 0.03 -8.54
C CYS A 103 -2.12 0.02 -7.16
N ILE A 104 -2.67 -0.77 -6.30
CA ILE A 104 -2.22 -0.93 -4.94
C ILE A 104 -1.82 -2.39 -4.73
N ASN A 105 -0.58 -2.69 -5.05
CA ASN A 105 0.03 -4.02 -4.87
C ASN A 105 -0.88 -5.15 -5.35
N GLY A 106 -1.01 -5.24 -6.65
CA GLY A 106 -1.86 -6.24 -7.27
C GLY A 106 -3.36 -6.02 -7.03
N ARG A 107 -3.75 -4.82 -6.67
CA ARG A 107 -5.14 -4.55 -6.40
C ARG A 107 -5.42 -3.15 -6.87
N TRP A 108 -6.62 -2.79 -6.99
CA TRP A 108 -6.93 -1.48 -7.46
C TRP A 108 -7.56 -0.68 -6.34
N ASP A 109 -7.55 0.63 -6.48
CA ASP A 109 -8.17 1.51 -5.49
C ASP A 109 -8.68 2.77 -6.17
N PRO A 110 -10.00 2.91 -6.38
CA PRO A 110 -11.00 1.90 -5.99
C PRO A 110 -10.85 0.65 -6.83
N GLU A 111 -11.00 -0.48 -6.20
CA GLU A 111 -10.82 -1.75 -6.86
C GLU A 111 -11.73 -1.87 -8.07
N VAL A 112 -11.12 -2.16 -9.20
CA VAL A 112 -11.80 -2.27 -10.45
C VAL A 112 -12.76 -3.44 -10.45
N ASN A 113 -14.01 -3.13 -10.43
CA ASN A 113 -15.07 -4.08 -10.45
C ASN A 113 -16.20 -3.50 -11.25
N CYS A 114 -16.67 -4.20 -12.21
CA CYS A 114 -17.76 -3.73 -13.00
C CYS A 114 -19.03 -4.40 -12.48
N SER A 115 -18.87 -5.63 -12.02
CA SER A 115 -19.97 -6.43 -11.54
C SER A 115 -19.37 -7.77 -11.10
N THR A 1 3.89 1.57 29.45
CA THR A 1 4.59 2.01 28.29
C THR A 1 4.97 0.79 27.51
N CYS A 2 5.18 0.99 26.30
CA CYS A 2 5.53 -0.07 25.39
C CYS A 2 7.01 -0.33 25.41
N GLY A 3 7.75 0.53 24.78
CA GLY A 3 9.10 0.42 24.71
C GLY A 3 9.55 0.99 23.44
N ASP A 4 10.80 0.90 23.23
CA ASP A 4 11.50 1.39 22.04
C ASP A 4 10.82 0.85 20.80
N ILE A 5 10.54 1.74 19.89
CA ILE A 5 9.90 1.37 18.66
C ILE A 5 10.72 0.36 17.86
N PRO A 6 10.06 -0.48 17.09
CA PRO A 6 10.72 -1.46 16.23
C PRO A 6 11.39 -0.78 15.03
N GLU A 7 11.73 -1.55 14.03
CA GLU A 7 12.38 -1.07 12.90
C GLU A 7 11.72 -1.67 11.70
N LEU A 8 11.85 -1.03 10.63
CA LEU A 8 11.31 -1.52 9.41
C LEU A 8 12.33 -2.39 8.74
N GLU A 9 11.85 -3.42 8.10
CA GLU A 9 12.70 -4.36 7.40
C GLU A 9 13.52 -3.72 6.29
N HIS A 10 12.91 -2.82 5.54
CA HIS A 10 13.58 -2.18 4.39
C HIS A 10 13.07 -0.76 4.26
N GLY A 11 12.77 -0.17 5.38
CA GLY A 11 12.22 1.17 5.37
C GLY A 11 12.75 2.00 6.50
N TRP A 12 11.96 2.91 6.97
CA TRP A 12 12.36 3.83 8.04
C TRP A 12 11.16 4.19 8.89
N ALA A 13 11.39 5.01 9.88
CA ALA A 13 10.34 5.51 10.72
C ALA A 13 10.19 6.99 10.47
N GLN A 14 8.98 7.49 10.53
CA GLN A 14 8.74 8.90 10.38
C GLN A 14 9.17 9.64 11.63
N LEU A 15 8.47 9.40 12.70
CA LEU A 15 8.77 10.01 13.98
C LEU A 15 8.16 9.17 15.07
N SER A 16 8.96 8.77 15.98
CA SER A 16 8.53 8.01 17.07
C SER A 16 8.80 8.79 18.33
N SER A 17 7.85 8.87 19.18
CA SER A 17 7.97 9.69 20.34
C SER A 17 7.78 8.86 21.61
N PRO A 18 8.86 8.70 22.42
CA PRO A 18 8.77 8.04 23.72
C PRO A 18 7.93 8.91 24.65
N PRO A 19 7.46 8.39 25.80
CA PRO A 19 7.77 7.04 26.35
C PRO A 19 7.23 5.88 25.57
N TYR A 20 6.37 6.19 24.62
CA TYR A 20 5.69 5.20 23.79
C TYR A 20 4.63 4.52 24.63
N TYR A 21 3.49 5.12 24.64
CA TYR A 21 2.40 4.68 25.44
C TYR A 21 1.50 3.72 24.71
N TYR A 22 0.58 3.16 25.44
CA TYR A 22 -0.39 2.26 24.85
C TYR A 22 -1.35 3.02 23.99
N GLY A 23 -1.66 2.45 22.86
CA GLY A 23 -2.53 3.09 21.94
C GLY A 23 -1.77 4.00 21.00
N ASP A 24 -0.46 3.99 21.11
CA ASP A 24 0.39 4.85 20.29
C ASP A 24 0.49 4.25 18.91
N SER A 25 0.96 5.03 17.98
CA SER A 25 1.14 4.62 16.64
C SER A 25 2.27 5.42 16.04
N VAL A 26 3.04 4.78 15.23
CA VAL A 26 4.20 5.42 14.63
C VAL A 26 4.21 5.10 13.18
N GLU A 27 4.45 6.08 12.37
CA GLU A 27 4.51 5.89 10.96
C GLU A 27 5.86 5.34 10.53
N PHE A 28 5.80 4.37 9.67
CA PHE A 28 6.91 3.68 9.10
C PHE A 28 6.64 3.53 7.63
N ASN A 29 7.41 4.16 6.82
CA ASN A 29 7.21 4.06 5.39
C ASN A 29 8.50 3.59 4.80
N CYS A 30 8.65 3.74 3.56
CA CYS A 30 9.86 3.31 2.94
C CYS A 30 10.60 4.55 2.59
N SER A 31 11.92 4.49 2.69
CA SER A 31 12.76 5.65 2.47
C SER A 31 12.49 6.23 1.09
N GLU A 32 12.91 5.50 0.10
CA GLU A 32 12.73 5.66 -1.32
C GLU A 32 13.34 4.44 -1.88
N SER A 33 13.08 4.11 -3.14
CA SER A 33 13.59 2.89 -3.78
C SER A 33 12.95 1.63 -3.18
N PHE A 34 11.92 1.85 -2.43
CA PHE A 34 11.20 0.86 -1.76
C PHE A 34 9.73 1.24 -1.78
N THR A 35 8.94 0.27 -1.81
CA THR A 35 7.53 0.39 -1.89
C THR A 35 6.85 -0.10 -0.60
N MET A 36 5.90 0.68 -0.14
CA MET A 36 5.17 0.45 1.08
C MET A 36 4.02 -0.47 0.82
N ILE A 37 4.09 -1.63 1.37
CA ILE A 37 3.03 -2.60 1.25
C ILE A 37 2.40 -2.86 2.62
N GLY A 38 1.09 -2.82 2.64
CA GLY A 38 0.32 -3.12 3.82
C GLY A 38 -0.02 -1.88 4.61
N HIS A 39 0.82 -1.58 5.51
CA HIS A 39 0.61 -0.51 6.47
C HIS A 39 1.62 0.57 6.26
N ARG A 40 1.53 1.62 7.04
CA ARG A 40 2.58 2.62 7.09
C ARG A 40 2.69 3.15 8.50
N SER A 41 2.09 2.46 9.43
CA SER A 41 2.13 2.80 10.82
C SER A 41 2.03 1.54 11.64
N ILE A 42 2.41 1.63 12.89
CA ILE A 42 2.34 0.54 13.82
C ILE A 42 1.48 0.94 14.97
N THR A 43 1.08 0.01 15.79
CA THR A 43 0.27 0.35 16.95
C THR A 43 0.78 -0.39 18.14
N CYS A 44 0.80 0.25 19.26
CA CYS A 44 1.18 -0.44 20.43
C CYS A 44 -0.04 -0.82 21.20
N ILE A 45 -0.19 -2.07 21.32
CA ILE A 45 -1.27 -2.68 21.99
C ILE A 45 -0.74 -3.88 22.71
N HIS A 46 -1.32 -4.24 23.83
CA HIS A 46 -0.90 -5.43 24.64
C HIS A 46 0.43 -5.18 25.39
N GLY A 47 1.22 -4.23 24.91
CA GLY A 47 2.53 -3.95 25.48
C GLY A 47 3.59 -4.13 24.44
N VAL A 48 3.16 -4.22 23.19
CA VAL A 48 4.01 -4.51 22.09
C VAL A 48 3.45 -3.79 20.85
N TRP A 49 4.31 -3.43 19.96
CA TRP A 49 3.89 -2.84 18.72
C TRP A 49 3.34 -3.91 17.77
N THR A 50 2.73 -3.48 16.71
CA THR A 50 2.15 -4.33 15.72
C THR A 50 3.19 -4.95 14.78
N GLN A 51 2.73 -5.41 13.67
CA GLN A 51 3.52 -6.25 12.77
C GLN A 51 4.40 -5.44 11.84
N LEU A 52 4.15 -4.12 11.77
CA LEU A 52 4.88 -3.21 10.87
C LEU A 52 4.51 -3.43 9.40
N PRO A 53 4.74 -2.43 8.55
CA PRO A 53 4.53 -2.56 7.11
C PRO A 53 5.62 -3.40 6.44
N GLN A 54 5.48 -3.58 5.17
CA GLN A 54 6.43 -4.33 4.41
C GLN A 54 6.99 -3.49 3.28
N CYS A 55 8.18 -2.97 3.47
CA CYS A 55 8.85 -2.24 2.42
C CYS A 55 9.56 -3.16 1.50
N VAL A 56 9.09 -3.24 0.31
CA VAL A 56 9.71 -4.06 -0.66
C VAL A 56 10.55 -3.19 -1.52
N ALA A 57 11.65 -3.72 -1.93
CA ALA A 57 12.68 -3.03 -2.73
C ALA A 57 12.23 -2.61 -4.11
N ILE A 58 10.98 -2.89 -4.41
CA ILE A 58 10.33 -2.56 -5.68
C ILE A 58 10.77 -3.55 -6.78
N ASP A 59 11.87 -4.19 -6.52
CA ASP A 59 12.54 -5.11 -7.40
C ASP A 59 11.81 -6.43 -7.36
N LYS A 60 11.13 -6.62 -6.28
CA LYS A 60 10.47 -7.87 -5.97
C LYS A 60 8.98 -7.66 -6.05
N LEU A 61 8.62 -6.59 -6.73
CA LEU A 61 7.26 -6.25 -6.95
C LEU A 61 6.73 -6.95 -8.15
N LYS A 62 5.54 -6.64 -8.46
CA LYS A 62 4.81 -7.22 -9.53
C LYS A 62 4.02 -6.12 -10.17
N LYS A 63 3.57 -6.40 -11.30
CA LYS A 63 2.81 -5.56 -12.13
C LYS A 63 1.41 -6.06 -12.16
N CYS A 64 0.55 -5.16 -12.13
CA CYS A 64 -0.86 -5.42 -12.18
C CYS A 64 -1.30 -5.49 -13.61
N LYS A 65 -2.45 -6.01 -13.83
CA LYS A 65 -2.94 -6.08 -15.15
C LYS A 65 -4.36 -5.59 -15.20
N SER A 66 -4.67 -5.01 -16.29
CA SER A 66 -5.98 -4.57 -16.62
C SER A 66 -6.94 -5.75 -16.69
N SER A 67 -7.88 -5.81 -15.79
CA SER A 67 -8.90 -6.82 -15.85
C SER A 67 -9.85 -6.48 -17.02
N ASN A 68 -10.43 -7.48 -17.63
CA ASN A 68 -11.30 -7.29 -18.79
C ASN A 68 -12.69 -6.85 -18.35
N LEU A 69 -12.93 -6.91 -17.07
CA LEU A 69 -14.21 -6.55 -16.52
C LEU A 69 -14.22 -5.09 -16.19
N ILE A 70 -13.06 -4.49 -16.23
CA ILE A 70 -12.91 -3.15 -15.81
C ILE A 70 -12.45 -2.26 -16.90
N ILE A 71 -13.01 -1.11 -16.92
CA ILE A 71 -12.73 -0.09 -17.90
C ILE A 71 -11.86 0.95 -17.24
N LEU A 72 -10.80 1.31 -17.89
CA LEU A 72 -9.91 2.28 -17.35
C LEU A 72 -10.02 3.58 -18.12
N GLU A 73 -9.21 4.55 -17.74
CA GLU A 73 -9.17 5.82 -18.44
C GLU A 73 -8.52 5.62 -19.79
N GLU A 74 -8.63 6.61 -20.64
CA GLU A 74 -8.04 6.61 -21.99
C GLU A 74 -6.52 6.39 -21.98
N HIS A 75 -5.88 6.60 -20.83
CA HIS A 75 -4.44 6.41 -20.73
C HIS A 75 -4.20 4.95 -20.43
N LEU A 76 -5.03 4.46 -19.56
CA LEU A 76 -4.88 3.18 -18.96
C LEU A 76 -5.47 2.07 -19.81
N LYS A 77 -6.28 2.43 -20.76
CA LYS A 77 -6.84 1.46 -21.69
C LYS A 77 -5.77 1.02 -22.69
N ASN A 78 -4.68 1.76 -22.73
CA ASN A 78 -3.53 1.43 -23.56
C ASN A 78 -2.50 0.69 -22.70
N LYS A 79 -2.84 0.49 -21.45
CA LYS A 79 -1.98 -0.14 -20.49
C LYS A 79 -2.50 -1.56 -20.31
N LYS A 80 -1.69 -2.55 -20.62
CA LYS A 80 -2.09 -3.94 -20.38
C LYS A 80 -1.49 -4.41 -19.05
N GLU A 81 -0.46 -3.70 -18.60
CA GLU A 81 0.18 -3.96 -17.33
C GLU A 81 0.45 -2.66 -16.63
N PHE A 82 -0.07 -2.53 -15.47
CA PHE A 82 0.10 -1.33 -14.69
C PHE A 82 1.20 -1.57 -13.71
N ASP A 83 1.99 -0.57 -13.48
CA ASP A 83 3.11 -0.73 -12.60
C ASP A 83 2.68 -0.45 -11.18
N HIS A 84 3.32 -1.13 -10.25
CA HIS A 84 3.17 -0.93 -8.82
C HIS A 84 3.14 0.59 -8.47
N ASN A 85 2.29 0.94 -7.48
CA ASN A 85 2.14 2.32 -6.94
C ASN A 85 1.36 3.23 -7.90
N SER A 86 0.91 2.69 -8.99
CA SER A 86 0.23 3.50 -9.94
C SER A 86 -1.21 3.65 -9.51
N ASN A 87 -1.59 4.88 -9.26
CA ASN A 87 -2.93 5.20 -8.87
C ASN A 87 -3.74 5.41 -10.12
N ILE A 88 -4.56 4.47 -10.41
CA ILE A 88 -5.42 4.50 -11.56
C ILE A 88 -6.83 4.53 -11.08
N ARG A 89 -7.74 4.37 -11.98
CA ARG A 89 -9.11 4.29 -11.64
C ARG A 89 -9.79 3.43 -12.65
N TYR A 90 -10.60 2.56 -12.18
CA TYR A 90 -11.31 1.66 -13.03
C TYR A 90 -12.77 1.91 -12.82
N ARG A 91 -13.55 1.27 -13.60
CA ARG A 91 -14.96 1.32 -13.49
C ARG A 91 -15.52 0.06 -14.10
N CYS A 92 -16.76 -0.14 -13.90
CA CYS A 92 -17.44 -1.29 -14.41
C CYS A 92 -18.15 -0.91 -15.70
N ARG A 93 -18.56 -1.90 -16.47
CA ARG A 93 -19.27 -1.61 -17.70
C ARG A 93 -20.63 -0.99 -17.40
N GLY A 94 -21.27 -1.46 -16.34
CA GLY A 94 -22.58 -0.95 -15.99
C GLY A 94 -22.53 0.11 -14.91
N LYS A 95 -21.36 0.50 -14.51
CA LYS A 95 -21.21 1.52 -13.49
C LYS A 95 -20.28 2.59 -14.01
N GLU A 96 -20.81 3.73 -14.39
CA GLU A 96 -19.99 4.80 -14.90
C GLU A 96 -19.55 5.70 -13.75
N GLY A 97 -18.58 5.25 -13.06
CA GLY A 97 -18.00 5.99 -11.98
C GLY A 97 -16.71 5.35 -11.67
N TRP A 98 -15.75 6.12 -11.30
CA TRP A 98 -14.44 5.60 -11.11
C TRP A 98 -14.18 5.41 -9.65
N ILE A 99 -13.69 4.27 -9.32
CA ILE A 99 -13.48 3.92 -7.94
C ILE A 99 -12.10 4.38 -7.46
N HIS A 100 -11.14 4.41 -8.41
CA HIS A 100 -9.70 4.75 -8.14
C HIS A 100 -9.04 3.60 -7.36
N THR A 101 -7.96 3.09 -7.88
CA THR A 101 -7.28 1.98 -7.24
C THR A 101 -5.78 2.08 -7.49
N VAL A 102 -5.00 1.47 -6.61
CA VAL A 102 -3.56 1.54 -6.67
C VAL A 102 -2.98 0.15 -6.89
N CYS A 103 -2.02 0.04 -7.79
CA CYS A 103 -1.35 -1.22 -8.07
C CYS A 103 -0.42 -1.59 -6.93
N ILE A 104 -0.75 -2.65 -6.28
CA ILE A 104 -0.05 -3.14 -5.14
C ILE A 104 0.54 -4.49 -5.49
N ASN A 105 1.69 -4.43 -6.17
CA ASN A 105 2.48 -5.62 -6.53
C ASN A 105 1.61 -6.68 -7.24
N GLY A 106 1.11 -6.34 -8.40
CA GLY A 106 0.28 -7.27 -9.13
C GLY A 106 -1.11 -7.42 -8.54
N ARG A 107 -1.56 -6.45 -7.79
CA ARG A 107 -2.87 -6.50 -7.22
C ARG A 107 -3.37 -5.08 -7.16
N TRP A 108 -4.62 -4.91 -6.97
CA TRP A 108 -5.18 -3.61 -6.90
C TRP A 108 -5.67 -3.31 -5.52
N ASP A 109 -5.82 -2.06 -5.20
CA ASP A 109 -6.36 -1.65 -3.92
C ASP A 109 -7.10 -0.34 -4.09
N PRO A 110 -8.44 -0.38 -4.10
CA PRO A 110 -9.23 -1.62 -3.96
C PRO A 110 -9.18 -2.53 -5.21
N GLU A 111 -9.13 -3.82 -4.96
CA GLU A 111 -9.19 -4.84 -5.99
C GLU A 111 -10.38 -4.68 -6.89
N VAL A 112 -10.11 -4.66 -8.16
CA VAL A 112 -11.07 -4.44 -9.13
C VAL A 112 -11.81 -5.74 -9.52
N ASN A 113 -13.10 -5.61 -9.69
CA ASN A 113 -13.97 -6.65 -10.19
C ASN A 113 -15.26 -6.00 -10.56
N CYS A 114 -15.80 -6.35 -11.69
CA CYS A 114 -17.01 -5.70 -12.16
C CYS A 114 -17.93 -6.67 -12.86
N SER A 115 -17.95 -7.88 -12.39
CA SER A 115 -18.87 -8.83 -12.90
C SER A 115 -20.11 -8.84 -12.00
N THR A 1 3.20 -0.78 28.86
CA THR A 1 3.87 -0.04 27.83
C THR A 1 4.72 -0.99 26.99
N CYS A 2 4.79 -0.69 25.73
CA CYS A 2 5.66 -1.41 24.82
C CYS A 2 7.07 -0.88 24.95
N GLY A 3 7.24 0.34 24.57
CA GLY A 3 8.47 0.94 24.63
C GLY A 3 8.77 1.53 23.32
N ASP A 4 9.92 2.07 23.25
CA ASP A 4 10.53 2.70 22.08
C ASP A 4 10.15 2.03 20.79
N ILE A 5 9.68 2.83 19.87
CA ILE A 5 9.26 2.35 18.59
C ILE A 5 10.41 1.69 17.81
N PRO A 6 10.09 0.72 16.97
CA PRO A 6 11.08 0.08 16.11
C PRO A 6 11.54 1.00 14.97
N GLU A 7 12.09 0.42 13.95
CA GLU A 7 12.47 1.12 12.80
C GLU A 7 11.96 0.32 11.65
N LEU A 8 12.32 0.72 10.49
CA LEU A 8 11.84 0.04 9.32
C LEU A 8 13.00 -0.32 8.41
N GLU A 9 13.06 -1.59 8.07
CA GLU A 9 14.14 -2.21 7.32
C GLU A 9 14.55 -1.49 6.03
N HIS A 10 13.59 -0.93 5.31
CA HIS A 10 13.91 -0.23 4.06
C HIS A 10 13.09 1.03 4.01
N GLY A 11 12.71 1.52 5.16
CA GLY A 11 11.88 2.67 5.21
C GLY A 11 12.27 3.56 6.34
N TRP A 12 11.30 4.22 6.92
CA TRP A 12 11.56 5.16 7.99
C TRP A 12 10.38 5.21 8.94
N ALA A 13 10.51 6.02 9.95
CA ALA A 13 9.46 6.23 10.92
C ALA A 13 8.98 7.64 10.75
N GLN A 14 7.70 7.85 10.92
CA GLN A 14 7.17 9.17 10.85
C GLN A 14 7.49 9.98 12.09
N LEU A 15 6.79 9.70 13.18
CA LEU A 15 7.04 10.36 14.47
C LEU A 15 6.12 9.72 15.50
N SER A 16 6.67 9.37 16.63
CA SER A 16 5.90 8.90 17.75
C SER A 16 6.68 9.19 19.01
N SER A 17 5.99 9.47 20.05
CA SER A 17 6.59 9.87 21.29
C SER A 17 6.25 8.81 22.36
N PRO A 18 7.13 8.58 23.35
CA PRO A 18 6.86 7.63 24.45
C PRO A 18 5.69 8.12 25.31
N PRO A 19 5.21 7.34 26.30
CA PRO A 19 5.78 6.04 26.70
C PRO A 19 5.39 4.88 25.82
N TYR A 20 4.53 5.14 24.86
CA TYR A 20 4.10 4.12 23.88
C TYR A 20 3.23 3.05 24.57
N TYR A 21 1.98 3.38 24.79
CA TYR A 21 1.04 2.48 25.44
C TYR A 21 0.41 1.50 24.48
N TYR A 22 -0.30 0.55 25.03
CA TYR A 22 -0.98 -0.45 24.24
C TYR A 22 -2.10 0.18 23.46
N GLY A 23 -2.20 -0.22 22.24
CA GLY A 23 -3.20 0.31 21.36
C GLY A 23 -2.66 1.45 20.55
N ASP A 24 -1.42 1.84 20.83
CA ASP A 24 -0.77 2.92 20.09
C ASP A 24 -0.45 2.42 18.71
N SER A 25 -0.29 3.30 17.79
CA SER A 25 0.02 2.96 16.44
C SER A 25 0.84 4.06 15.82
N VAL A 26 1.83 3.68 15.07
CA VAL A 26 2.76 4.64 14.51
C VAL A 26 2.92 4.41 13.03
N GLU A 27 3.03 5.49 12.29
CA GLU A 27 3.25 5.40 10.86
C GLU A 27 4.71 5.15 10.51
N PHE A 28 4.87 4.19 9.64
CA PHE A 28 6.13 3.79 9.08
C PHE A 28 5.92 3.59 7.61
N ASN A 29 6.45 4.47 6.83
CA ASN A 29 6.28 4.38 5.40
C ASN A 29 7.64 4.15 4.80
N CYS A 30 7.73 4.36 3.54
CA CYS A 30 8.96 4.19 2.84
C CYS A 30 9.33 5.54 2.33
N SER A 31 10.56 5.89 2.50
CA SER A 31 11.07 7.21 2.21
C SER A 31 10.83 7.61 0.75
N GLU A 32 11.55 6.98 -0.11
CA GLU A 32 11.48 7.16 -1.53
C GLU A 32 12.19 5.96 -2.05
N SER A 33 11.99 5.61 -3.31
CA SER A 33 12.66 4.46 -3.95
C SER A 33 12.17 3.12 -3.41
N PHE A 34 11.23 3.17 -2.54
CA PHE A 34 10.69 2.04 -1.90
C PHE A 34 9.20 2.19 -1.85
N THR A 35 8.58 1.10 -1.90
CA THR A 35 7.16 0.98 -1.87
C THR A 35 6.72 0.24 -0.59
N MET A 36 5.62 0.69 -0.02
CA MET A 36 5.08 0.18 1.22
C MET A 36 4.22 -1.01 0.93
N ILE A 37 4.58 -2.10 1.50
CA ILE A 37 3.79 -3.29 1.41
C ILE A 37 3.20 -3.64 2.77
N GLY A 38 1.89 -3.72 2.80
CA GLY A 38 1.19 -4.14 3.97
C GLY A 38 0.37 -3.02 4.52
N HIS A 39 0.93 -2.32 5.46
CA HIS A 39 0.25 -1.23 6.13
C HIS A 39 1.29 -0.33 6.68
N ARG A 40 1.06 0.92 6.59
CA ARG A 40 2.08 1.89 7.00
C ARG A 40 2.04 2.22 8.48
N SER A 41 1.55 1.34 9.28
CA SER A 41 1.47 1.64 10.69
C SER A 41 1.73 0.39 11.47
N ILE A 42 2.15 0.57 12.68
CA ILE A 42 2.44 -0.48 13.58
C ILE A 42 1.54 -0.34 14.76
N THR A 43 1.35 -1.39 15.51
CA THR A 43 0.47 -1.29 16.66
C THR A 43 1.11 -1.93 17.89
N CYS A 44 1.01 -1.27 19.01
CA CYS A 44 1.54 -1.79 20.25
C CYS A 44 0.50 -2.69 20.90
N ILE A 45 0.74 -3.97 20.79
CA ILE A 45 -0.12 -4.99 21.31
C ILE A 45 0.69 -6.18 21.76
N HIS A 46 0.26 -6.81 22.84
CA HIS A 46 0.94 -8.00 23.40
C HIS A 46 2.31 -7.68 23.99
N GLY A 47 2.64 -6.42 24.08
CA GLY A 47 3.91 -6.02 24.65
C GLY A 47 4.97 -5.82 23.61
N VAL A 48 4.55 -5.62 22.39
CA VAL A 48 5.44 -5.42 21.30
C VAL A 48 4.67 -4.70 20.21
N TRP A 49 5.36 -4.06 19.34
CA TRP A 49 4.73 -3.48 18.19
C TRP A 49 4.43 -4.58 17.16
N THR A 50 3.73 -4.23 16.13
CA THR A 50 3.31 -5.17 15.15
C THR A 50 4.43 -5.59 14.20
N GLN A 51 4.03 -6.29 13.18
CA GLN A 51 4.92 -6.92 12.20
C GLN A 51 5.75 -5.98 11.38
N LEU A 52 5.30 -4.71 11.29
CA LEU A 52 5.99 -3.68 10.50
C LEU A 52 5.86 -3.91 8.98
N PRO A 53 5.62 -2.83 8.20
CA PRO A 53 5.43 -2.94 6.76
C PRO A 53 6.69 -3.38 6.03
N GLN A 54 6.53 -3.73 4.83
CA GLN A 54 7.61 -4.18 4.04
C GLN A 54 7.89 -3.18 2.95
N CYS A 55 8.91 -2.41 3.13
CA CYS A 55 9.31 -1.49 2.10
C CYS A 55 10.17 -2.21 1.10
N VAL A 56 9.63 -2.39 -0.05
CA VAL A 56 10.32 -3.02 -1.11
C VAL A 56 10.86 -1.95 -1.98
N ALA A 57 12.01 -2.20 -2.53
CA ALA A 57 12.79 -1.23 -3.36
C ALA A 57 12.12 -0.88 -4.66
N ILE A 58 10.93 -1.38 -4.82
CA ILE A 58 10.08 -1.20 -5.98
C ILE A 58 10.54 -2.06 -7.15
N ASP A 59 11.77 -2.38 -7.08
CA ASP A 59 12.52 -3.08 -8.10
C ASP A 59 12.01 -4.48 -8.21
N LYS A 60 11.64 -4.99 -7.10
CA LYS A 60 11.21 -6.34 -6.97
C LYS A 60 9.73 -6.44 -6.69
N LEU A 61 9.00 -5.41 -7.08
CA LEU A 61 7.61 -5.41 -6.92
C LEU A 61 6.96 -6.25 -8.04
N LYS A 62 5.72 -6.54 -7.83
CA LYS A 62 4.92 -7.44 -8.60
C LYS A 62 4.16 -6.72 -9.74
N LYS A 63 3.24 -7.45 -10.28
CA LYS A 63 2.43 -7.08 -11.40
C LYS A 63 1.00 -7.20 -10.97
N CYS A 64 0.27 -6.23 -11.29
CA CYS A 64 -1.13 -6.08 -10.95
C CYS A 64 -1.99 -6.76 -12.00
N LYS A 65 -3.28 -6.71 -11.85
CA LYS A 65 -4.15 -7.40 -12.77
C LYS A 65 -5.39 -6.57 -13.06
N SER A 66 -5.78 -6.54 -14.30
CA SER A 66 -7.01 -5.93 -14.71
C SER A 66 -8.18 -6.81 -14.24
N SER A 67 -9.05 -6.25 -13.44
CA SER A 67 -10.28 -6.92 -13.03
C SER A 67 -11.24 -7.01 -14.26
N ASN A 68 -12.26 -7.88 -14.20
CA ASN A 68 -13.17 -8.04 -15.34
C ASN A 68 -14.45 -7.22 -15.20
N LEU A 69 -14.58 -6.50 -14.10
CA LEU A 69 -15.75 -5.64 -13.89
C LEU A 69 -15.36 -4.19 -13.95
N ILE A 70 -14.22 -3.91 -14.52
CA ILE A 70 -13.73 -2.56 -14.57
C ILE A 70 -13.39 -2.14 -15.97
N ILE A 71 -13.38 -0.87 -16.15
CA ILE A 71 -12.97 -0.24 -17.37
C ILE A 71 -11.78 0.59 -17.02
N LEU A 72 -10.76 0.48 -17.79
CA LEU A 72 -9.56 1.22 -17.58
C LEU A 72 -9.48 2.30 -18.61
N GLU A 73 -8.45 3.10 -18.53
CA GLU A 73 -8.21 4.13 -19.51
C GLU A 73 -7.99 3.50 -20.88
N GLU A 74 -8.10 4.30 -21.91
CA GLU A 74 -7.99 3.84 -23.30
C GLU A 74 -6.56 3.38 -23.61
N HIS A 75 -5.67 3.69 -22.72
CA HIS A 75 -4.29 3.27 -22.84
C HIS A 75 -3.96 2.13 -21.87
N LEU A 76 -4.95 1.72 -21.10
CA LEU A 76 -4.75 0.68 -20.10
C LEU A 76 -5.70 -0.50 -20.29
N LYS A 77 -6.73 -0.37 -21.13
CA LYS A 77 -7.69 -1.45 -21.34
C LYS A 77 -7.06 -2.70 -21.93
N ASN A 78 -5.97 -2.53 -22.66
CA ASN A 78 -5.28 -3.66 -23.29
C ASN A 78 -4.23 -4.26 -22.36
N LYS A 79 -4.17 -3.81 -21.13
CA LYS A 79 -3.22 -4.30 -20.19
C LYS A 79 -3.93 -5.27 -19.28
N LYS A 80 -3.63 -6.53 -19.41
CA LYS A 80 -4.24 -7.56 -18.59
C LYS A 80 -3.55 -7.57 -17.24
N GLU A 81 -2.29 -7.35 -17.29
CA GLU A 81 -1.43 -7.36 -16.13
C GLU A 81 -0.65 -6.09 -16.11
N PHE A 82 -0.91 -5.29 -15.13
CA PHE A 82 -0.32 -3.99 -15.01
C PHE A 82 0.98 -4.05 -14.28
N ASP A 83 1.58 -2.92 -14.11
CA ASP A 83 2.86 -2.85 -13.51
C ASP A 83 2.81 -2.04 -12.22
N HIS A 84 3.50 -2.50 -11.19
CA HIS A 84 3.67 -1.82 -9.94
C HIS A 84 4.02 -0.32 -10.12
N ASN A 85 3.55 0.50 -9.19
CA ASN A 85 3.85 1.96 -9.12
C ASN A 85 3.12 2.71 -10.25
N SER A 86 2.21 2.03 -10.90
CA SER A 86 1.53 2.61 -11.98
C SER A 86 0.23 3.19 -11.47
N ASN A 87 0.01 4.42 -11.78
CA ASN A 87 -1.19 5.10 -11.40
C ASN A 87 -2.14 5.06 -12.56
N ILE A 88 -3.19 4.32 -12.43
CA ILE A 88 -4.17 4.19 -13.50
C ILE A 88 -5.50 4.71 -13.04
N ARG A 89 -6.44 4.71 -13.92
CA ARG A 89 -7.79 5.02 -13.58
C ARG A 89 -8.63 3.86 -13.98
N TYR A 90 -9.48 3.44 -13.10
CA TYR A 90 -10.42 2.42 -13.43
C TYR A 90 -11.76 2.92 -13.06
N ARG A 91 -12.75 2.23 -13.50
CA ARG A 91 -14.09 2.56 -13.20
C ARG A 91 -14.95 1.36 -13.41
N CYS A 92 -16.13 1.40 -12.88
CA CYS A 92 -17.08 0.33 -13.07
C CYS A 92 -17.81 0.52 -14.39
N ARG A 93 -18.63 -0.42 -14.73
CA ARG A 93 -19.40 -0.34 -15.97
C ARG A 93 -20.75 0.33 -15.71
N GLY A 94 -21.25 0.18 -14.51
CA GLY A 94 -22.50 0.80 -14.13
C GLY A 94 -22.28 2.15 -13.50
N LYS A 95 -21.03 2.50 -13.33
CA LYS A 95 -20.66 3.75 -12.73
C LYS A 95 -19.64 4.42 -13.61
N GLU A 96 -20.03 5.47 -14.30
CA GLU A 96 -19.08 6.20 -15.08
C GLU A 96 -18.36 7.19 -14.17
N GLY A 97 -17.13 7.47 -14.50
CA GLY A 97 -16.31 8.29 -13.64
C GLY A 97 -15.22 7.44 -13.07
N TRP A 98 -14.05 7.98 -12.96
CA TRP A 98 -12.90 7.19 -12.58
C TRP A 98 -12.60 7.35 -11.12
N ILE A 99 -12.04 6.31 -10.52
CA ILE A 99 -11.72 6.35 -9.10
C ILE A 99 -10.24 6.71 -8.88
N HIS A 100 -9.37 6.29 -9.84
CA HIS A 100 -7.88 6.48 -9.80
C HIS A 100 -7.26 5.52 -8.78
N THR A 101 -6.40 4.64 -9.22
CA THR A 101 -5.77 3.71 -8.31
C THR A 101 -4.30 3.53 -8.68
N VAL A 102 -3.51 3.08 -7.73
CA VAL A 102 -2.10 2.89 -7.93
C VAL A 102 -1.77 1.44 -7.70
N CYS A 103 -0.99 0.86 -8.58
CA CYS A 103 -0.60 -0.49 -8.42
C CYS A 103 0.37 -0.63 -7.31
N ILE A 104 -0.02 -1.33 -6.34
CA ILE A 104 0.75 -1.54 -5.20
C ILE A 104 1.13 -2.99 -5.17
N ASN A 105 2.14 -3.34 -5.96
CA ASN A 105 2.75 -4.66 -5.92
C ASN A 105 1.72 -5.77 -6.12
N GLY A 106 1.25 -5.88 -7.32
CA GLY A 106 0.27 -6.89 -7.63
C GLY A 106 -1.13 -6.56 -7.13
N ARG A 107 -1.31 -5.41 -6.54
CA ARG A 107 -2.59 -5.06 -5.99
C ARG A 107 -2.84 -3.64 -6.41
N TRP A 108 -3.99 -3.14 -6.12
CA TRP A 108 -4.34 -1.79 -6.39
C TRP A 108 -4.70 -1.09 -5.12
N ASP A 109 -4.63 0.21 -5.14
CA ASP A 109 -5.05 1.00 -4.02
C ASP A 109 -5.60 2.31 -4.55
N PRO A 110 -6.92 2.49 -4.52
CA PRO A 110 -7.88 1.49 -4.00
C PRO A 110 -8.03 0.28 -4.95
N GLU A 111 -8.17 -0.88 -4.34
CA GLU A 111 -8.39 -2.15 -5.05
C GLU A 111 -9.51 -2.08 -6.05
N VAL A 112 -9.20 -2.46 -7.25
CA VAL A 112 -10.10 -2.44 -8.25
C VAL A 112 -10.93 -3.71 -8.26
N ASN A 113 -12.21 -3.52 -8.20
CA ASN A 113 -13.20 -4.57 -8.29
C ASN A 113 -14.50 -3.91 -8.01
N CYS A 114 -15.50 -4.16 -8.81
CA CYS A 114 -16.77 -3.47 -8.62
C CYS A 114 -17.72 -4.37 -7.86
N SER A 115 -17.14 -5.31 -7.19
CA SER A 115 -17.85 -6.18 -6.34
C SER A 115 -17.56 -5.76 -4.90
N THR A 1 3.19 1.15 28.79
CA THR A 1 3.93 1.62 27.68
C THR A 1 4.47 0.44 26.91
N CYS A 2 4.49 0.57 25.63
CA CYS A 2 5.08 -0.45 24.79
C CYS A 2 6.56 -0.42 24.91
N GLY A 3 7.13 0.66 24.50
CA GLY A 3 8.47 0.84 24.57
C GLY A 3 8.91 1.33 23.28
N ASP A 4 10.16 1.23 23.10
CA ASP A 4 10.88 1.64 21.90
C ASP A 4 10.20 1.18 20.64
N ILE A 5 10.13 2.06 19.68
CA ILE A 5 9.54 1.75 18.42
C ILE A 5 10.38 0.74 17.65
N PRO A 6 9.73 -0.09 16.86
CA PRO A 6 10.41 -1.09 16.01
C PRO A 6 11.09 -0.42 14.82
N GLU A 7 11.53 -1.23 13.89
CA GLU A 7 12.20 -0.77 12.74
C GLU A 7 11.62 -1.51 11.58
N LEU A 8 11.51 -0.84 10.53
CA LEU A 8 10.96 -1.40 9.34
C LEU A 8 12.05 -1.96 8.47
N GLU A 9 11.90 -3.25 8.15
CA GLU A 9 12.81 -4.09 7.36
C GLU A 9 13.62 -3.36 6.28
N HIS A 10 12.97 -2.60 5.44
CA HIS A 10 13.67 -1.88 4.37
C HIS A 10 13.12 -0.47 4.30
N GLY A 11 12.55 -0.02 5.39
CA GLY A 11 11.92 1.27 5.41
C GLY A 11 12.30 2.07 6.61
N TRP A 12 11.48 3.03 6.96
CA TRP A 12 11.79 3.98 8.01
C TRP A 12 10.55 4.31 8.84
N ALA A 13 10.75 5.10 9.87
CA ALA A 13 9.69 5.54 10.75
C ALA A 13 9.48 7.02 10.55
N GLN A 14 8.24 7.43 10.43
CA GLN A 14 7.94 8.83 10.25
C GLN A 14 8.09 9.65 11.53
N LEU A 15 7.17 9.50 12.47
CA LEU A 15 7.22 10.29 13.69
C LEU A 15 6.37 9.64 14.78
N SER A 16 6.90 9.66 15.98
CA SER A 16 6.22 9.28 17.19
C SER A 16 7.06 9.83 18.33
N SER A 17 6.70 9.56 19.55
CA SER A 17 7.41 10.05 20.68
C SER A 17 7.26 9.09 21.85
N PRO A 18 8.32 8.86 22.63
CA PRO A 18 8.23 8.02 23.82
C PRO A 18 7.36 8.73 24.88
N PRO A 19 6.93 8.05 25.95
CA PRO A 19 7.30 6.66 26.30
C PRO A 19 6.67 5.59 25.45
N TYR A 20 5.83 6.01 24.51
CA TYR A 20 5.15 5.13 23.59
C TYR A 20 4.06 4.37 24.33
N TYR A 21 2.99 5.07 24.59
CA TYR A 21 1.85 4.53 25.32
C TYR A 21 0.96 3.70 24.44
N TYR A 22 0.02 3.01 25.06
CA TYR A 22 -0.92 2.18 24.33
C TYR A 22 -1.86 3.02 23.52
N GLY A 23 -2.03 2.63 22.29
CA GLY A 23 -2.87 3.37 21.41
C GLY A 23 -2.06 4.26 20.49
N ASP A 24 -0.77 4.40 20.79
CA ASP A 24 0.12 5.22 19.97
C ASP A 24 0.29 4.56 18.64
N SER A 25 0.51 5.32 17.64
CA SER A 25 0.67 4.82 16.32
C SER A 25 1.78 5.57 15.62
N VAL A 26 2.54 4.86 14.84
CA VAL A 26 3.67 5.44 14.17
C VAL A 26 3.64 5.05 12.71
N GLU A 27 3.71 6.01 11.83
CA GLU A 27 3.80 5.73 10.42
C GLU A 27 5.15 5.17 10.06
N PHE A 28 5.13 4.19 9.21
CA PHE A 28 6.30 3.53 8.72
C PHE A 28 6.09 3.31 7.26
N ASN A 29 6.99 3.79 6.46
CA ASN A 29 6.86 3.68 5.03
C ASN A 29 8.20 3.28 4.51
N CYS A 30 8.39 3.40 3.26
CA CYS A 30 9.64 3.03 2.67
C CYS A 30 10.23 4.30 2.12
N SER A 31 11.46 4.52 2.46
CA SER A 31 12.19 5.77 2.17
C SER A 31 12.01 6.22 0.73
N GLU A 32 12.63 5.50 -0.15
CA GLU A 32 12.54 5.66 -1.56
C GLU A 32 13.22 4.44 -2.06
N SER A 33 13.04 4.11 -3.33
CA SER A 33 13.64 2.89 -3.93
C SER A 33 13.05 1.60 -3.32
N PHE A 34 12.03 1.76 -2.55
CA PHE A 34 11.36 0.70 -1.89
C PHE A 34 9.89 0.98 -1.91
N THR A 35 9.19 -0.04 -2.06
CA THR A 35 7.78 -0.05 -2.16
C THR A 35 7.14 -0.62 -0.88
N MET A 36 6.13 0.07 -0.40
CA MET A 36 5.43 -0.26 0.81
C MET A 36 4.31 -1.21 0.50
N ILE A 37 4.36 -2.33 1.11
CA ILE A 37 3.32 -3.33 0.99
C ILE A 37 2.71 -3.62 2.35
N GLY A 38 1.40 -3.61 2.42
CA GLY A 38 0.73 -4.00 3.64
C GLY A 38 0.04 -2.87 4.34
N HIS A 39 0.79 -2.11 5.09
CA HIS A 39 0.23 -1.04 5.91
C HIS A 39 1.30 -0.01 6.03
N ARG A 40 1.01 1.13 6.57
CA ARG A 40 2.02 2.19 6.71
C ARG A 40 2.07 2.78 8.10
N SER A 41 1.66 2.02 9.07
CA SER A 41 1.69 2.45 10.45
C SER A 41 1.69 1.28 11.35
N ILE A 42 1.99 1.52 12.58
CA ILE A 42 2.02 0.54 13.59
C ILE A 42 1.21 1.02 14.75
N THR A 43 0.81 0.13 15.60
CA THR A 43 0.04 0.52 16.76
C THR A 43 0.52 -0.20 18.00
N CYS A 44 0.65 0.53 19.06
CA CYS A 44 1.04 -0.02 20.32
C CYS A 44 -0.14 -0.68 21.02
N ILE A 45 -0.12 -1.99 21.04
CA ILE A 45 -1.14 -2.83 21.63
C ILE A 45 -0.50 -4.07 22.23
N HIS A 46 -1.06 -4.59 23.32
CA HIS A 46 -0.56 -5.82 24.00
C HIS A 46 0.79 -5.58 24.72
N GLY A 47 1.42 -4.45 24.42
CA GLY A 47 2.73 -4.12 24.94
C GLY A 47 3.76 -4.31 23.87
N VAL A 48 3.29 -4.32 22.65
CA VAL A 48 4.07 -4.53 21.49
C VAL A 48 3.47 -3.62 20.44
N TRP A 49 4.19 -3.30 19.45
CA TRP A 49 3.60 -2.62 18.34
C TRP A 49 3.03 -3.65 17.38
N THR A 50 2.43 -3.21 16.32
CA THR A 50 1.85 -4.09 15.37
C THR A 50 2.91 -4.78 14.48
N GLN A 51 2.48 -5.24 13.38
CA GLN A 51 3.26 -6.15 12.58
C GLN A 51 4.29 -5.49 11.68
N LEU A 52 4.25 -4.15 11.57
CA LEU A 52 5.13 -3.39 10.67
C LEU A 52 4.73 -3.59 9.20
N PRO A 53 4.97 -2.59 8.36
CA PRO A 53 4.78 -2.71 6.92
C PRO A 53 5.80 -3.66 6.27
N GLN A 54 5.93 -3.53 5.00
CA GLN A 54 6.83 -4.33 4.22
C GLN A 54 7.40 -3.42 3.17
N CYS A 55 8.68 -3.53 2.94
CA CYS A 55 9.32 -2.67 1.97
C CYS A 55 10.13 -3.47 1.03
N VAL A 56 9.67 -3.59 -0.16
CA VAL A 56 10.38 -4.30 -1.16
C VAL A 56 11.09 -3.30 -2.00
N ALA A 57 12.26 -3.65 -2.40
CA ALA A 57 13.22 -2.82 -3.17
C ALA A 57 12.74 -2.40 -4.54
N ILE A 58 11.54 -2.78 -4.84
CA ILE A 58 10.85 -2.48 -6.09
C ILE A 58 11.39 -3.35 -7.25
N ASP A 59 12.52 -3.89 -7.01
CA ASP A 59 13.27 -4.71 -7.94
C ASP A 59 12.60 -6.03 -8.09
N LYS A 60 12.05 -6.46 -7.01
CA LYS A 60 11.44 -7.76 -6.89
C LYS A 60 9.96 -7.65 -6.71
N LEU A 61 9.41 -6.60 -7.27
CA LEU A 61 8.00 -6.42 -7.26
C LEU A 61 7.38 -7.14 -8.45
N LYS A 62 6.20 -6.75 -8.80
CA LYS A 62 5.44 -7.32 -9.84
C LYS A 62 4.65 -6.21 -10.47
N LYS A 63 4.09 -6.52 -11.57
CA LYS A 63 3.32 -5.64 -12.38
C LYS A 63 1.94 -6.22 -12.40
N CYS A 64 1.01 -5.38 -12.32
CA CYS A 64 -0.40 -5.72 -12.28
C CYS A 64 -0.99 -5.73 -13.68
N LYS A 65 -2.22 -6.16 -13.78
CA LYS A 65 -2.91 -6.13 -15.03
C LYS A 65 -4.33 -5.67 -14.81
N SER A 66 -4.87 -4.98 -15.78
CA SER A 66 -6.27 -4.61 -15.76
C SER A 66 -7.17 -5.86 -15.83
N SER A 67 -8.24 -5.84 -15.08
CA SER A 67 -9.25 -6.86 -15.15
C SER A 67 -10.13 -6.58 -16.40
N ASN A 68 -11.03 -7.46 -16.74
CA ASN A 68 -11.84 -7.30 -17.97
C ASN A 68 -13.21 -6.68 -17.67
N LEU A 69 -13.59 -6.67 -16.41
CA LEU A 69 -14.91 -6.15 -16.03
C LEU A 69 -14.78 -4.76 -15.49
N ILE A 70 -13.67 -4.15 -15.75
CA ILE A 70 -13.42 -2.82 -15.31
C ILE A 70 -13.07 -1.94 -16.46
N ILE A 71 -13.34 -0.70 -16.28
CA ILE A 71 -12.99 0.30 -17.23
C ILE A 71 -11.98 1.18 -16.58
N LEU A 72 -10.91 1.45 -17.27
CA LEU A 72 -9.89 2.32 -16.75
C LEU A 72 -9.95 3.61 -17.51
N GLU A 73 -9.10 4.55 -17.14
CA GLU A 73 -8.94 5.76 -17.91
C GLU A 73 -8.36 5.34 -19.26
N GLU A 74 -8.53 6.11 -20.30
CA GLU A 74 -8.08 5.68 -21.61
C GLU A 74 -6.56 5.60 -21.72
N HIS A 75 -5.89 6.16 -20.72
CA HIS A 75 -4.43 6.14 -20.64
C HIS A 75 -4.04 4.73 -20.24
N LEU A 76 -4.92 4.14 -19.47
CA LEU A 76 -4.72 2.90 -18.83
C LEU A 76 -5.35 1.75 -19.59
N LYS A 77 -6.37 2.04 -20.38
CA LYS A 77 -7.07 0.99 -21.13
C LYS A 77 -6.12 0.34 -22.13
N ASN A 78 -5.19 1.14 -22.63
CA ASN A 78 -4.19 0.66 -23.58
C ASN A 78 -2.96 0.20 -22.83
N LYS A 79 -3.02 0.20 -21.50
CA LYS A 79 -1.86 -0.18 -20.73
C LYS A 79 -1.85 -1.65 -20.53
N LYS A 80 -3.01 -2.19 -20.11
CA LYS A 80 -3.23 -3.60 -19.90
C LYS A 80 -2.43 -4.12 -18.68
N GLU A 81 -1.14 -3.90 -18.69
CA GLU A 81 -0.26 -4.28 -17.63
C GLU A 81 0.29 -3.02 -16.99
N PHE A 82 0.09 -2.91 -15.72
CA PHE A 82 0.43 -1.70 -15.00
C PHE A 82 1.59 -1.98 -14.11
N ASP A 83 2.38 -0.99 -13.87
CA ASP A 83 3.55 -1.16 -13.04
C ASP A 83 3.17 -0.79 -11.62
N HIS A 84 3.89 -1.29 -10.62
CA HIS A 84 3.67 -1.02 -9.21
C HIS A 84 3.49 0.50 -8.92
N ASN A 85 2.71 0.78 -7.88
CA ASN A 85 2.47 2.13 -7.32
C ASN A 85 1.69 3.01 -8.29
N SER A 86 1.14 2.42 -9.32
CA SER A 86 0.38 3.18 -10.25
C SER A 86 -0.99 3.48 -9.67
N ASN A 87 -1.22 4.72 -9.36
CA ASN A 87 -2.50 5.15 -8.86
C ASN A 87 -3.39 5.40 -10.04
N ILE A 88 -4.11 4.41 -10.40
CA ILE A 88 -4.98 4.43 -11.53
C ILE A 88 -6.41 4.54 -11.07
N ARG A 89 -7.28 4.52 -12.01
CA ARG A 89 -8.68 4.57 -11.73
C ARG A 89 -9.36 3.51 -12.53
N TYR A 90 -10.25 2.80 -11.91
CA TYR A 90 -11.06 1.85 -12.58
C TYR A 90 -12.48 2.10 -12.15
N ARG A 91 -13.39 1.49 -12.82
CA ARG A 91 -14.78 1.59 -12.50
C ARG A 91 -15.49 0.39 -13.11
N CYS A 92 -16.70 0.14 -12.66
CA CYS A 92 -17.51 -0.93 -13.21
C CYS A 92 -18.22 -0.43 -14.48
N ARG A 93 -18.70 -1.35 -15.31
CA ARG A 93 -19.25 -1.01 -16.63
C ARG A 93 -20.64 -0.41 -16.57
N GLY A 94 -21.40 -0.79 -15.58
CA GLY A 94 -22.73 -0.25 -15.43
C GLY A 94 -22.74 0.84 -14.40
N LYS A 95 -21.56 1.20 -13.97
CA LYS A 95 -21.36 2.23 -12.97
C LYS A 95 -20.54 3.35 -13.57
N GLU A 96 -20.58 4.48 -12.92
CA GLU A 96 -19.72 5.56 -13.26
C GLU A 96 -19.08 6.08 -12.00
N GLY A 97 -18.02 6.82 -12.14
CA GLY A 97 -17.26 7.23 -11.00
C GLY A 97 -16.09 6.29 -10.82
N TRP A 98 -14.98 6.79 -10.38
CA TRP A 98 -13.79 5.99 -10.30
C TRP A 98 -13.44 5.72 -8.86
N ILE A 99 -13.02 4.53 -8.60
CA ILE A 99 -12.73 4.11 -7.23
C ILE A 99 -11.28 4.45 -6.84
N HIS A 100 -10.38 4.51 -7.85
CA HIS A 100 -8.90 4.74 -7.66
C HIS A 100 -8.27 3.52 -7.06
N THR A 101 -7.24 3.04 -7.67
CA THR A 101 -6.55 1.90 -7.13
C THR A 101 -5.05 1.95 -7.48
N VAL A 102 -4.25 1.37 -6.63
CA VAL A 102 -2.81 1.38 -6.75
C VAL A 102 -2.31 -0.03 -7.03
N CYS A 103 -1.43 -0.16 -8.00
CA CYS A 103 -0.82 -1.45 -8.31
C CYS A 103 0.14 -1.85 -7.21
N ILE A 104 -0.19 -2.88 -6.54
CA ILE A 104 0.53 -3.40 -5.45
C ILE A 104 1.06 -4.77 -5.82
N ASN A 105 2.16 -4.74 -6.57
CA ASN A 105 2.90 -5.95 -6.97
C ASN A 105 1.97 -7.02 -7.57
N GLY A 106 1.45 -6.74 -8.74
CA GLY A 106 0.54 -7.66 -9.38
C GLY A 106 -0.88 -7.65 -8.78
N ARG A 107 -1.21 -6.69 -7.95
CA ARG A 107 -2.50 -6.66 -7.29
C ARG A 107 -2.94 -5.24 -7.24
N TRP A 108 -4.13 -4.99 -6.87
CA TRP A 108 -4.62 -3.65 -6.81
C TRP A 108 -4.98 -3.28 -5.39
N ASP A 109 -5.08 -2.01 -5.14
CA ASP A 109 -5.45 -1.51 -3.82
C ASP A 109 -6.21 -0.22 -3.97
N PRO A 110 -7.54 -0.25 -3.83
CA PRO A 110 -8.30 -1.49 -3.57
C PRO A 110 -8.36 -2.43 -4.78
N GLU A 111 -8.28 -3.70 -4.50
CA GLU A 111 -8.43 -4.76 -5.49
C GLU A 111 -9.69 -4.57 -6.29
N VAL A 112 -9.51 -4.46 -7.58
CA VAL A 112 -10.51 -4.20 -8.46
C VAL A 112 -11.35 -5.46 -8.72
N ASN A 113 -12.64 -5.31 -8.62
CA ASN A 113 -13.54 -6.39 -8.91
C ASN A 113 -14.88 -5.83 -9.26
N CYS A 114 -15.32 -6.17 -10.42
CA CYS A 114 -16.65 -5.85 -10.87
C CYS A 114 -17.27 -7.12 -11.42
N SER A 115 -16.66 -8.22 -11.08
CA SER A 115 -17.10 -9.51 -11.47
C SER A 115 -18.14 -9.99 -10.45
N THR A 1 6.48 -0.15 30.11
CA THR A 1 6.83 0.50 28.89
C THR A 1 7.40 -0.55 27.98
N CYS A 2 7.26 -0.36 26.71
CA CYS A 2 7.87 -1.26 25.77
C CYS A 2 9.33 -0.98 25.64
N GLY A 3 9.65 0.24 25.36
CA GLY A 3 10.94 0.63 25.24
C GLY A 3 11.18 1.12 23.88
N ASP A 4 12.43 1.35 23.64
CA ASP A 4 13.00 1.83 22.36
C ASP A 4 12.26 1.29 21.16
N ILE A 5 11.76 2.19 20.36
CA ILE A 5 11.03 1.84 19.19
C ILE A 5 11.89 1.06 18.21
N PRO A 6 11.30 0.14 17.48
CA PRO A 6 12.00 -0.63 16.48
C PRO A 6 12.45 0.21 15.28
N GLU A 7 12.84 -0.44 14.25
CA GLU A 7 13.30 0.17 13.11
C GLU A 7 12.61 -0.51 11.98
N LEU A 8 12.44 0.16 10.94
CA LEU A 8 11.84 -0.41 9.77
C LEU A 8 12.93 -0.78 8.79
N GLU A 9 13.05 -2.08 8.58
CA GLU A 9 14.07 -2.73 7.75
C GLU A 9 14.34 -2.03 6.40
N HIS A 10 13.30 -1.61 5.73
CA HIS A 10 13.48 -0.93 4.44
C HIS A 10 12.69 0.35 4.41
N GLY A 11 12.47 0.93 5.58
CA GLY A 11 11.68 2.13 5.65
C GLY A 11 12.21 3.11 6.68
N TRP A 12 11.32 3.89 7.24
CA TRP A 12 11.70 4.92 8.20
C TRP A 12 10.62 5.06 9.25
N ALA A 13 10.89 5.86 10.24
CA ALA A 13 9.95 6.13 11.29
C ALA A 13 9.38 7.51 11.08
N GLN A 14 8.16 7.69 11.47
CA GLN A 14 7.55 8.99 11.40
C GLN A 14 7.89 9.81 12.63
N LEU A 15 7.30 9.43 13.76
CA LEU A 15 7.51 10.10 15.03
C LEU A 15 6.97 9.16 16.09
N SER A 16 7.66 9.02 17.21
CA SER A 16 7.21 8.20 18.26
C SER A 16 7.08 8.99 19.57
N SER A 17 8.22 9.47 20.03
CA SER A 17 8.37 10.26 21.25
C SER A 17 8.17 9.39 22.52
N PRO A 18 9.26 9.07 23.23
CA PRO A 18 9.19 8.28 24.46
C PRO A 18 8.63 9.11 25.65
N PRO A 19 8.18 8.44 26.74
CA PRO A 19 8.18 7.01 26.87
C PRO A 19 7.28 6.32 25.91
N TYR A 20 7.43 5.10 25.92
CA TYR A 20 6.77 4.23 25.01
C TYR A 20 5.82 3.33 25.76
N TYR A 21 4.71 3.91 26.17
CA TYR A 21 3.74 3.24 26.98
C TYR A 21 2.88 2.26 26.23
N TYR A 22 2.14 1.52 27.00
CA TYR A 22 1.24 0.56 26.46
C TYR A 22 0.05 1.22 25.83
N GLY A 23 -0.25 0.80 24.64
CA GLY A 23 -1.32 1.37 23.91
C GLY A 23 -0.83 2.41 22.92
N ASP A 24 0.44 2.75 23.03
CA ASP A 24 1.06 3.72 22.12
C ASP A 24 1.30 3.10 20.78
N SER A 25 1.36 3.91 19.77
CA SER A 25 1.58 3.44 18.43
C SER A 25 2.51 4.39 17.72
N VAL A 26 3.29 3.88 16.81
CA VAL A 26 4.27 4.68 16.08
C VAL A 26 4.14 4.38 14.63
N GLU A 27 4.12 5.38 13.81
CA GLU A 27 4.00 5.19 12.40
C GLU A 27 5.35 5.04 11.72
N PHE A 28 5.38 4.15 10.76
CA PHE A 28 6.53 3.82 9.96
C PHE A 28 6.04 3.60 8.53
N ASN A 29 6.68 4.23 7.59
CA ASN A 29 6.31 4.06 6.19
C ASN A 29 7.59 3.82 5.46
N CYS A 30 7.59 3.99 4.19
CA CYS A 30 8.78 3.75 3.42
C CYS A 30 9.30 5.07 2.94
N SER A 31 10.59 5.21 2.91
CA SER A 31 11.21 6.46 2.55
C SER A 31 11.07 6.72 1.04
N GLU A 32 11.97 6.17 0.26
CA GLU A 32 11.97 6.31 -1.18
C GLU A 32 12.32 4.97 -1.75
N SER A 33 11.86 4.69 -2.94
CA SER A 33 12.16 3.42 -3.63
C SER A 33 11.55 2.18 -2.97
N PHE A 34 10.67 2.39 -2.05
CA PHE A 34 10.06 1.35 -1.33
C PHE A 34 8.60 1.67 -1.20
N THR A 35 7.85 0.66 -1.17
CA THR A 35 6.44 0.70 -1.08
C THR A 35 5.96 0.04 0.23
N MET A 36 5.03 0.71 0.90
CA MET A 36 4.49 0.28 2.17
C MET A 36 3.27 -0.56 1.95
N ILE A 37 3.30 -1.72 2.47
CA ILE A 37 2.22 -2.66 2.38
C ILE A 37 1.84 -3.12 3.79
N GLY A 38 0.56 -3.34 4.00
CA GLY A 38 0.10 -3.92 5.24
C GLY A 38 -0.45 -2.91 6.20
N HIS A 39 0.43 -2.24 6.88
CA HIS A 39 0.06 -1.32 7.92
C HIS A 39 1.09 -0.22 7.85
N ARG A 40 1.01 0.76 8.69
CA ARG A 40 2.03 1.82 8.70
C ARG A 40 2.42 2.16 10.10
N SER A 41 2.20 1.28 11.00
CA SER A 41 2.45 1.60 12.36
C SER A 41 2.67 0.38 13.19
N ILE A 42 3.10 0.62 14.38
CA ILE A 42 3.32 -0.40 15.35
C ILE A 42 2.56 -0.06 16.60
N THR A 43 2.34 -1.03 17.43
CA THR A 43 1.62 -0.82 18.67
C THR A 43 2.35 -1.48 19.83
N CYS A 44 2.41 -0.81 20.94
CA CYS A 44 3.02 -1.35 22.13
C CYS A 44 1.98 -2.08 22.93
N ILE A 45 2.01 -3.39 22.86
CA ILE A 45 1.09 -4.26 23.53
C ILE A 45 1.81 -5.48 24.04
N HIS A 46 1.38 -5.98 25.20
CA HIS A 46 1.97 -7.20 25.84
C HIS A 46 3.39 -6.99 26.37
N GLY A 47 4.02 -5.90 25.97
CA GLY A 47 5.36 -5.62 26.39
C GLY A 47 6.31 -5.59 25.23
N VAL A 48 5.77 -5.50 24.03
CA VAL A 48 6.56 -5.47 22.85
C VAL A 48 5.79 -4.71 21.80
N TRP A 49 6.47 -4.08 20.91
CA TRP A 49 5.82 -3.48 19.78
C TRP A 49 5.39 -4.57 18.80
N THR A 50 4.52 -4.21 17.91
CA THR A 50 3.98 -5.11 16.95
C THR A 50 4.97 -5.49 15.81
N GLN A 51 4.41 -5.97 14.75
CA GLN A 51 5.12 -6.66 13.68
C GLN A 51 5.78 -5.75 12.65
N LEU A 52 5.59 -4.43 12.78
CA LEU A 52 6.11 -3.43 11.80
C LEU A 52 5.37 -3.53 10.46
N PRO A 53 5.34 -2.45 9.68
CA PRO A 53 4.84 -2.50 8.32
C PRO A 53 5.86 -3.18 7.41
N GLN A 54 5.53 -3.34 6.17
CA GLN A 54 6.44 -3.96 5.28
C GLN A 54 6.75 -3.05 4.11
N CYS A 55 8.01 -2.72 3.98
CA CYS A 55 8.49 -1.90 2.91
C CYS A 55 9.15 -2.74 1.89
N VAL A 56 8.50 -2.86 0.79
CA VAL A 56 8.98 -3.62 -0.27
C VAL A 56 9.66 -2.69 -1.22
N ALA A 57 10.74 -3.15 -1.76
CA ALA A 57 11.64 -2.38 -2.66
C ALA A 57 11.03 -2.02 -3.98
N ILE A 58 9.76 -2.30 -4.10
CA ILE A 58 8.95 -1.99 -5.27
C ILE A 58 9.22 -2.96 -6.44
N ASP A 59 10.31 -3.63 -6.30
CA ASP A 59 10.84 -4.59 -7.22
C ASP A 59 10.14 -5.89 -7.02
N LYS A 60 9.76 -6.08 -5.78
CA LYS A 60 9.18 -7.31 -5.32
C LYS A 60 7.72 -7.09 -5.10
N LEU A 61 7.22 -6.09 -5.78
CA LEU A 61 5.85 -5.84 -5.79
C LEU A 61 5.22 -6.67 -6.89
N LYS A 62 4.01 -6.41 -7.18
CA LYS A 62 3.27 -7.18 -8.08
C LYS A 62 2.83 -6.36 -9.25
N LYS A 63 2.36 -7.05 -10.19
CA LYS A 63 1.91 -6.58 -11.44
C LYS A 63 0.41 -6.69 -11.43
N CYS A 64 -0.18 -5.61 -11.60
CA CYS A 64 -1.60 -5.45 -11.61
C CYS A 64 -2.09 -5.90 -12.95
N LYS A 65 -3.32 -6.23 -13.04
CA LYS A 65 -3.82 -6.74 -14.28
C LYS A 65 -5.09 -6.03 -14.64
N SER A 66 -5.23 -5.73 -15.90
CA SER A 66 -6.42 -5.17 -16.43
C SER A 66 -7.52 -6.24 -16.43
N SER A 67 -8.49 -6.11 -15.53
CA SER A 67 -9.61 -7.01 -15.48
C SER A 67 -10.37 -7.02 -16.81
N ASN A 68 -10.87 -8.17 -17.20
CA ASN A 68 -11.46 -8.36 -18.53
C ASN A 68 -12.88 -7.78 -18.61
N LEU A 69 -13.39 -7.29 -17.50
CA LEU A 69 -14.73 -6.78 -17.49
C LEU A 69 -14.72 -5.26 -17.49
N ILE A 70 -13.57 -4.69 -17.18
CA ILE A 70 -13.47 -3.26 -17.04
C ILE A 70 -12.88 -2.62 -18.29
N ILE A 71 -13.09 -1.35 -18.41
CA ILE A 71 -12.62 -0.59 -19.54
C ILE A 71 -11.58 0.40 -19.05
N LEU A 72 -10.43 0.44 -19.69
CA LEU A 72 -9.38 1.38 -19.32
C LEU A 72 -9.30 2.50 -20.33
N GLU A 73 -8.42 3.45 -20.07
CA GLU A 73 -8.19 4.58 -20.95
C GLU A 73 -7.58 4.12 -22.28
N GLU A 74 -7.53 5.02 -23.25
CA GLU A 74 -7.00 4.71 -24.59
C GLU A 74 -5.49 4.52 -24.56
N HIS A 75 -4.91 4.81 -23.44
CA HIS A 75 -3.49 4.64 -23.26
C HIS A 75 -3.20 3.50 -22.31
N LEU A 76 -4.25 2.91 -21.76
CA LEU A 76 -4.07 1.81 -20.86
C LEU A 76 -4.75 0.53 -21.31
N LYS A 77 -5.59 0.59 -22.35
CA LYS A 77 -6.19 -0.63 -22.89
C LYS A 77 -5.13 -1.44 -23.63
N ASN A 78 -3.99 -0.82 -23.82
CA ASN A 78 -2.84 -1.41 -24.46
C ASN A 78 -1.99 -2.12 -23.41
N LYS A 79 -2.43 -2.06 -22.17
CA LYS A 79 -1.74 -2.60 -21.05
C LYS A 79 -2.58 -3.73 -20.49
N LYS A 80 -2.00 -4.86 -20.28
CA LYS A 80 -2.69 -5.95 -19.64
C LYS A 80 -2.17 -6.11 -18.23
N GLU A 81 -0.94 -5.67 -18.03
CA GLU A 81 -0.28 -5.78 -16.75
C GLU A 81 0.35 -4.47 -16.39
N PHE A 82 0.06 -4.01 -15.22
CA PHE A 82 0.54 -2.74 -14.75
C PHE A 82 1.57 -2.91 -13.67
N ASP A 83 2.10 -1.81 -13.26
CA ASP A 83 3.04 -1.74 -12.17
C ASP A 83 2.39 -0.93 -11.03
N HIS A 84 2.89 -1.12 -9.82
CA HIS A 84 2.41 -0.45 -8.61
C HIS A 84 2.24 1.07 -8.80
N ASN A 85 1.32 1.64 -8.04
CA ASN A 85 1.12 3.09 -7.96
C ASN A 85 0.79 3.76 -9.25
N SER A 86 0.45 2.98 -10.23
CA SER A 86 0.04 3.48 -11.48
C SER A 86 -1.39 3.96 -11.31
N ASN A 87 -1.57 5.26 -11.32
CA ASN A 87 -2.88 5.84 -11.19
C ASN A 87 -3.53 5.86 -12.54
N ILE A 88 -4.45 5.00 -12.74
CA ILE A 88 -5.12 4.86 -14.01
C ILE A 88 -6.59 5.11 -13.82
N ARG A 89 -7.32 4.98 -14.87
CA ARG A 89 -8.73 5.06 -14.79
C ARG A 89 -9.30 3.83 -15.40
N TYR A 90 -10.25 3.28 -14.74
CA TYR A 90 -11.01 2.22 -15.30
C TYR A 90 -12.41 2.67 -15.18
N ARG A 91 -13.26 2.03 -15.85
CA ARG A 91 -14.63 2.29 -15.77
C ARG A 91 -15.31 0.99 -15.93
N CYS A 92 -16.52 0.93 -15.56
CA CYS A 92 -17.22 -0.27 -15.64
C CYS A 92 -18.23 -0.18 -16.76
N ARG A 93 -18.70 -1.30 -17.17
CA ARG A 93 -19.75 -1.38 -18.17
C ARG A 93 -21.08 -0.98 -17.54
N GLY A 94 -21.30 -1.40 -16.29
CA GLY A 94 -22.52 -1.04 -15.58
C GLY A 94 -22.41 0.31 -14.92
N LYS A 95 -21.20 0.76 -14.76
CA LYS A 95 -20.90 2.04 -14.16
C LYS A 95 -20.07 2.81 -15.14
N GLU A 96 -20.72 3.46 -16.06
CA GLU A 96 -20.01 4.08 -17.13
C GLU A 96 -19.54 5.47 -16.73
N GLY A 97 -18.37 5.48 -16.17
CA GLY A 97 -17.70 6.64 -15.73
C GLY A 97 -16.45 6.18 -15.07
N TRP A 98 -15.43 6.97 -15.06
CA TRP A 98 -14.17 6.51 -14.56
C TRP A 98 -14.13 6.66 -13.06
N ILE A 99 -13.51 5.72 -12.42
CA ILE A 99 -13.46 5.73 -10.98
C ILE A 99 -12.09 6.27 -10.49
N HIS A 100 -11.03 6.01 -11.29
CA HIS A 100 -9.60 6.32 -10.96
C HIS A 100 -9.10 5.32 -9.92
N THR A 101 -8.13 4.54 -10.27
CA THR A 101 -7.62 3.56 -9.33
C THR A 101 -6.09 3.52 -9.37
N VAL A 102 -5.52 3.12 -8.27
CA VAL A 102 -4.10 3.06 -8.12
C VAL A 102 -3.71 1.61 -7.90
N CYS A 103 -2.69 1.15 -8.59
CA CYS A 103 -2.24 -0.20 -8.38
C CYS A 103 -1.59 -0.35 -7.03
N ILE A 104 -2.02 -1.32 -6.31
CA ILE A 104 -1.47 -1.64 -5.02
C ILE A 104 -0.97 -3.06 -5.07
N ASN A 105 0.21 -3.22 -5.64
CA ASN A 105 0.87 -4.52 -5.75
C ASN A 105 -0.03 -5.56 -6.39
N GLY A 106 -0.27 -5.41 -7.66
CA GLY A 106 -1.11 -6.36 -8.37
C GLY A 106 -2.59 -6.18 -8.12
N ARG A 107 -2.93 -5.29 -7.24
CA ARG A 107 -4.30 -5.06 -6.87
C ARG A 107 -4.61 -3.66 -7.31
N TRP A 108 -5.81 -3.29 -7.22
CA TRP A 108 -6.22 -1.98 -7.56
C TRP A 108 -6.86 -1.36 -6.37
N ASP A 109 -6.85 -0.06 -6.30
CA ASP A 109 -7.50 0.64 -5.22
C ASP A 109 -8.07 1.92 -5.76
N PRO A 110 -9.39 2.00 -5.93
CA PRO A 110 -10.31 0.89 -5.64
C PRO A 110 -10.19 -0.25 -6.64
N GLU A 111 -10.32 -1.47 -6.13
CA GLU A 111 -10.32 -2.66 -6.96
C GLU A 111 -11.34 -2.53 -8.07
N VAL A 112 -10.90 -2.71 -9.28
CA VAL A 112 -11.70 -2.63 -10.38
C VAL A 112 -12.63 -3.87 -10.42
N ASN A 113 -13.87 -3.70 -10.83
CA ASN A 113 -14.84 -4.77 -10.71
C ASN A 113 -16.06 -4.46 -11.55
N CYS A 114 -16.55 -5.45 -12.23
CA CYS A 114 -17.82 -5.34 -12.95
C CYS A 114 -18.67 -6.60 -12.76
N SER A 115 -18.11 -7.56 -12.06
CA SER A 115 -18.74 -8.83 -11.79
C SER A 115 -17.97 -9.47 -10.65
N THR A 1 4.82 1.09 29.58
CA THR A 1 5.44 1.69 28.46
C THR A 1 6.16 0.61 27.69
N CYS A 2 6.12 0.71 26.43
CA CYS A 2 6.70 -0.24 25.54
C CYS A 2 8.20 -0.16 25.55
N GLY A 3 8.72 0.81 24.84
CA GLY A 3 10.07 0.98 24.76
C GLY A 3 10.39 1.53 23.43
N ASP A 4 11.63 1.88 23.30
CA ASP A 4 12.25 2.39 22.05
C ASP A 4 11.70 1.68 20.84
N ILE A 5 11.30 2.44 19.88
CA ILE A 5 10.73 1.93 18.67
C ILE A 5 11.72 1.05 17.87
N PRO A 6 11.22 0.10 17.12
CA PRO A 6 12.05 -0.77 16.28
C PRO A 6 12.63 -0.02 15.05
N GLU A 7 12.99 -0.79 14.05
CA GLU A 7 13.51 -0.30 12.84
C GLU A 7 12.78 -1.00 11.75
N LEU A 8 12.57 -0.32 10.70
CA LEU A 8 11.91 -0.88 9.58
C LEU A 8 12.91 -1.51 8.63
N GLU A 9 12.65 -2.77 8.34
CA GLU A 9 13.45 -3.67 7.48
C GLU A 9 14.16 -2.96 6.31
N HIS A 10 13.41 -2.25 5.50
CA HIS A 10 13.97 -1.59 4.33
C HIS A 10 13.40 -0.20 4.26
N GLY A 11 13.03 0.31 5.40
CA GLY A 11 12.42 1.61 5.44
C GLY A 11 13.05 2.49 6.47
N TRP A 12 12.27 3.39 7.00
CA TRP A 12 12.73 4.37 7.98
C TRP A 12 11.57 4.72 8.90
N ALA A 13 11.82 5.57 9.84
CA ALA A 13 10.83 6.02 10.76
C ALA A 13 10.51 7.46 10.46
N GLN A 14 9.28 7.83 10.65
CA GLN A 14 8.89 9.19 10.42
C GLN A 14 9.25 10.05 11.61
N LEU A 15 8.60 9.79 12.71
CA LEU A 15 8.84 10.43 13.98
C LEU A 15 8.21 9.51 14.98
N SER A 16 8.85 9.30 16.09
CA SER A 16 8.36 8.42 17.06
C SER A 16 8.38 9.12 18.38
N SER A 17 7.26 9.23 18.92
CA SER A 17 7.07 9.96 20.13
C SER A 17 7.05 9.04 21.37
N PRO A 18 8.08 9.16 22.25
CA PRO A 18 8.14 8.42 23.50
C PRO A 18 7.11 9.01 24.49
N PRO A 19 6.88 8.39 25.66
CA PRO A 19 7.61 7.21 26.20
C PRO A 19 7.26 5.91 25.52
N TYR A 20 6.38 6.00 24.57
CA TYR A 20 5.93 4.88 23.77
C TYR A 20 5.02 4.04 24.64
N TYR A 21 3.84 4.57 24.85
CA TYR A 21 2.82 3.93 25.64
C TYR A 21 2.11 2.84 24.86
N TYR A 22 1.29 2.11 25.56
CA TYR A 22 0.50 1.07 24.95
C TYR A 22 -0.58 1.67 24.11
N GLY A 23 -0.80 1.09 22.96
CA GLY A 23 -1.79 1.58 22.06
C GLY A 23 -1.22 2.63 21.13
N ASP A 24 0.04 2.96 21.34
CA ASP A 24 0.72 3.96 20.52
C ASP A 24 1.07 3.36 19.21
N SER A 25 1.12 4.19 18.23
CA SER A 25 1.49 3.79 16.91
C SER A 25 2.55 4.73 16.39
N VAL A 26 3.39 4.23 15.53
CA VAL A 26 4.44 5.02 14.92
C VAL A 26 4.44 4.72 13.48
N GLU A 27 4.63 5.71 12.68
CA GLU A 27 4.66 5.54 11.28
C GLU A 27 6.07 5.39 10.75
N PHE A 28 6.23 4.37 9.96
CA PHE A 28 7.43 3.98 9.31
C PHE A 28 7.10 3.73 7.86
N ASN A 29 7.74 4.40 6.96
CA ASN A 29 7.48 4.18 5.55
C ASN A 29 8.75 3.72 4.92
N CYS A 30 8.82 3.80 3.64
CA CYS A 30 9.98 3.36 2.95
C CYS A 30 10.63 4.59 2.40
N SER A 31 11.90 4.70 2.67
CA SER A 31 12.70 5.89 2.41
C SER A 31 12.56 6.41 0.98
N GLU A 32 13.21 5.73 0.09
CA GLU A 32 13.25 6.01 -1.31
C GLU A 32 13.67 4.70 -1.87
N SER A 33 13.34 4.40 -3.12
CA SER A 33 13.79 3.17 -3.79
C SER A 33 13.15 1.91 -3.20
N PHE A 34 12.11 2.09 -2.44
CA PHE A 34 11.40 1.06 -1.79
C PHE A 34 9.94 1.38 -1.81
N THR A 35 9.18 0.37 -1.87
CA THR A 35 7.74 0.47 -1.95
C THR A 35 7.17 0.12 -0.56
N MET A 36 6.07 0.71 -0.22
CA MET A 36 5.41 0.46 1.04
C MET A 36 4.20 -0.40 0.76
N ILE A 37 4.19 -1.56 1.32
CA ILE A 37 3.08 -2.47 1.16
C ILE A 37 2.38 -2.74 2.49
N GLY A 38 1.07 -2.54 2.49
CA GLY A 38 0.23 -2.84 3.61
C GLY A 38 -0.26 -1.60 4.28
N HIS A 39 0.47 -1.24 5.27
CA HIS A 39 0.20 -0.16 6.12
C HIS A 39 1.49 0.60 6.33
N ARG A 40 1.51 1.62 7.16
CA ARG A 40 2.75 2.36 7.38
C ARG A 40 3.02 2.57 8.87
N SER A 41 2.32 1.90 9.71
CA SER A 41 2.52 2.12 11.11
C SER A 41 2.75 0.85 11.87
N ILE A 42 3.20 1.01 13.06
CA ILE A 42 3.38 -0.05 13.99
C ILE A 42 2.51 0.22 15.17
N THR A 43 2.22 -0.79 15.94
CA THR A 43 1.37 -0.60 17.10
C THR A 43 1.97 -1.29 18.27
N CYS A 44 2.00 -0.64 19.37
CA CYS A 44 2.47 -1.29 20.54
C CYS A 44 1.33 -1.88 21.29
N ILE A 45 1.41 -3.15 21.43
CA ILE A 45 0.46 -3.95 22.09
C ILE A 45 1.21 -5.06 22.82
N HIS A 46 0.78 -5.39 24.01
CA HIS A 46 1.48 -6.40 24.85
C HIS A 46 2.87 -5.92 25.30
N GLY A 47 3.20 -4.67 25.02
CA GLY A 47 4.49 -4.12 25.40
C GLY A 47 5.48 -4.27 24.29
N VAL A 48 4.97 -4.69 23.16
CA VAL A 48 5.75 -4.99 22.03
C VAL A 48 5.13 -4.28 20.84
N TRP A 49 5.93 -3.73 20.00
CA TRP A 49 5.42 -3.17 18.77
C TRP A 49 5.03 -4.29 17.82
N THR A 50 4.33 -3.95 16.79
CA THR A 50 3.88 -4.89 15.81
C THR A 50 5.02 -5.32 14.87
N GLN A 51 4.64 -5.89 13.79
CA GLN A 51 5.54 -6.52 12.84
C GLN A 51 6.05 -5.55 11.80
N LEU A 52 5.63 -4.29 11.94
CA LEU A 52 6.02 -3.22 11.03
C LEU A 52 5.37 -3.36 9.66
N PRO A 53 5.48 -2.33 8.80
CA PRO A 53 5.06 -2.43 7.41
C PRO A 53 6.08 -3.21 6.56
N GLN A 54 5.83 -3.31 5.28
CA GLN A 54 6.71 -4.05 4.40
C GLN A 54 7.27 -3.12 3.33
N CYS A 55 8.58 -3.08 3.22
CA CYS A 55 9.23 -2.24 2.25
C CYS A 55 9.97 -3.09 1.28
N VAL A 56 9.46 -3.17 0.08
CA VAL A 56 10.10 -3.93 -0.92
C VAL A 56 10.93 -3.00 -1.74
N ALA A 57 12.03 -3.49 -2.19
CA ALA A 57 13.04 -2.71 -2.94
C ALA A 57 12.58 -2.23 -4.29
N ILE A 58 11.35 -2.51 -4.60
CA ILE A 58 10.69 -2.14 -5.85
C ILE A 58 11.17 -3.02 -7.03
N ASP A 59 12.30 -3.60 -6.81
CA ASP A 59 13.06 -4.43 -7.74
C ASP A 59 12.33 -5.71 -7.97
N LYS A 60 11.70 -6.13 -6.94
CA LYS A 60 11.03 -7.40 -6.88
C LYS A 60 9.54 -7.22 -6.71
N LEU A 61 9.02 -6.14 -7.26
CA LEU A 61 7.63 -5.90 -7.23
C LEU A 61 6.97 -6.59 -8.38
N LYS A 62 5.71 -6.42 -8.46
CA LYS A 62 4.92 -7.05 -9.43
C LYS A 62 4.29 -6.02 -10.33
N LYS A 63 3.54 -6.53 -11.21
CA LYS A 63 2.88 -5.80 -12.25
C LYS A 63 1.43 -6.20 -12.23
N CYS A 64 0.62 -5.23 -12.16
CA CYS A 64 -0.81 -5.40 -12.10
C CYS A 64 -1.36 -5.75 -13.44
N LYS A 65 -2.48 -6.38 -13.46
CA LYS A 65 -3.07 -6.78 -14.68
C LYS A 65 -4.43 -6.14 -14.81
N SER A 66 -4.71 -5.63 -15.98
CA SER A 66 -5.99 -5.10 -16.32
C SER A 66 -7.06 -6.20 -16.14
N SER A 67 -8.10 -5.89 -15.39
CA SER A 67 -9.21 -6.81 -15.19
C SER A 67 -10.04 -6.87 -16.50
N ASN A 68 -10.90 -7.85 -16.61
CA ASN A 68 -11.62 -8.10 -17.85
C ASN A 68 -12.89 -7.25 -18.00
N LEU A 69 -13.38 -6.72 -16.91
CA LEU A 69 -14.65 -5.98 -16.97
C LEU A 69 -14.46 -4.50 -16.73
N ILE A 70 -13.23 -4.07 -16.74
CA ILE A 70 -12.92 -2.70 -16.51
C ILE A 70 -12.37 -2.03 -17.74
N ILE A 71 -12.65 -0.78 -17.82
CA ILE A 71 -12.22 0.09 -18.89
C ILE A 71 -11.27 1.07 -18.26
N LEU A 72 -10.16 1.28 -18.89
CA LEU A 72 -9.19 2.20 -18.39
C LEU A 72 -9.17 3.37 -19.30
N GLU A 73 -8.30 4.32 -19.03
CA GLU A 73 -8.10 5.44 -19.92
C GLU A 73 -7.68 4.92 -21.28
N GLU A 74 -7.98 5.66 -22.32
CA GLU A 74 -7.69 5.25 -23.70
C GLU A 74 -6.19 5.00 -23.96
N HIS A 75 -5.35 5.52 -23.06
CA HIS A 75 -3.90 5.38 -23.16
C HIS A 75 -3.41 4.25 -22.27
N LEU A 76 -4.32 3.69 -21.50
CA LEU A 76 -4.02 2.58 -20.65
C LEU A 76 -4.84 1.37 -21.05
N LYS A 77 -5.71 1.58 -22.01
CA LYS A 77 -6.53 0.55 -22.60
C LYS A 77 -5.71 -0.48 -23.36
N ASN A 78 -4.50 -0.12 -23.67
CA ASN A 78 -3.61 -0.98 -24.42
C ASN A 78 -2.56 -1.57 -23.49
N LYS A 79 -2.82 -1.49 -22.20
CA LYS A 79 -1.94 -2.01 -21.21
C LYS A 79 -2.61 -3.21 -20.59
N LYS A 80 -2.08 -4.38 -20.80
CA LYS A 80 -2.64 -5.54 -20.17
C LYS A 80 -2.05 -5.69 -18.77
N GLU A 81 -0.80 -5.27 -18.65
CA GLU A 81 -0.07 -5.36 -17.40
C GLU A 81 0.61 -4.05 -17.09
N PHE A 82 0.24 -3.49 -15.98
CA PHE A 82 0.68 -2.19 -15.55
C PHE A 82 1.82 -2.34 -14.58
N ASP A 83 2.59 -1.32 -14.47
CA ASP A 83 3.71 -1.31 -13.58
C ASP A 83 3.29 -0.72 -12.24
N HIS A 84 3.92 -1.19 -11.16
CA HIS A 84 3.68 -0.71 -9.81
C HIS A 84 3.71 0.83 -9.75
N ASN A 85 2.83 1.37 -8.91
CA ASN A 85 2.77 2.79 -8.60
C ASN A 85 2.29 3.65 -9.75
N SER A 86 1.62 3.04 -10.68
CA SER A 86 1.01 3.78 -11.73
C SER A 86 -0.41 4.08 -11.30
N ASN A 87 -0.74 5.33 -11.23
CA ASN A 87 -2.05 5.77 -10.82
C ASN A 87 -2.92 5.88 -12.05
N ILE A 88 -3.88 5.01 -12.16
CA ILE A 88 -4.74 4.99 -13.32
C ILE A 88 -6.18 5.20 -12.91
N ARG A 89 -7.03 5.19 -13.88
CA ARG A 89 -8.43 5.25 -13.67
C ARG A 89 -9.03 4.08 -14.34
N TYR A 90 -9.97 3.46 -13.69
CA TYR A 90 -10.71 2.40 -14.27
C TYR A 90 -12.14 2.70 -14.05
N ARG A 91 -12.96 2.00 -14.74
CA ARG A 91 -14.37 2.14 -14.64
C ARG A 91 -14.99 0.83 -15.04
N CYS A 92 -16.17 0.61 -14.61
CA CYS A 92 -16.92 -0.54 -15.02
C CYS A 92 -17.68 -0.21 -16.28
N ARG A 93 -18.20 -1.21 -16.95
CA ARG A 93 -18.93 -0.97 -18.16
C ARG A 93 -20.38 -0.64 -17.88
N GLY A 94 -20.91 -1.13 -16.79
CA GLY A 94 -22.26 -0.81 -16.41
C GLY A 94 -22.33 0.40 -15.52
N LYS A 95 -21.19 0.88 -15.12
CA LYS A 95 -21.10 2.01 -14.22
C LYS A 95 -20.17 3.04 -14.83
N GLU A 96 -20.68 4.11 -15.36
CA GLU A 96 -19.82 5.08 -15.98
C GLU A 96 -19.28 6.08 -14.96
N GLY A 97 -18.00 6.05 -14.79
CA GLY A 97 -17.30 6.94 -13.90
C GLY A 97 -16.07 6.26 -13.41
N TRP A 98 -15.05 7.01 -13.18
CA TRP A 98 -13.78 6.43 -12.83
C TRP A 98 -13.65 6.40 -11.33
N ILE A 99 -13.04 5.37 -10.83
CA ILE A 99 -12.86 5.21 -9.40
C ILE A 99 -11.46 5.68 -8.95
N HIS A 100 -10.48 5.57 -9.88
CA HIS A 100 -9.01 5.85 -9.61
C HIS A 100 -8.39 4.72 -8.86
N THR A 101 -7.29 4.21 -9.32
CA THR A 101 -6.60 3.17 -8.59
C THR A 101 -5.09 3.20 -8.86
N VAL A 102 -4.33 2.65 -7.95
CA VAL A 102 -2.88 2.62 -8.06
C VAL A 102 -2.41 1.17 -8.08
N CYS A 103 -1.48 0.86 -8.97
CA CYS A 103 -0.91 -0.48 -9.06
C CYS A 103 -0.02 -0.75 -7.87
N ILE A 104 -0.45 -1.63 -7.06
CA ILE A 104 0.23 -2.00 -5.88
C ILE A 104 0.72 -3.42 -6.01
N ASN A 105 1.89 -3.57 -6.65
CA ASN A 105 2.60 -4.87 -6.72
C ASN A 105 1.69 -5.97 -7.28
N GLY A 106 1.16 -5.77 -8.45
CA GLY A 106 0.30 -6.77 -9.05
C GLY A 106 -1.12 -6.74 -8.54
N ARG A 107 -1.51 -5.65 -7.92
CA ARG A 107 -2.83 -5.52 -7.39
C ARG A 107 -3.19 -4.07 -7.51
N TRP A 108 -4.40 -3.76 -7.36
CA TRP A 108 -4.81 -2.41 -7.47
C TRP A 108 -5.24 -1.88 -6.13
N ASP A 109 -5.31 -0.59 -6.00
CA ASP A 109 -5.80 0.06 -4.79
C ASP A 109 -6.53 1.32 -5.17
N PRO A 110 -7.87 1.35 -5.12
CA PRO A 110 -8.69 0.20 -4.73
C PRO A 110 -8.61 -0.92 -5.77
N GLU A 111 -8.57 -2.15 -5.30
CA GLU A 111 -8.53 -3.31 -6.16
C GLU A 111 -9.72 -3.32 -7.09
N VAL A 112 -9.43 -3.26 -8.36
CA VAL A 112 -10.37 -3.26 -9.34
C VAL A 112 -10.91 -4.67 -9.56
N ASN A 113 -12.18 -4.79 -9.47
CA ASN A 113 -12.86 -6.02 -9.75
C ASN A 113 -14.27 -5.65 -10.08
N CYS A 114 -14.78 -6.14 -11.15
CA CYS A 114 -16.11 -5.78 -11.52
C CYS A 114 -16.91 -7.04 -11.80
N SER A 115 -16.30 -8.15 -11.56
CA SER A 115 -16.88 -9.42 -11.72
C SER A 115 -17.55 -9.85 -10.42
N THR A 1 4.72 -0.88 29.30
CA THR A 1 4.92 -0.15 28.10
C THR A 1 5.73 -1.06 27.21
N CYS A 2 5.67 -0.86 25.95
CA CYS A 2 6.55 -1.57 25.07
C CYS A 2 7.93 -0.96 25.20
N GLY A 3 8.01 0.32 24.93
CA GLY A 3 9.23 1.03 25.09
C GLY A 3 10.14 0.83 23.94
N ASP A 4 10.68 1.94 23.47
CA ASP A 4 11.58 1.98 22.32
C ASP A 4 10.90 1.48 21.06
N ILE A 5 10.58 2.39 20.20
CA ILE A 5 9.99 2.00 18.96
C ILE A 5 11.02 1.29 18.08
N PRO A 6 10.57 0.33 17.28
CA PRO A 6 11.44 -0.42 16.37
C PRO A 6 11.96 0.44 15.20
N GLU A 7 12.42 -0.22 14.18
CA GLU A 7 12.97 0.42 13.06
C GLU A 7 12.40 -0.22 11.84
N LEU A 8 12.20 0.56 10.85
CA LEU A 8 11.74 0.07 9.59
C LEU A 8 12.94 -0.39 8.79
N GLU A 9 12.82 -1.57 8.23
CA GLU A 9 13.85 -2.20 7.40
C GLU A 9 14.42 -1.30 6.31
N HIS A 10 13.55 -0.63 5.58
CA HIS A 10 13.97 0.19 4.44
C HIS A 10 13.16 1.45 4.39
N GLY A 11 12.73 1.90 5.53
CA GLY A 11 11.90 3.08 5.60
C GLY A 11 12.22 3.93 6.79
N TRP A 12 11.21 4.49 7.40
CA TRP A 12 11.38 5.41 8.51
C TRP A 12 10.09 5.45 9.35
N ALA A 13 10.09 6.23 10.39
CA ALA A 13 8.94 6.38 11.22
C ALA A 13 8.29 7.73 10.94
N GLN A 14 7.05 7.84 11.25
CA GLN A 14 6.36 9.10 11.12
C GLN A 14 6.54 9.93 12.36
N LEU A 15 6.08 9.41 13.47
CA LEU A 15 6.16 10.04 14.75
C LEU A 15 5.83 8.99 15.76
N SER A 16 6.60 8.90 16.78
CA SER A 16 6.40 8.01 17.82
C SER A 16 6.38 8.79 19.10
N SER A 17 5.48 8.47 19.96
CA SER A 17 5.35 9.20 21.18
C SER A 17 5.43 8.25 22.38
N PRO A 18 6.53 8.32 23.15
CA PRO A 18 6.72 7.49 24.36
C PRO A 18 5.74 7.92 25.45
N PRO A 19 5.60 7.18 26.57
CA PRO A 19 6.41 5.98 26.93
C PRO A 19 6.15 4.77 26.07
N TYR A 20 5.16 4.89 25.23
CA TYR A 20 4.74 3.84 24.31
C TYR A 20 3.99 2.79 25.09
N TYR A 21 2.78 3.14 25.45
CA TYR A 21 1.94 2.30 26.24
C TYR A 21 1.24 1.29 25.41
N TYR A 22 0.55 0.41 26.08
CA TYR A 22 -0.20 -0.59 25.40
C TYR A 22 -1.40 0.03 24.76
N GLY A 23 -1.52 -0.20 23.50
CA GLY A 23 -2.56 0.37 22.75
C GLY A 23 -2.09 1.54 21.92
N ASP A 24 -0.79 1.81 21.99
CA ASP A 24 -0.21 2.86 21.17
C ASP A 24 0.20 2.32 19.82
N SER A 25 0.18 3.17 18.84
CA SER A 25 0.59 2.81 17.51
C SER A 25 1.52 3.87 16.97
N VAL A 26 2.33 3.49 16.01
CA VAL A 26 3.28 4.37 15.37
C VAL A 26 3.25 4.09 13.91
N GLU A 27 3.25 5.11 13.11
CA GLU A 27 3.22 4.96 11.68
C GLU A 27 4.63 4.89 11.12
N PHE A 28 4.81 4.04 10.13
CA PHE A 28 6.07 3.82 9.45
C PHE A 28 5.81 3.69 7.97
N ASN A 29 6.42 4.55 7.19
CA ASN A 29 6.25 4.55 5.76
C ASN A 29 7.62 4.44 5.12
N CYS A 30 7.71 4.71 3.87
CA CYS A 30 8.99 4.58 3.21
C CYS A 30 9.37 5.96 2.70
N SER A 31 10.64 6.29 2.80
CA SER A 31 11.11 7.63 2.42
C SER A 31 10.82 7.90 0.94
N GLU A 32 11.51 7.20 0.08
CA GLU A 32 11.29 7.20 -1.34
C GLU A 32 12.16 6.13 -1.90
N SER A 33 11.84 5.67 -3.12
CA SER A 33 12.52 4.53 -3.78
C SER A 33 12.14 3.23 -3.10
N PHE A 34 11.20 3.35 -2.22
CA PHE A 34 10.71 2.31 -1.46
C PHE A 34 9.23 2.45 -1.34
N THR A 35 8.59 1.36 -1.34
CA THR A 35 7.17 1.27 -1.27
C THR A 35 6.69 0.51 -0.03
N MET A 36 5.57 0.95 0.51
CA MET A 36 4.96 0.41 1.69
C MET A 36 4.15 -0.81 1.32
N ILE A 37 4.54 -1.90 1.83
CA ILE A 37 3.84 -3.13 1.66
C ILE A 37 3.31 -3.61 2.99
N GLY A 38 2.08 -4.08 2.98
CA GLY A 38 1.49 -4.68 4.14
C GLY A 38 0.65 -3.72 4.93
N HIS A 39 1.29 -2.92 5.73
CA HIS A 39 0.62 -2.02 6.67
C HIS A 39 1.50 -0.80 6.75
N ARG A 40 1.11 0.22 7.50
CA ARG A 40 2.00 1.39 7.65
C ARG A 40 2.12 1.81 9.09
N SER A 41 1.87 0.93 9.99
CA SER A 41 1.90 1.26 11.38
C SER A 41 2.15 0.05 12.22
N ILE A 42 2.55 0.27 13.44
CA ILE A 42 2.81 -0.77 14.38
C ILE A 42 1.93 -0.57 15.57
N THR A 43 1.75 -1.59 16.35
CA THR A 43 0.90 -1.49 17.50
C THR A 43 1.59 -2.11 18.72
N CYS A 44 1.51 -1.44 19.84
CA CYS A 44 2.05 -1.94 21.07
C CYS A 44 1.00 -2.74 21.79
N ILE A 45 1.13 -4.02 21.73
CA ILE A 45 0.22 -4.94 22.35
C ILE A 45 0.99 -6.14 22.80
N HIS A 46 0.42 -6.93 23.71
CA HIS A 46 1.01 -8.20 24.21
C HIS A 46 2.23 -7.94 25.13
N GLY A 47 3.05 -7.03 24.70
CA GLY A 47 4.24 -6.62 25.38
C GLY A 47 5.35 -6.45 24.39
N VAL A 48 5.01 -5.94 23.20
CA VAL A 48 5.95 -5.72 22.13
C VAL A 48 5.19 -5.02 21.02
N TRP A 49 5.88 -4.39 20.14
CA TRP A 49 5.24 -3.82 18.99
C TRP A 49 4.93 -4.93 17.98
N THR A 50 4.21 -4.58 16.95
CA THR A 50 3.84 -5.50 15.93
C THR A 50 4.97 -5.76 14.92
N GLN A 51 4.60 -6.23 13.78
CA GLN A 51 5.49 -6.82 12.81
C GLN A 51 6.20 -5.82 11.89
N LEU A 52 5.87 -4.53 11.99
CA LEU A 52 6.44 -3.48 11.11
C LEU A 52 5.92 -3.63 9.65
N PRO A 53 5.93 -2.54 8.88
CA PRO A 53 5.62 -2.60 7.46
C PRO A 53 6.83 -3.09 6.66
N GLN A 54 6.62 -3.31 5.40
CA GLN A 54 7.67 -3.75 4.54
C GLN A 54 7.93 -2.68 3.48
N CYS A 55 9.10 -2.11 3.51
CA CYS A 55 9.47 -1.11 2.54
C CYS A 55 10.28 -1.74 1.49
N VAL A 56 9.63 -2.01 0.44
CA VAL A 56 10.20 -2.63 -0.67
C VAL A 56 11.00 -1.63 -1.42
N ALA A 57 11.93 -2.10 -2.11
CA ALA A 57 12.82 -1.27 -2.94
C ALA A 57 12.16 -0.86 -4.25
N ILE A 58 10.94 -1.31 -4.39
CA ILE A 58 10.03 -1.01 -5.50
C ILE A 58 10.37 -1.82 -6.76
N ASP A 59 11.57 -2.19 -6.83
CA ASP A 59 12.18 -2.87 -7.96
C ASP A 59 11.67 -4.26 -8.01
N LYS A 60 11.46 -4.76 -6.84
CA LYS A 60 11.08 -6.11 -6.62
C LYS A 60 9.61 -6.24 -6.32
N LEU A 61 8.86 -5.31 -6.84
CA LEU A 61 7.46 -5.24 -6.68
C LEU A 61 6.77 -6.13 -7.68
N LYS A 62 5.48 -6.13 -7.61
CA LYS A 62 4.68 -6.98 -8.37
C LYS A 62 3.97 -6.22 -9.46
N LYS A 63 3.13 -6.91 -10.09
CA LYS A 63 2.37 -6.48 -11.19
C LYS A 63 0.93 -6.67 -10.79
N CYS A 64 0.11 -5.96 -11.38
CA CYS A 64 -1.31 -6.02 -11.13
C CYS A 64 -2.00 -6.57 -12.32
N LYS A 65 -3.24 -6.90 -12.18
CA LYS A 65 -4.00 -7.42 -13.26
C LYS A 65 -5.28 -6.64 -13.38
N SER A 66 -5.69 -6.38 -14.60
CA SER A 66 -6.97 -5.77 -14.86
C SER A 66 -8.10 -6.68 -14.33
N SER A 67 -9.00 -6.10 -13.59
CA SER A 67 -10.10 -6.82 -13.00
C SER A 67 -11.20 -7.16 -14.05
N ASN A 68 -12.22 -7.90 -13.65
CA ASN A 68 -13.22 -8.41 -14.60
C ASN A 68 -14.37 -7.44 -14.90
N LEU A 69 -14.80 -6.66 -13.92
CA LEU A 69 -15.99 -5.85 -14.12
C LEU A 69 -15.65 -4.38 -14.25
N ILE A 70 -14.39 -4.12 -14.42
CA ILE A 70 -13.93 -2.78 -14.58
C ILE A 70 -13.58 -2.54 -16.02
N ILE A 71 -13.62 -1.32 -16.42
CA ILE A 71 -13.25 -0.92 -17.74
C ILE A 71 -12.14 0.09 -17.64
N LEU A 72 -11.09 -0.14 -18.36
CA LEU A 72 -9.96 0.73 -18.39
C LEU A 72 -10.04 1.66 -19.60
N GLU A 73 -9.01 2.44 -19.83
CA GLU A 73 -8.98 3.29 -21.00
C GLU A 73 -8.85 2.46 -22.25
N GLU A 74 -9.17 3.03 -23.40
CA GLU A 74 -9.10 2.33 -24.69
C GLU A 74 -7.67 1.87 -24.97
N HIS A 75 -6.74 2.54 -24.34
CA HIS A 75 -5.32 2.28 -24.51
C HIS A 75 -4.78 1.41 -23.39
N LEU A 76 -5.65 1.01 -22.48
CA LEU A 76 -5.26 0.19 -21.38
C LEU A 76 -6.09 -1.08 -21.23
N LYS A 77 -7.21 -1.19 -21.95
CA LYS A 77 -8.08 -2.39 -21.86
C LYS A 77 -7.43 -3.64 -22.45
N ASN A 78 -6.29 -3.46 -23.08
CA ASN A 78 -5.56 -4.55 -23.67
C ASN A 78 -4.40 -4.93 -22.79
N LYS A 79 -4.28 -4.24 -21.68
CA LYS A 79 -3.23 -4.47 -20.75
C LYS A 79 -3.80 -5.41 -19.71
N LYS A 80 -3.45 -6.64 -19.81
CA LYS A 80 -3.97 -7.63 -18.89
C LYS A 80 -3.24 -7.54 -17.57
N GLU A 81 -1.99 -7.17 -17.64
CA GLU A 81 -1.14 -7.04 -16.47
C GLU A 81 -0.43 -5.73 -16.51
N PHE A 82 -0.55 -5.02 -15.44
CA PHE A 82 0.09 -3.75 -15.25
C PHE A 82 1.19 -3.96 -14.30
N ASP A 83 2.11 -3.07 -14.21
CA ASP A 83 3.12 -3.25 -13.22
C ASP A 83 3.00 -2.17 -12.21
N HIS A 84 3.71 -2.31 -11.12
CA HIS A 84 3.71 -1.36 -10.02
C HIS A 84 3.89 0.11 -10.50
N ASN A 85 3.32 1.01 -9.75
CA ASN A 85 3.44 2.47 -9.96
C ASN A 85 2.66 2.92 -11.19
N SER A 86 1.96 1.99 -11.84
CA SER A 86 1.24 2.32 -13.03
C SER A 86 -0.06 3.02 -12.63
N ASN A 87 -0.16 4.28 -13.01
CA ASN A 87 -1.33 5.09 -12.75
C ASN A 87 -2.30 4.94 -13.89
N ILE A 88 -3.42 4.35 -13.62
CA ILE A 88 -4.43 4.13 -14.62
C ILE A 88 -5.74 4.69 -14.15
N ARG A 89 -6.73 4.58 -14.97
CA ARG A 89 -8.05 4.93 -14.61
C ARG A 89 -8.96 3.84 -15.06
N TYR A 90 -9.75 3.36 -14.15
CA TYR A 90 -10.71 2.34 -14.45
C TYR A 90 -12.05 2.92 -14.13
N ARG A 91 -13.06 2.26 -14.55
CA ARG A 91 -14.40 2.63 -14.31
C ARG A 91 -15.20 1.36 -14.13
N CYS A 92 -16.33 1.50 -13.53
CA CYS A 92 -17.22 0.40 -13.34
C CYS A 92 -18.17 0.31 -14.50
N ARG A 93 -18.52 -0.90 -14.90
CA ARG A 93 -19.51 -1.04 -15.94
C ARG A 93 -20.84 -0.59 -15.38
N GLY A 94 -21.50 0.25 -16.11
CA GLY A 94 -22.74 0.82 -15.67
C GLY A 94 -22.53 2.17 -15.03
N LYS A 95 -21.28 2.50 -14.79
CA LYS A 95 -20.91 3.76 -14.21
C LYS A 95 -20.13 4.56 -15.23
N GLU A 96 -20.35 5.84 -15.31
CA GLU A 96 -19.64 6.64 -16.26
C GLU A 96 -18.79 7.67 -15.54
N GLY A 97 -17.60 7.26 -15.22
CA GLY A 97 -16.65 8.10 -14.58
C GLY A 97 -15.47 7.29 -14.19
N TRP A 98 -14.35 7.92 -13.99
CA TRP A 98 -13.14 7.19 -13.71
C TRP A 98 -12.68 7.48 -12.31
N ILE A 99 -12.11 6.50 -11.67
CA ILE A 99 -11.68 6.64 -10.29
C ILE A 99 -10.19 7.01 -10.20
N HIS A 100 -9.39 6.45 -11.14
CA HIS A 100 -7.91 6.65 -11.22
C HIS A 100 -7.22 5.91 -10.06
N THR A 101 -6.46 4.94 -10.39
CA THR A 101 -5.82 4.10 -9.40
C THR A 101 -4.38 3.77 -9.83
N VAL A 102 -3.58 3.32 -8.88
CA VAL A 102 -2.17 3.03 -9.10
C VAL A 102 -1.88 1.58 -8.68
N CYS A 103 -1.09 0.88 -9.46
CA CYS A 103 -0.70 -0.49 -9.14
C CYS A 103 0.29 -0.50 -7.99
N ILE A 104 -0.15 -0.97 -6.90
CA ILE A 104 0.61 -1.06 -5.70
C ILE A 104 0.88 -2.51 -5.40
N ASN A 105 1.89 -3.06 -6.06
CA ASN A 105 2.35 -4.43 -5.83
C ASN A 105 1.21 -5.45 -5.94
N GLY A 106 0.72 -5.61 -7.13
CA GLY A 106 -0.35 -6.55 -7.37
C GLY A 106 -1.69 -6.12 -6.80
N ARG A 107 -1.82 -4.85 -6.49
CA ARG A 107 -3.03 -4.34 -5.91
C ARG A 107 -3.22 -2.98 -6.48
N TRP A 108 -4.35 -2.45 -6.32
CA TRP A 108 -4.62 -1.16 -6.82
C TRP A 108 -4.82 -0.20 -5.68
N ASP A 109 -4.66 1.06 -5.94
CA ASP A 109 -4.87 2.08 -4.93
C ASP A 109 -5.38 3.33 -5.58
N PRO A 110 -6.67 3.65 -5.42
CA PRO A 110 -7.61 2.83 -4.63
C PRO A 110 -7.91 1.52 -5.33
N GLU A 111 -7.96 0.46 -4.55
CA GLU A 111 -8.26 -0.86 -5.04
C GLU A 111 -9.59 -0.85 -5.75
N VAL A 112 -9.58 -1.35 -6.94
CA VAL A 112 -10.64 -1.33 -7.79
C VAL A 112 -11.73 -2.31 -7.37
N ASN A 113 -12.96 -1.86 -7.43
CA ASN A 113 -14.08 -2.70 -7.09
C ASN A 113 -15.30 -2.27 -7.83
N CYS A 114 -15.71 -3.10 -8.73
CA CYS A 114 -16.91 -2.85 -9.50
C CYS A 114 -17.76 -4.11 -9.49
N SER A 115 -17.54 -4.87 -8.47
CA SER A 115 -18.24 -6.07 -8.22
C SER A 115 -19.11 -5.82 -6.99
N THR A 1 5.41 -0.69 29.79
CA THR A 1 6.01 -0.01 28.68
C THR A 1 6.56 -1.05 27.72
N CYS A 2 6.46 -0.81 26.45
CA CYS A 2 7.01 -1.71 25.44
C CYS A 2 8.52 -1.62 25.35
N GLY A 3 9.01 -0.47 25.05
CA GLY A 3 10.37 -0.29 24.89
C GLY A 3 10.57 0.53 23.68
N ASP A 4 11.75 1.01 23.52
CA ASP A 4 12.12 1.82 22.38
C ASP A 4 11.81 1.12 21.10
N ILE A 5 11.27 1.88 20.21
CA ILE A 5 10.72 1.45 18.97
C ILE A 5 11.67 0.60 18.09
N PRO A 6 11.07 -0.29 17.30
CA PRO A 6 11.79 -1.11 16.33
C PRO A 6 12.28 -0.29 15.12
N GLU A 7 12.64 -0.96 14.07
CA GLU A 7 13.12 -0.33 12.92
C GLU A 7 12.44 -0.94 11.73
N LEU A 8 12.39 -0.19 10.72
CA LEU A 8 11.85 -0.62 9.49
C LEU A 8 12.99 -0.89 8.53
N GLU A 9 13.15 -2.16 8.23
CA GLU A 9 14.24 -2.72 7.39
C GLU A 9 14.55 -1.92 6.12
N HIS A 10 13.55 -1.37 5.46
CA HIS A 10 13.78 -0.62 4.23
C HIS A 10 13.01 0.67 4.25
N GLY A 11 12.75 1.15 5.42
CA GLY A 11 12.01 2.39 5.55
C GLY A 11 12.58 3.24 6.64
N TRP A 12 11.74 3.98 7.29
CA TRP A 12 12.15 4.89 8.35
C TRP A 12 11.04 5.03 9.37
N ALA A 13 11.34 5.72 10.43
CA ALA A 13 10.40 5.96 11.49
C ALA A 13 9.94 7.38 11.40
N GLN A 14 8.68 7.60 11.61
CA GLN A 14 8.14 8.93 11.62
C GLN A 14 8.35 9.60 12.96
N LEU A 15 7.57 9.20 13.96
CA LEU A 15 7.73 9.72 15.30
C LEU A 15 6.89 8.96 16.30
N SER A 16 7.25 9.14 17.54
CA SER A 16 6.66 8.61 18.74
C SER A 16 7.59 9.05 19.87
N SER A 17 7.28 8.72 21.09
CA SER A 17 8.10 9.13 22.20
C SER A 17 8.06 8.09 23.32
N PRO A 18 9.20 7.84 23.98
CA PRO A 18 9.25 6.94 25.12
C PRO A 18 8.50 7.57 26.28
N PRO A 19 8.13 6.83 27.33
CA PRO A 19 8.46 5.38 27.54
C PRO A 19 7.88 4.38 26.55
N TYR A 20 7.05 4.83 25.63
CA TYR A 20 6.39 3.97 24.67
C TYR A 20 5.42 3.08 25.42
N TYR A 21 4.43 3.73 25.96
CA TYR A 21 3.38 3.11 26.72
C TYR A 21 2.52 2.23 25.86
N TYR A 22 1.69 1.46 26.51
CA TYR A 22 0.76 0.61 25.82
C TYR A 22 -0.25 1.45 25.10
N GLY A 23 -0.54 1.07 23.91
CA GLY A 23 -1.46 1.78 23.12
C GLY A 23 -0.79 2.89 22.34
N ASP A 24 0.52 2.92 22.36
CA ASP A 24 1.24 3.90 21.57
C ASP A 24 1.33 3.36 20.19
N SER A 25 1.50 4.22 19.25
CA SER A 25 1.59 3.83 17.89
C SER A 25 2.64 4.67 17.24
N VAL A 26 3.42 4.08 16.42
CA VAL A 26 4.49 4.76 15.75
C VAL A 26 4.33 4.51 14.30
N GLU A 27 4.49 5.51 13.52
CA GLU A 27 4.35 5.38 12.16
C GLU A 27 5.71 5.17 11.52
N PHE A 28 5.73 4.32 10.56
CA PHE A 28 6.90 3.93 9.80
C PHE A 28 6.48 3.83 8.35
N ASN A 29 7.09 4.59 7.51
CA ASN A 29 6.75 4.51 6.10
C ASN A 29 8.02 4.18 5.37
N CYS A 30 7.99 4.35 4.11
CA CYS A 30 9.15 4.09 3.33
C CYS A 30 9.55 5.43 2.82
N SER A 31 10.83 5.71 2.87
CA SER A 31 11.35 7.03 2.51
C SER A 31 10.94 7.34 1.07
N GLU A 32 11.52 6.61 0.17
CA GLU A 32 11.23 6.65 -1.23
C GLU A 32 12.00 5.52 -1.82
N SER A 33 11.67 5.12 -3.04
CA SER A 33 12.31 3.99 -3.74
C SER A 33 11.88 2.66 -3.12
N PHE A 34 10.97 2.78 -2.21
CA PHE A 34 10.41 1.70 -1.48
C PHE A 34 8.96 1.97 -1.30
N THR A 35 8.25 0.94 -1.32
CA THR A 35 6.84 0.91 -1.24
C THR A 35 6.35 0.24 0.05
N MET A 36 5.34 0.84 0.65
CA MET A 36 4.74 0.42 1.89
C MET A 36 3.62 -0.53 1.62
N ILE A 37 3.73 -1.69 2.17
CA ILE A 37 2.71 -2.70 2.09
C ILE A 37 2.27 -3.15 3.48
N GLY A 38 0.96 -3.28 3.66
CA GLY A 38 0.40 -3.84 4.87
C GLY A 38 -0.12 -2.79 5.81
N HIS A 39 0.77 -2.13 6.46
CA HIS A 39 0.45 -1.14 7.47
C HIS A 39 1.44 -0.03 7.28
N ARG A 40 1.33 1.03 8.05
CA ARG A 40 2.36 2.06 8.06
C ARG A 40 2.66 2.45 9.49
N SER A 41 2.12 1.72 10.40
CA SER A 41 2.28 2.04 11.78
C SER A 41 2.35 0.79 12.61
N ILE A 42 2.82 0.96 13.79
CA ILE A 42 2.97 -0.11 14.71
C ILE A 42 2.21 0.23 15.94
N THR A 43 1.94 -0.73 16.75
CA THR A 43 1.21 -0.47 17.97
C THR A 43 1.79 -1.25 19.14
N CYS A 44 1.92 -0.62 20.26
CA CYS A 44 2.39 -1.26 21.46
C CYS A 44 1.24 -1.90 22.17
N ILE A 45 1.11 -3.18 21.98
CA ILE A 45 0.06 -3.98 22.54
C ILE A 45 0.59 -5.31 23.00
N HIS A 46 0.04 -5.83 24.07
CA HIS A 46 0.41 -7.16 24.62
C HIS A 46 1.84 -7.19 25.20
N GLY A 47 2.57 -6.11 25.06
CA GLY A 47 3.90 -6.01 25.58
C GLY A 47 4.94 -5.93 24.50
N VAL A 48 4.51 -5.69 23.28
CA VAL A 48 5.41 -5.62 22.17
C VAL A 48 4.77 -4.75 21.11
N TRP A 49 5.56 -4.21 20.25
CA TRP A 49 5.03 -3.51 19.11
C TRP A 49 4.49 -4.51 18.10
N THR A 50 3.77 -4.02 17.13
CA THR A 50 3.16 -4.85 16.15
C THR A 50 4.16 -5.32 15.08
N GLN A 51 3.62 -5.77 14.00
CA GLN A 51 4.30 -6.51 12.96
C GLN A 51 5.16 -5.65 12.01
N LEU A 52 5.16 -4.33 12.22
CA LEU A 52 5.85 -3.37 11.32
C LEU A 52 5.17 -3.34 9.95
N PRO A 53 5.41 -2.31 9.17
CA PRO A 53 5.02 -2.31 7.78
C PRO A 53 6.07 -3.02 6.93
N GLN A 54 5.79 -3.19 5.68
CA GLN A 54 6.72 -3.82 4.78
C GLN A 54 7.12 -2.83 3.71
N CYS A 55 8.38 -2.50 3.66
CA CYS A 55 8.88 -1.65 2.62
C CYS A 55 9.61 -2.46 1.59
N VAL A 56 8.98 -2.58 0.46
CA VAL A 56 9.52 -3.31 -0.63
C VAL A 56 10.19 -2.32 -1.53
N ALA A 57 11.25 -2.72 -2.13
CA ALA A 57 12.10 -1.88 -3.00
C ALA A 57 11.45 -1.46 -4.31
N ILE A 58 10.19 -1.77 -4.43
CA ILE A 58 9.33 -1.41 -5.57
C ILE A 58 9.60 -2.30 -6.80
N ASP A 59 10.71 -2.93 -6.74
CA ASP A 59 11.22 -3.80 -7.78
C ASP A 59 10.58 -5.14 -7.62
N LYS A 60 10.30 -5.43 -6.38
CA LYS A 60 9.84 -6.73 -5.95
C LYS A 60 8.38 -6.62 -5.61
N LEU A 61 7.77 -5.62 -6.18
CA LEU A 61 6.38 -5.41 -6.03
C LEU A 61 5.65 -6.30 -7.03
N LYS A 62 4.42 -6.03 -7.24
CA LYS A 62 3.63 -6.85 -8.03
C LYS A 62 3.02 -6.07 -9.12
N LYS A 63 2.76 -6.76 -10.13
CA LYS A 63 2.24 -6.28 -11.35
C LYS A 63 0.77 -6.59 -11.40
N CYS A 64 0.05 -5.56 -11.42
CA CYS A 64 -1.39 -5.52 -11.43
C CYS A 64 -1.86 -5.86 -12.80
N LYS A 65 -3.11 -6.13 -12.94
CA LYS A 65 -3.64 -6.44 -14.22
C LYS A 65 -5.03 -5.93 -14.36
N SER A 66 -5.45 -5.84 -15.58
CA SER A 66 -6.81 -5.52 -15.90
C SER A 66 -7.71 -6.66 -15.42
N SER A 67 -8.66 -6.32 -14.58
CA SER A 67 -9.68 -7.24 -14.15
C SER A 67 -10.55 -7.64 -15.36
N ASN A 68 -11.13 -8.80 -15.29
CA ASN A 68 -11.92 -9.39 -16.37
C ASN A 68 -13.11 -8.52 -16.80
N LEU A 69 -13.65 -7.70 -15.91
CA LEU A 69 -14.89 -7.04 -16.24
C LEU A 69 -14.73 -5.54 -16.44
N ILE A 70 -13.60 -5.00 -16.05
CA ILE A 70 -13.40 -3.57 -16.11
C ILE A 70 -12.86 -3.06 -17.42
N ILE A 71 -13.16 -1.83 -17.66
CA ILE A 71 -12.75 -1.13 -18.84
C ILE A 71 -11.77 -0.07 -18.41
N LEU A 72 -10.69 0.05 -19.12
CA LEU A 72 -9.69 1.04 -18.81
C LEU A 72 -9.63 2.04 -19.92
N GLU A 73 -8.78 3.03 -19.77
CA GLU A 73 -8.57 4.01 -20.80
C GLU A 73 -7.78 3.35 -21.92
N GLU A 74 -7.79 3.95 -23.08
CA GLU A 74 -7.17 3.43 -24.28
C GLU A 74 -5.68 3.03 -24.12
N HIS A 75 -4.96 3.66 -23.19
CA HIS A 75 -3.53 3.32 -23.01
C HIS A 75 -3.50 2.01 -22.26
N LEU A 76 -4.44 1.90 -21.36
CA LEU A 76 -4.47 0.90 -20.37
C LEU A 76 -5.24 -0.34 -20.82
N LYS A 77 -6.02 -0.22 -21.88
CA LYS A 77 -6.69 -1.38 -22.45
C LYS A 77 -5.73 -2.22 -23.27
N ASN A 78 -4.53 -1.72 -23.45
CA ASN A 78 -3.49 -2.46 -24.15
C ASN A 78 -2.38 -2.77 -23.16
N LYS A 79 -2.71 -2.58 -21.90
CA LYS A 79 -1.82 -2.83 -20.81
C LYS A 79 -2.32 -4.09 -20.15
N LYS A 80 -1.57 -5.13 -20.24
CA LYS A 80 -2.00 -6.37 -19.65
C LYS A 80 -1.58 -6.44 -18.19
N GLU A 81 -0.49 -5.78 -17.90
CA GLU A 81 0.07 -5.76 -16.57
C GLU A 81 0.58 -4.38 -16.25
N PHE A 82 0.33 -3.96 -15.06
CA PHE A 82 0.65 -2.63 -14.60
C PHE A 82 1.66 -2.73 -13.48
N ASP A 83 2.10 -1.59 -13.00
CA ASP A 83 3.03 -1.53 -11.87
C ASP A 83 2.38 -0.72 -10.78
N HIS A 84 2.92 -0.77 -9.58
CA HIS A 84 2.46 0.08 -8.50
C HIS A 84 2.79 1.54 -8.87
N ASN A 85 1.96 2.48 -8.38
CA ASN A 85 2.08 3.93 -8.65
C ASN A 85 1.43 4.25 -9.99
N SER A 86 0.90 3.23 -10.64
CA SER A 86 0.24 3.48 -11.86
C SER A 86 -1.19 3.92 -11.57
N ASN A 87 -1.42 5.21 -11.76
CA ASN A 87 -2.72 5.81 -11.53
C ASN A 87 -3.50 5.71 -12.79
N ILE A 88 -4.40 4.77 -12.80
CA ILE A 88 -5.19 4.52 -13.97
C ILE A 88 -6.63 4.87 -13.70
N ARG A 89 -7.43 4.71 -14.69
CA ARG A 89 -8.82 4.94 -14.57
C ARG A 89 -9.51 3.74 -15.12
N TYR A 90 -10.39 3.19 -14.36
CA TYR A 90 -11.17 2.09 -14.80
C TYR A 90 -12.59 2.47 -14.70
N ARG A 91 -13.41 1.68 -15.28
CA ARG A 91 -14.80 1.84 -15.22
C ARG A 91 -15.42 0.47 -15.38
N CYS A 92 -16.68 0.39 -15.20
CA CYS A 92 -17.36 -0.85 -15.28
C CYS A 92 -18.29 -0.81 -16.46
N ARG A 93 -18.72 -1.96 -16.90
CA ARG A 93 -19.73 -2.07 -17.90
C ARG A 93 -21.03 -1.80 -17.17
N GLY A 94 -21.56 -0.65 -17.36
CA GLY A 94 -22.71 -0.30 -16.62
C GLY A 94 -22.47 0.93 -15.80
N LYS A 95 -21.33 0.97 -15.15
CA LYS A 95 -20.95 2.14 -14.41
C LYS A 95 -20.03 2.94 -15.28
N GLU A 96 -20.62 3.83 -16.01
CA GLU A 96 -19.92 4.69 -16.92
C GLU A 96 -19.29 5.85 -16.17
N GLY A 97 -18.19 6.31 -16.66
CA GLY A 97 -17.42 7.29 -15.95
C GLY A 97 -16.29 6.58 -15.27
N TRP A 98 -15.23 7.27 -15.02
CA TRP A 98 -14.05 6.62 -14.50
C TRP A 98 -13.95 6.82 -13.02
N ILE A 99 -13.56 5.78 -12.34
CA ILE A 99 -13.51 5.81 -10.89
C ILE A 99 -12.13 6.29 -10.38
N HIS A 100 -11.05 5.96 -11.14
CA HIS A 100 -9.61 6.30 -10.78
C HIS A 100 -9.09 5.34 -9.74
N THR A 101 -7.99 4.68 -10.02
CA THR A 101 -7.40 3.78 -9.06
C THR A 101 -5.89 3.71 -9.26
N VAL A 102 -5.20 3.39 -8.18
CA VAL A 102 -3.75 3.30 -8.17
C VAL A 102 -3.40 1.88 -7.83
N CYS A 103 -2.46 1.31 -8.55
CA CYS A 103 -2.06 -0.05 -8.26
C CYS A 103 -1.37 -0.16 -6.92
N ILE A 104 -1.77 -1.12 -6.17
CA ILE A 104 -1.17 -1.48 -4.91
C ILE A 104 -0.70 -2.93 -5.00
N ASN A 105 0.50 -3.10 -5.58
CA ASN A 105 1.16 -4.41 -5.73
C ASN A 105 0.22 -5.49 -6.24
N GLY A 106 -0.13 -5.43 -7.48
CA GLY A 106 -0.99 -6.44 -8.06
C GLY A 106 -2.46 -6.26 -7.71
N ARG A 107 -2.79 -5.24 -6.96
CA ARG A 107 -4.16 -4.96 -6.63
C ARG A 107 -4.37 -3.50 -6.94
N TRP A 108 -5.54 -3.03 -6.84
CA TRP A 108 -5.85 -1.67 -7.11
C TRP A 108 -6.37 -0.97 -5.87
N ASP A 109 -6.34 0.35 -5.89
CA ASP A 109 -6.92 1.14 -4.81
C ASP A 109 -7.53 2.41 -5.39
N PRO A 110 -8.86 2.51 -5.41
CA PRO A 110 -9.77 1.45 -4.92
C PRO A 110 -9.73 0.25 -5.84
N GLU A 111 -9.76 -0.94 -5.25
CA GLU A 111 -9.79 -2.14 -6.01
C GLU A 111 -10.97 -2.14 -6.94
N VAL A 112 -10.69 -2.34 -8.19
CA VAL A 112 -11.60 -2.30 -9.21
C VAL A 112 -12.61 -3.44 -9.08
N ASN A 113 -13.86 -3.13 -9.24
CA ASN A 113 -14.89 -4.12 -9.16
C ASN A 113 -16.00 -3.72 -10.09
N CYS A 114 -16.38 -4.60 -10.94
CA CYS A 114 -17.44 -4.35 -11.87
C CYS A 114 -18.59 -5.31 -11.64
N SER A 115 -18.31 -6.39 -10.95
CA SER A 115 -19.29 -7.38 -10.64
C SER A 115 -19.10 -7.78 -9.18
N THR A 1 6.09 0.84 30.31
CA THR A 1 6.70 1.34 29.12
C THR A 1 7.24 0.20 28.30
N CYS A 2 7.18 0.39 27.05
CA CYS A 2 7.60 -0.54 26.06
C CYS A 2 9.09 -0.57 25.95
N GLY A 3 9.63 0.44 25.33
CA GLY A 3 10.97 0.57 25.15
C GLY A 3 11.22 1.20 23.84
N ASP A 4 12.46 1.37 23.58
CA ASP A 4 13.02 1.89 22.32
C ASP A 4 12.29 1.34 21.12
N ILE A 5 11.84 2.25 20.29
CA ILE A 5 11.14 1.88 19.10
C ILE A 5 12.04 1.09 18.15
N PRO A 6 11.47 0.18 17.41
CA PRO A 6 12.20 -0.64 16.44
C PRO A 6 12.65 0.15 15.20
N GLU A 7 13.05 -0.57 14.18
CA GLU A 7 13.52 -0.01 12.99
C GLU A 7 12.74 -0.63 11.88
N LEU A 8 12.82 -0.04 10.77
CA LEU A 8 12.21 -0.53 9.59
C LEU A 8 13.27 -0.81 8.55
N GLU A 9 13.47 -2.09 8.28
CA GLU A 9 14.53 -2.63 7.43
C GLU A 9 14.74 -1.89 6.09
N HIS A 10 13.68 -1.47 5.43
CA HIS A 10 13.83 -0.75 4.16
C HIS A 10 13.04 0.53 4.20
N GLY A 11 12.73 1.00 5.38
CA GLY A 11 11.93 2.18 5.51
C GLY A 11 12.61 3.22 6.35
N TRP A 12 11.84 3.88 7.17
CA TRP A 12 12.34 4.92 8.06
C TRP A 12 11.31 5.09 9.15
N ALA A 13 11.57 5.95 10.07
CA ALA A 13 10.63 6.23 11.10
C ALA A 13 10.11 7.61 10.87
N GLN A 14 8.94 7.88 11.34
CA GLN A 14 8.38 9.21 11.22
C GLN A 14 8.72 10.03 12.43
N LEU A 15 8.07 9.75 13.51
CA LEU A 15 8.33 10.39 14.76
C LEU A 15 7.84 9.46 15.83
N SER A 16 8.62 9.26 16.82
CA SER A 16 8.28 8.39 17.87
C SER A 16 8.56 9.04 19.19
N SER A 17 7.52 9.33 19.87
CA SER A 17 7.56 10.07 21.11
C SER A 17 7.67 9.10 22.32
N PRO A 18 8.84 9.11 23.01
CA PRO A 18 9.03 8.30 24.21
C PRO A 18 8.21 8.90 25.36
N PRO A 19 8.10 8.25 26.53
CA PRO A 19 8.83 6.99 26.90
C PRO A 19 8.36 5.76 26.18
N TYR A 20 7.30 5.89 25.43
CA TYR A 20 6.72 4.78 24.67
C TYR A 20 5.90 3.92 25.62
N TYR A 21 4.70 4.33 25.80
CA TYR A 21 3.75 3.71 26.66
C TYR A 21 2.94 2.68 25.93
N TYR A 22 2.13 1.99 26.69
CA TYR A 22 1.28 0.98 26.13
C TYR A 22 0.13 1.62 25.40
N GLY A 23 -0.16 1.09 24.26
CA GLY A 23 -1.19 1.63 23.46
C GLY A 23 -0.66 2.66 22.49
N ASP A 24 0.63 2.97 22.61
CA ASP A 24 1.28 3.93 21.72
C ASP A 24 1.50 3.30 20.38
N SER A 25 1.43 4.11 19.37
CA SER A 25 1.67 3.66 18.04
C SER A 25 2.69 4.57 17.40
N VAL A 26 3.42 4.05 16.47
CA VAL A 26 4.41 4.82 15.74
C VAL A 26 4.27 4.47 14.30
N GLU A 27 4.25 5.44 13.46
CA GLU A 27 4.09 5.19 12.07
C GLU A 27 5.42 5.13 11.36
N PHE A 28 5.49 4.22 10.44
CA PHE A 28 6.65 3.94 9.65
C PHE A 28 6.18 3.68 8.27
N ASN A 29 6.76 4.33 7.33
CA ASN A 29 6.41 4.10 6.02
C ASN A 29 7.67 3.83 5.29
N CYS A 30 7.62 3.84 4.03
CA CYS A 30 8.76 3.49 3.28
C CYS A 30 9.29 4.73 2.63
N SER A 31 10.54 4.96 2.90
CA SER A 31 11.27 6.19 2.59
C SER A 31 11.02 6.69 1.15
N GLU A 32 11.70 6.10 0.20
CA GLU A 32 11.55 6.39 -1.21
C GLU A 32 11.96 5.14 -1.89
N SER A 33 11.40 4.84 -3.06
CA SER A 33 11.72 3.62 -3.82
C SER A 33 11.19 2.34 -3.17
N PHE A 34 10.40 2.50 -2.17
CA PHE A 34 9.85 1.42 -1.45
C PHE A 34 8.39 1.65 -1.25
N THR A 35 7.68 0.59 -1.26
CA THR A 35 6.23 0.59 -1.17
C THR A 35 5.68 0.86 0.28
N MET A 36 5.00 -0.14 0.84
CA MET A 36 4.45 -0.24 2.17
C MET A 36 3.49 -1.42 2.13
N ILE A 37 3.84 -2.50 2.73
CA ILE A 37 2.97 -3.66 2.76
C ILE A 37 2.61 -3.99 4.19
N GLY A 38 1.40 -4.43 4.40
CA GLY A 38 0.97 -4.91 5.69
C GLY A 38 0.32 -3.85 6.54
N HIS A 39 1.10 -2.91 6.98
CA HIS A 39 0.66 -1.90 7.90
C HIS A 39 1.56 -0.71 7.67
N ARG A 40 1.38 0.36 8.41
CA ARG A 40 2.33 1.49 8.33
C ARG A 40 2.60 2.03 9.71
N SER A 41 2.34 1.26 10.69
CA SER A 41 2.51 1.69 12.04
C SER A 41 2.71 0.50 12.93
N ILE A 42 3.22 0.76 14.09
CA ILE A 42 3.45 -0.24 15.04
C ILE A 42 2.66 0.09 16.27
N THR A 43 2.40 -0.88 17.04
CA THR A 43 1.62 -0.71 18.23
C THR A 43 2.31 -1.35 19.37
N CYS A 44 2.36 -0.68 20.46
CA CYS A 44 2.91 -1.28 21.59
C CYS A 44 1.82 -1.85 22.42
N ILE A 45 1.82 -3.11 22.46
CA ILE A 45 0.92 -3.88 23.20
C ILE A 45 1.70 -4.98 23.82
N HIS A 46 1.22 -5.51 24.94
CA HIS A 46 1.84 -6.65 25.66
C HIS A 46 3.08 -6.17 26.44
N GLY A 47 3.87 -5.38 25.79
CA GLY A 47 5.08 -4.83 26.33
C GLY A 47 6.12 -4.72 25.26
N VAL A 48 5.69 -4.61 24.02
CA VAL A 48 6.58 -4.61 22.90
C VAL A 48 5.80 -4.07 21.71
N TRP A 49 6.48 -3.75 20.68
CA TRP A 49 5.87 -3.28 19.48
C TRP A 49 5.39 -4.44 18.59
N THR A 50 4.68 -4.10 17.55
CA THR A 50 4.07 -5.03 16.65
C THR A 50 5.00 -5.51 15.51
N GLN A 51 4.38 -5.96 14.45
CA GLN A 51 4.98 -6.62 13.31
C GLN A 51 5.84 -5.70 12.46
N LEU A 52 5.54 -4.40 12.52
CA LEU A 52 6.16 -3.38 11.65
C LEU A 52 5.68 -3.52 10.20
N PRO A 53 5.72 -2.45 9.42
CA PRO A 53 5.36 -2.52 8.01
C PRO A 53 6.42 -3.25 7.19
N GLN A 54 6.14 -3.43 5.95
CA GLN A 54 7.03 -4.12 5.06
C GLN A 54 7.35 -3.20 3.89
N CYS A 55 8.59 -2.88 3.73
CA CYS A 55 9.00 -1.99 2.69
C CYS A 55 9.65 -2.72 1.58
N VAL A 56 8.93 -2.88 0.52
CA VAL A 56 9.44 -3.56 -0.62
C VAL A 56 9.85 -2.54 -1.63
N ALA A 57 10.86 -2.84 -2.37
CA ALA A 57 11.47 -1.94 -3.38
C ALA A 57 10.55 -1.63 -4.56
N ILE A 58 9.33 -2.14 -4.47
CA ILE A 58 8.28 -1.99 -5.47
C ILE A 58 8.55 -2.87 -6.72
N ASP A 59 9.78 -3.27 -6.81
CA ASP A 59 10.35 -4.05 -7.87
C ASP A 59 9.83 -5.46 -7.77
N LYS A 60 9.64 -5.85 -6.54
CA LYS A 60 9.29 -7.22 -6.18
C LYS A 60 7.84 -7.29 -5.82
N LEU A 61 7.13 -6.31 -6.26
CA LEU A 61 5.73 -6.22 -6.04
C LEU A 61 5.01 -7.05 -7.04
N LYS A 62 3.75 -6.91 -7.01
CA LYS A 62 2.91 -7.58 -7.87
C LYS A 62 2.24 -6.56 -8.71
N LYS A 63 1.98 -6.97 -9.84
CA LYS A 63 1.46 -6.17 -10.88
C LYS A 63 0.04 -6.56 -11.14
N CYS A 64 -0.78 -5.60 -10.96
CA CYS A 64 -2.22 -5.70 -11.15
C CYS A 64 -2.53 -5.90 -12.62
N LYS A 65 -3.69 -6.35 -12.94
CA LYS A 65 -3.98 -6.63 -14.30
C LYS A 65 -5.23 -5.92 -14.78
N SER A 66 -5.18 -5.50 -16.01
CA SER A 66 -6.32 -4.98 -16.70
C SER A 66 -7.36 -6.09 -16.93
N SER A 67 -8.50 -5.98 -16.29
CA SER A 67 -9.60 -6.90 -16.54
C SER A 67 -10.15 -6.64 -17.95
N ASN A 68 -10.78 -7.61 -18.53
CA ASN A 68 -11.32 -7.48 -19.89
C ASN A 68 -12.68 -6.84 -19.91
N LEU A 69 -13.27 -6.75 -18.76
CA LEU A 69 -14.65 -6.28 -18.65
C LEU A 69 -14.69 -4.80 -18.33
N ILE A 70 -13.54 -4.24 -18.14
CA ILE A 70 -13.41 -2.87 -17.82
C ILE A 70 -12.64 -2.12 -18.85
N ILE A 71 -12.94 -0.89 -18.93
CA ILE A 71 -12.35 -0.01 -19.86
C ILE A 71 -11.44 0.91 -19.10
N LEU A 72 -10.21 1.01 -19.53
CA LEU A 72 -9.27 1.91 -18.89
C LEU A 72 -9.04 3.07 -19.81
N GLU A 73 -8.14 3.94 -19.45
CA GLU A 73 -7.81 5.05 -20.30
C GLU A 73 -6.94 4.63 -21.46
N GLU A 74 -6.72 5.55 -22.38
CA GLU A 74 -5.89 5.31 -23.57
C GLU A 74 -4.48 4.91 -23.16
N HIS A 75 -4.05 5.45 -22.03
CA HIS A 75 -2.71 5.27 -21.51
C HIS A 75 -2.63 4.15 -20.52
N LEU A 76 -3.75 3.48 -20.32
CA LEU A 76 -3.81 2.41 -19.39
C LEU A 76 -4.25 1.09 -20.01
N LYS A 77 -4.99 1.16 -21.12
CA LYS A 77 -5.49 -0.05 -21.77
C LYS A 77 -4.36 -0.90 -22.34
N ASN A 78 -3.22 -0.28 -22.64
CA ASN A 78 -2.10 -1.04 -23.15
C ASN A 78 -1.29 -1.61 -22.02
N LYS A 79 -1.68 -1.29 -20.81
CA LYS A 79 -0.99 -1.80 -19.67
C LYS A 79 -1.80 -2.95 -19.17
N LYS A 80 -1.28 -4.11 -19.33
CA LYS A 80 -1.98 -5.30 -18.93
C LYS A 80 -1.56 -5.66 -17.54
N GLU A 81 -0.38 -5.21 -17.19
CA GLU A 81 0.17 -5.43 -15.88
C GLU A 81 0.59 -4.11 -15.32
N PHE A 82 -0.17 -3.65 -14.39
CA PHE A 82 -0.01 -2.35 -13.82
C PHE A 82 0.92 -2.40 -12.65
N ASP A 83 1.62 -1.34 -12.48
CA ASP A 83 2.55 -1.17 -11.40
C ASP A 83 1.83 -0.58 -10.21
N HIS A 84 2.23 -0.99 -9.02
CA HIS A 84 1.64 -0.52 -7.78
C HIS A 84 1.75 0.99 -7.65
N ASN A 85 0.73 1.58 -7.02
CA ASN A 85 0.63 3.02 -6.72
C ASN A 85 0.08 3.76 -7.92
N SER A 86 -0.27 3.04 -8.96
CA SER A 86 -0.79 3.67 -10.10
C SER A 86 -2.28 3.86 -9.96
N ASN A 87 -2.66 5.12 -9.87
CA ASN A 87 -4.04 5.51 -9.73
C ASN A 87 -4.64 5.60 -11.09
N ILE A 88 -5.17 4.53 -11.52
CA ILE A 88 -5.75 4.45 -12.80
C ILE A 88 -7.22 4.71 -12.66
N ARG A 89 -7.90 4.59 -13.73
CA ARG A 89 -9.29 4.70 -13.74
C ARG A 89 -9.87 3.72 -14.67
N TYR A 90 -10.70 2.89 -14.14
CA TYR A 90 -11.43 1.95 -14.93
C TYR A 90 -12.82 2.45 -14.95
N ARG A 91 -13.57 1.87 -15.79
CA ARG A 91 -14.94 2.07 -15.87
C ARG A 91 -15.52 0.79 -16.36
N CYS A 92 -16.67 0.49 -15.92
CA CYS A 92 -17.29 -0.74 -16.30
C CYS A 92 -17.85 -0.58 -17.68
N ARG A 93 -18.26 -1.66 -18.28
CA ARG A 93 -18.85 -1.61 -19.61
C ARG A 93 -20.28 -1.06 -19.57
N GLY A 94 -20.77 -0.75 -18.38
CA GLY A 94 -22.05 -0.12 -18.22
C GLY A 94 -21.91 1.30 -17.69
N LYS A 95 -20.71 1.67 -17.32
CA LYS A 95 -20.43 2.98 -16.77
C LYS A 95 -19.57 3.78 -17.76
N GLU A 96 -19.88 5.04 -17.94
CA GLU A 96 -19.09 5.87 -18.84
C GLU A 96 -18.22 6.85 -18.06
N GLY A 97 -18.29 6.68 -16.81
CA GLY A 97 -17.56 7.49 -15.88
C GLY A 97 -16.54 6.64 -15.21
N TRP A 98 -15.52 7.25 -14.69
CA TRP A 98 -14.42 6.51 -14.14
C TRP A 98 -14.53 6.44 -12.65
N ILE A 99 -14.18 5.32 -12.10
CA ILE A 99 -14.30 5.11 -10.68
C ILE A 99 -12.99 5.49 -9.96
N HIS A 100 -11.85 5.28 -10.67
CA HIS A 100 -10.47 5.52 -10.14
C HIS A 100 -10.09 4.44 -9.14
N THR A 101 -9.01 3.77 -9.39
CA THR A 101 -8.55 2.73 -8.51
C THR A 101 -7.02 2.69 -8.49
N VAL A 102 -6.46 2.18 -7.44
CA VAL A 102 -5.03 2.16 -7.27
C VAL A 102 -4.54 0.72 -7.27
N CYS A 103 -3.49 0.46 -8.03
CA CYS A 103 -2.87 -0.86 -8.07
C CYS A 103 -2.18 -1.12 -6.76
N ILE A 104 -2.62 -2.11 -6.08
CA ILE A 104 -2.11 -2.49 -4.81
C ILE A 104 -1.57 -3.91 -4.89
N ASN A 105 -0.28 -4.05 -5.24
CA ASN A 105 0.44 -5.34 -5.28
C ASN A 105 -0.40 -6.45 -5.92
N GLY A 106 -0.72 -6.25 -7.16
CA GLY A 106 -1.52 -7.22 -7.88
C GLY A 106 -2.98 -7.22 -7.46
N ARG A 107 -3.52 -6.06 -7.15
CA ARG A 107 -4.90 -5.93 -6.77
C ARG A 107 -5.29 -4.51 -7.01
N TRP A 108 -6.51 -4.23 -7.01
CA TRP A 108 -6.97 -2.90 -7.20
C TRP A 108 -7.63 -2.41 -5.94
N ASP A 109 -7.75 -1.12 -5.81
CA ASP A 109 -8.43 -0.52 -4.69
C ASP A 109 -9.07 0.77 -5.14
N PRO A 110 -10.39 0.77 -5.38
CA PRO A 110 -11.26 -0.42 -5.22
C PRO A 110 -11.01 -1.48 -6.29
N GLU A 111 -11.08 -2.73 -5.86
CA GLU A 111 -10.95 -3.90 -6.74
C GLU A 111 -11.82 -3.76 -7.97
N VAL A 112 -11.22 -3.89 -9.13
CA VAL A 112 -11.93 -3.74 -10.36
C VAL A 112 -12.64 -5.04 -10.72
N ASN A 113 -13.95 -4.99 -10.77
CA ASN A 113 -14.76 -6.13 -11.04
C ASN A 113 -16.12 -5.72 -11.53
N CYS A 114 -16.45 -6.17 -12.68
CA CYS A 114 -17.76 -5.95 -13.26
C CYS A 114 -18.59 -7.21 -13.22
N SER A 115 -17.93 -8.33 -13.04
CA SER A 115 -18.57 -9.62 -12.98
C SER A 115 -17.64 -10.56 -12.24
N THR A 1 5.10 -1.23 29.55
CA THR A 1 5.67 -0.50 28.47
C THR A 1 6.45 -1.46 27.58
N CYS A 2 6.49 -1.15 26.33
CA CYS A 2 7.29 -1.91 25.40
C CYS A 2 8.76 -1.51 25.51
N GLY A 3 9.07 -0.36 24.99
CA GLY A 3 10.36 0.13 25.02
C GLY A 3 10.61 0.83 23.74
N ASP A 4 11.83 1.12 23.50
CA ASP A 4 12.32 1.82 22.31
C ASP A 4 11.77 1.19 21.06
N ILE A 5 11.25 2.01 20.21
CA ILE A 5 10.61 1.57 18.99
C ILE A 5 11.57 0.76 18.07
N PRO A 6 11.01 -0.16 17.28
CA PRO A 6 11.78 -1.01 16.36
C PRO A 6 12.33 -0.26 15.12
N GLU A 7 12.64 -1.01 14.09
CA GLU A 7 13.18 -0.53 12.90
C GLU A 7 12.32 -0.98 11.77
N LEU A 8 12.44 -0.31 10.72
CA LEU A 8 11.74 -0.64 9.51
C LEU A 8 12.77 -1.19 8.56
N GLU A 9 12.49 -2.36 7.98
CA GLU A 9 13.43 -3.08 7.10
C GLU A 9 14.10 -2.19 6.03
N HIS A 10 13.33 -1.35 5.38
CA HIS A 10 13.89 -0.48 4.32
C HIS A 10 13.24 0.87 4.38
N GLY A 11 12.82 1.22 5.56
CA GLY A 11 12.14 2.47 5.75
C GLY A 11 12.65 3.19 6.95
N TRP A 12 11.79 3.90 7.61
CA TRP A 12 12.13 4.73 8.74
C TRP A 12 10.95 4.88 9.66
N ALA A 13 11.15 5.59 10.73
CA ALA A 13 10.11 5.89 11.67
C ALA A 13 9.80 7.34 11.54
N GLN A 14 8.57 7.71 11.75
CA GLN A 14 8.20 9.11 11.75
C GLN A 14 8.74 9.78 12.99
N LEU A 15 8.08 9.57 14.11
CA LEU A 15 8.48 10.11 15.40
C LEU A 15 7.45 9.64 16.42
N SER A 16 7.93 9.22 17.55
CA SER A 16 7.09 8.87 18.65
C SER A 16 7.85 9.26 19.92
N SER A 17 7.40 8.85 21.07
CA SER A 17 8.00 9.26 22.29
C SER A 17 7.78 8.19 23.36
N PRO A 18 8.82 7.90 24.20
CA PRO A 18 8.71 6.96 25.31
C PRO A 18 7.68 7.46 26.34
N PRO A 19 7.26 6.64 27.32
CA PRO A 19 7.81 5.29 27.63
C PRO A 19 7.45 4.21 26.64
N TYR A 20 6.54 4.54 25.75
CA TYR A 20 6.04 3.61 24.74
C TYR A 20 5.12 2.61 25.43
N TYR A 21 3.91 3.06 25.66
CA TYR A 21 2.91 2.34 26.38
C TYR A 21 2.16 1.38 25.54
N TYR A 22 1.41 0.55 26.19
CA TYR A 22 0.55 -0.37 25.49
C TYR A 22 -0.56 0.41 24.86
N GLY A 23 -0.73 0.18 23.61
CA GLY A 23 -1.72 0.89 22.88
C GLY A 23 -1.11 1.99 22.04
N ASP A 24 0.16 2.33 22.32
CA ASP A 24 0.84 3.34 21.52
C ASP A 24 1.12 2.82 20.15
N SER A 25 1.04 3.68 19.19
CA SER A 25 1.30 3.33 17.82
C SER A 25 2.25 4.33 17.23
N VAL A 26 3.06 3.90 16.28
CA VAL A 26 4.07 4.77 15.68
C VAL A 26 4.10 4.56 14.19
N GLU A 27 3.94 5.63 13.44
CA GLU A 27 4.05 5.58 11.99
C GLU A 27 5.47 5.24 11.52
N PHE A 28 5.50 4.36 10.58
CA PHE A 28 6.68 3.87 9.91
C PHE A 28 6.34 3.78 8.44
N ASN A 29 7.01 4.57 7.65
CA ASN A 29 6.73 4.65 6.23
C ASN A 29 8.02 4.37 5.50
N CYS A 30 8.05 4.60 4.24
CA CYS A 30 9.24 4.34 3.50
C CYS A 30 9.74 5.65 2.98
N SER A 31 11.03 5.84 3.06
CA SER A 31 11.65 7.11 2.69
C SER A 31 11.32 7.54 1.25
N GLU A 32 12.00 6.93 0.32
CA GLU A 32 11.86 7.15 -1.11
C GLU A 32 12.39 5.90 -1.72
N SER A 33 12.03 5.60 -2.96
CA SER A 33 12.50 4.40 -3.67
C SER A 33 12.01 3.10 -3.04
N PHE A 34 11.10 3.22 -2.12
CA PHE A 34 10.54 2.13 -1.41
C PHE A 34 9.08 2.42 -1.19
N THR A 35 8.36 1.38 -1.22
CA THR A 35 6.95 1.37 -1.07
C THR A 35 6.55 0.66 0.24
N MET A 36 5.58 1.26 0.94
CA MET A 36 5.08 0.76 2.19
C MET A 36 3.98 -0.21 1.92
N ILE A 37 4.15 -1.35 2.45
CA ILE A 37 3.17 -2.39 2.37
C ILE A 37 2.81 -2.88 3.77
N GLY A 38 1.53 -3.00 4.02
CA GLY A 38 1.08 -3.55 5.27
C GLY A 38 0.19 -2.59 6.01
N HIS A 39 0.81 -1.78 6.80
CA HIS A 39 0.16 -0.80 7.64
C HIS A 39 1.21 0.21 7.90
N ARG A 40 0.84 1.42 7.99
CA ARG A 40 1.86 2.48 8.07
C ARG A 40 2.34 2.74 9.52
N SER A 41 2.03 1.87 10.42
CA SER A 41 2.36 2.08 11.79
C SER A 41 2.43 0.79 12.55
N ILE A 42 2.96 0.88 13.74
CA ILE A 42 3.14 -0.25 14.61
C ILE A 42 2.32 -0.07 15.85
N THR A 43 2.13 -1.13 16.60
CA THR A 43 1.34 -1.04 17.82
C THR A 43 2.02 -1.80 18.96
N CYS A 44 2.10 -1.19 20.11
CA CYS A 44 2.67 -1.83 21.28
C CYS A 44 1.64 -2.70 21.97
N ILE A 45 1.80 -3.99 21.82
CA ILE A 45 0.93 -5.02 22.35
C ILE A 45 1.74 -6.24 22.78
N HIS A 46 1.32 -6.91 23.83
CA HIS A 46 2.03 -8.12 24.36
C HIS A 46 3.42 -7.80 24.94
N GLY A 47 3.80 -6.55 24.89
CA GLY A 47 5.11 -6.13 25.34
C GLY A 47 6.09 -6.13 24.20
N VAL A 48 5.56 -5.98 23.01
CA VAL A 48 6.30 -5.98 21.79
C VAL A 48 5.55 -5.03 20.86
N TRP A 49 6.22 -4.43 19.95
CA TRP A 49 5.51 -3.72 18.91
C TRP A 49 4.99 -4.71 17.87
N THR A 50 4.29 -4.23 16.89
CA THR A 50 3.71 -5.09 15.90
C THR A 50 4.71 -5.54 14.83
N GLN A 51 4.17 -6.14 13.81
CA GLN A 51 4.95 -6.80 12.76
C GLN A 51 5.68 -5.86 11.84
N LEU A 52 5.30 -4.57 11.87
CA LEU A 52 5.95 -3.52 11.06
C LEU A 52 5.67 -3.64 9.55
N PRO A 53 5.59 -2.50 8.84
CA PRO A 53 5.35 -2.51 7.42
C PRO A 53 6.54 -3.04 6.63
N GLN A 54 6.32 -3.27 5.40
CA GLN A 54 7.29 -3.84 4.53
C GLN A 54 7.64 -2.82 3.47
N CYS A 55 8.81 -2.23 3.60
CA CYS A 55 9.27 -1.28 2.62
C CYS A 55 9.94 -2.01 1.51
N VAL A 56 9.23 -2.18 0.46
CA VAL A 56 9.70 -2.85 -0.68
C VAL A 56 10.27 -1.85 -1.63
N ALA A 57 11.33 -2.23 -2.26
CA ALA A 57 12.15 -1.38 -3.18
C ALA A 57 11.42 -0.91 -4.43
N ILE A 58 10.19 -1.28 -4.52
CA ILE A 58 9.25 -0.91 -5.57
C ILE A 58 9.47 -1.75 -6.84
N ASP A 59 10.58 -2.38 -6.87
CA ASP A 59 11.03 -3.18 -7.97
C ASP A 59 10.42 -4.55 -7.87
N LYS A 60 10.20 -4.93 -6.64
CA LYS A 60 9.67 -6.22 -6.31
C LYS A 60 8.25 -6.13 -5.77
N LEU A 61 7.54 -5.13 -6.22
CA LEU A 61 6.19 -4.94 -5.86
C LEU A 61 5.32 -5.78 -6.76
N LYS A 62 4.08 -5.75 -6.49
CA LYS A 62 3.15 -6.51 -7.17
C LYS A 62 2.46 -5.70 -8.20
N LYS A 63 2.20 -6.36 -9.20
CA LYS A 63 1.61 -5.91 -10.40
C LYS A 63 0.15 -6.21 -10.38
N CYS A 64 -0.61 -5.18 -10.31
CA CYS A 64 -2.05 -5.25 -10.32
C CYS A 64 -2.53 -5.72 -11.65
N LYS A 65 -3.49 -6.56 -11.65
CA LYS A 65 -3.94 -7.14 -12.84
C LYS A 65 -5.29 -6.59 -13.24
N SER A 66 -5.42 -6.29 -14.51
CA SER A 66 -6.68 -5.87 -15.09
C SER A 66 -7.82 -6.88 -14.75
N SER A 67 -8.93 -6.37 -14.32
CA SER A 67 -10.12 -7.15 -14.09
C SER A 67 -10.84 -7.41 -15.43
N ASN A 68 -11.78 -8.33 -15.44
CA ASN A 68 -12.41 -8.77 -16.69
C ASN A 68 -13.69 -8.01 -17.05
N LEU A 69 -14.30 -7.33 -16.09
CA LEU A 69 -15.56 -6.64 -16.38
C LEU A 69 -15.42 -5.13 -16.32
N ILE A 70 -14.20 -4.68 -16.33
CA ILE A 70 -13.89 -3.30 -16.37
C ILE A 70 -13.20 -2.94 -17.63
N ILE A 71 -13.42 -1.76 -18.03
CA ILE A 71 -12.90 -1.25 -19.26
C ILE A 71 -11.82 -0.25 -18.90
N LEU A 72 -10.67 -0.39 -19.50
CA LEU A 72 -9.59 0.54 -19.25
C LEU A 72 -9.38 1.42 -20.46
N GLU A 73 -8.45 2.33 -20.36
CA GLU A 73 -8.16 3.21 -21.46
C GLU A 73 -7.33 2.47 -22.50
N GLU A 74 -7.10 3.10 -23.63
CA GLU A 74 -6.33 2.51 -24.74
C GLU A 74 -4.84 2.33 -24.36
N HIS A 75 -4.44 2.87 -23.22
CA HIS A 75 -3.06 2.75 -22.77
C HIS A 75 -2.97 1.55 -21.86
N LEU A 76 -4.12 1.10 -21.40
CA LEU A 76 -4.18 0.10 -20.38
C LEU A 76 -4.84 -1.18 -20.83
N LYS A 77 -5.60 -1.15 -21.90
CA LYS A 77 -6.35 -2.33 -22.32
C LYS A 77 -5.49 -3.51 -22.68
N ASN A 78 -4.27 -3.25 -23.09
CA ASN A 78 -3.35 -4.32 -23.37
C ASN A 78 -2.37 -4.50 -22.23
N LYS A 79 -2.61 -3.80 -21.14
CA LYS A 79 -1.77 -3.91 -19.98
C LYS A 79 -2.47 -4.86 -19.06
N LYS A 80 -2.09 -6.10 -19.12
CA LYS A 80 -2.73 -7.10 -18.30
C LYS A 80 -2.33 -6.94 -16.85
N GLU A 81 -1.15 -6.45 -16.64
CA GLU A 81 -0.63 -6.22 -15.31
C GLU A 81 0.07 -4.89 -15.24
N PHE A 82 -0.39 -4.09 -14.33
CA PHE A 82 0.03 -2.75 -14.14
C PHE A 82 0.98 -2.72 -12.97
N ASP A 83 1.81 -1.76 -12.89
CA ASP A 83 2.76 -1.70 -11.80
C ASP A 83 2.29 -0.75 -10.73
N HIS A 84 2.76 -0.94 -9.49
CA HIS A 84 2.36 -0.07 -8.39
C HIS A 84 2.71 1.36 -8.66
N ASN A 85 1.76 2.22 -8.32
CA ASN A 85 1.80 3.67 -8.49
C ASN A 85 1.36 4.04 -9.89
N SER A 86 0.78 3.09 -10.61
CA SER A 86 0.27 3.40 -11.89
C SER A 86 -1.14 3.90 -11.73
N ASN A 87 -1.34 5.14 -12.13
CA ASN A 87 -2.62 5.78 -12.03
C ASN A 87 -3.36 5.57 -13.31
N ILE A 88 -4.34 4.74 -13.24
CA ILE A 88 -5.13 4.39 -14.38
C ILE A 88 -6.54 4.79 -14.10
N ARG A 89 -7.41 4.46 -14.98
CA ARG A 89 -8.77 4.69 -14.74
C ARG A 89 -9.53 3.61 -15.40
N TYR A 90 -10.39 3.01 -14.65
CA TYR A 90 -11.23 1.99 -15.14
C TYR A 90 -12.60 2.56 -15.22
N ARG A 91 -13.44 1.86 -15.83
CA ARG A 91 -14.80 2.19 -15.88
C ARG A 91 -15.53 0.89 -15.86
N CYS A 92 -16.71 0.91 -15.40
CA CYS A 92 -17.45 -0.28 -15.28
C CYS A 92 -18.34 -0.37 -16.50
N ARG A 93 -18.79 -1.56 -16.84
CA ARG A 93 -19.60 -1.75 -18.04
C ARG A 93 -20.96 -1.02 -17.95
N GLY A 94 -21.42 -0.77 -16.73
CA GLY A 94 -22.63 0.00 -16.55
C GLY A 94 -22.36 1.42 -16.12
N LYS A 95 -21.10 1.75 -15.96
CA LYS A 95 -20.71 3.09 -15.55
C LYS A 95 -20.07 3.85 -16.69
N GLU A 96 -20.80 4.74 -17.30
CA GLU A 96 -20.25 5.58 -18.34
C GLU A 96 -19.54 6.75 -17.67
N GLY A 97 -18.32 6.49 -17.36
CA GLY A 97 -17.48 7.43 -16.69
C GLY A 97 -16.38 6.68 -15.99
N TRP A 98 -15.22 7.26 -15.94
CA TRP A 98 -14.06 6.61 -15.36
C TRP A 98 -13.96 6.99 -13.90
N ILE A 99 -13.51 6.07 -13.09
CA ILE A 99 -13.45 6.31 -11.66
C ILE A 99 -12.05 6.74 -11.22
N HIS A 100 -11.04 6.31 -12.00
CA HIS A 100 -9.58 6.58 -11.75
C HIS A 100 -9.11 5.76 -10.56
N THR A 101 -8.10 4.95 -10.73
CA THR A 101 -7.59 4.13 -9.65
C THR A 101 -6.07 3.97 -9.74
N VAL A 102 -5.43 3.68 -8.64
CA VAL A 102 -4.00 3.52 -8.57
C VAL A 102 -3.65 2.11 -8.12
N CYS A 103 -2.69 1.51 -8.80
CA CYS A 103 -2.20 0.19 -8.45
C CYS A 103 -1.44 0.24 -7.16
N ILE A 104 -1.90 -0.47 -6.19
CA ILE A 104 -1.31 -0.56 -4.89
C ILE A 104 -0.90 -2.00 -4.64
N ASN A 105 0.31 -2.36 -5.08
CA ASN A 105 0.92 -3.68 -4.87
C ASN A 105 -0.06 -4.84 -5.12
N GLY A 106 -0.44 -4.99 -6.36
CA GLY A 106 -1.38 -6.03 -6.74
C GLY A 106 -2.85 -5.74 -6.33
N ARG A 107 -3.19 -4.48 -6.14
CA ARG A 107 -4.53 -4.13 -5.78
C ARG A 107 -4.80 -2.76 -6.33
N TRP A 108 -5.99 -2.36 -6.36
CA TRP A 108 -6.33 -1.09 -6.90
C TRP A 108 -6.87 -0.21 -5.82
N ASP A 109 -6.79 1.08 -6.01
CA ASP A 109 -7.34 2.02 -5.06
C ASP A 109 -7.81 3.25 -5.81
N PRO A 110 -9.13 3.43 -5.98
CA PRO A 110 -10.16 2.51 -5.46
C PRO A 110 -10.11 1.15 -6.16
N GLU A 111 -10.28 0.11 -5.39
CA GLU A 111 -10.24 -1.25 -5.85
C GLU A 111 -11.22 -1.46 -7.01
N VAL A 112 -10.76 -2.12 -8.04
CA VAL A 112 -11.53 -2.33 -9.22
C VAL A 112 -12.16 -3.70 -9.23
N ASN A 113 -13.47 -3.74 -9.22
CA ASN A 113 -14.20 -4.99 -9.27
C ASN A 113 -15.61 -4.73 -9.74
N CYS A 114 -15.95 -5.25 -10.87
CA CYS A 114 -17.31 -5.20 -11.38
C CYS A 114 -17.77 -6.60 -11.65
N SER A 115 -17.02 -7.52 -11.12
CA SER A 115 -17.24 -8.91 -11.32
C SER A 115 -17.86 -9.49 -10.05
N THR A 1 6.73 -0.46 29.78
CA THR A 1 7.04 0.38 28.66
C THR A 1 7.77 -0.50 27.69
N CYS A 2 7.58 -0.33 26.45
CA CYS A 2 8.37 -1.07 25.50
C CYS A 2 9.77 -0.50 25.47
N GLY A 3 9.89 0.70 25.02
CA GLY A 3 11.09 1.33 24.97
C GLY A 3 11.32 1.76 23.60
N ASP A 4 12.56 1.91 23.31
CA ASP A 4 13.10 2.34 22.02
C ASP A 4 12.33 1.78 20.86
N ILE A 5 11.86 2.66 20.02
CA ILE A 5 11.14 2.25 18.86
C ILE A 5 12.07 1.58 17.85
N PRO A 6 11.56 0.62 17.13
CA PRO A 6 12.33 -0.11 16.13
C PRO A 6 12.62 0.75 14.89
N GLU A 7 13.03 0.11 13.84
CA GLU A 7 13.30 0.73 12.63
C GLU A 7 12.68 -0.09 11.58
N LEU A 8 12.50 0.48 10.49
CA LEU A 8 11.90 -0.15 9.39
C LEU A 8 12.93 -0.49 8.35
N GLU A 9 13.03 -1.79 8.12
CA GLU A 9 13.97 -2.45 7.21
C GLU A 9 14.32 -1.67 5.94
N HIS A 10 13.32 -1.10 5.29
CA HIS A 10 13.54 -0.35 4.05
C HIS A 10 12.72 0.93 4.09
N GLY A 11 12.41 1.38 5.27
CA GLY A 11 11.56 2.54 5.41
C GLY A 11 12.07 3.50 6.45
N TRP A 12 11.16 4.10 7.18
CA TRP A 12 11.51 5.07 8.20
C TRP A 12 10.38 5.20 9.22
N ALA A 13 10.61 5.96 10.25
CA ALA A 13 9.65 6.20 11.28
C ALA A 13 9.12 7.59 11.15
N GLN A 14 7.87 7.77 11.47
CA GLN A 14 7.27 9.06 11.46
C GLN A 14 7.43 9.77 12.81
N LEU A 15 6.57 9.43 13.77
CA LEU A 15 6.57 10.09 15.07
C LEU A 15 5.84 9.23 16.11
N SER A 16 6.25 9.37 17.38
CA SER A 16 5.57 8.75 18.51
C SER A 16 6.05 9.35 19.83
N SER A 17 7.36 9.33 20.01
CA SER A 17 8.08 9.83 21.18
C SER A 17 7.87 8.97 22.45
N PRO A 18 8.93 8.80 23.29
CA PRO A 18 8.91 7.92 24.50
C PRO A 18 7.90 8.40 25.57
N PRO A 19 7.72 7.65 26.70
CA PRO A 19 8.49 6.41 27.04
C PRO A 19 8.06 5.17 26.31
N TYR A 20 6.99 5.31 25.56
CA TYR A 20 6.44 4.25 24.72
C TYR A 20 5.75 3.21 25.57
N TYR A 21 4.53 3.49 25.93
CA TYR A 21 3.73 2.61 26.75
C TYR A 21 3.01 1.56 25.96
N TYR A 22 2.39 0.67 26.66
CA TYR A 22 1.61 -0.37 26.05
C TYR A 22 0.39 0.21 25.42
N GLY A 23 0.12 -0.21 24.24
CA GLY A 23 -0.99 0.29 23.50
C GLY A 23 -0.56 1.37 22.53
N ASP A 24 0.63 1.94 22.77
CA ASP A 24 1.16 3.01 21.92
C ASP A 24 1.50 2.51 20.57
N SER A 25 1.49 3.39 19.62
CA SER A 25 1.77 3.06 18.28
C SER A 25 2.70 4.09 17.68
N VAL A 26 3.40 3.72 16.64
CA VAL A 26 4.35 4.58 15.97
C VAL A 26 4.18 4.38 14.50
N GLU A 27 4.02 5.46 13.77
CA GLU A 27 3.84 5.36 12.34
C GLU A 27 5.16 5.10 11.64
N PHE A 28 5.10 4.22 10.68
CA PHE A 28 6.23 3.80 9.89
C PHE A 28 5.80 3.65 8.46
N ASN A 29 6.52 4.24 7.56
CA ASN A 29 6.21 4.16 6.16
C ASN A 29 7.50 3.96 5.44
N CYS A 30 7.48 4.16 4.18
CA CYS A 30 8.64 3.97 3.37
C CYS A 30 8.93 5.30 2.76
N SER A 31 10.19 5.64 2.70
CA SER A 31 10.62 6.94 2.20
C SER A 31 10.22 7.14 0.72
N GLU A 32 10.98 6.56 -0.17
CA GLU A 32 10.75 6.56 -1.58
C GLU A 32 11.28 5.27 -2.09
N SER A 33 10.87 4.86 -3.29
CA SER A 33 11.33 3.63 -3.93
C SER A 33 10.79 2.37 -3.27
N PHE A 34 10.13 2.55 -2.17
CA PHE A 34 9.64 1.50 -1.40
C PHE A 34 8.22 1.76 -1.06
N THR A 35 7.52 0.73 -0.99
CA THR A 35 6.16 0.73 -0.69
C THR A 35 5.87 0.00 0.61
N MET A 36 4.89 0.52 1.33
CA MET A 36 4.45 0.01 2.58
C MET A 36 3.42 -1.06 2.36
N ILE A 37 3.69 -2.18 2.89
CA ILE A 37 2.77 -3.28 2.93
C ILE A 37 2.54 -3.65 4.39
N GLY A 38 1.32 -3.91 4.74
CA GLY A 38 1.01 -4.37 6.06
C GLY A 38 0.20 -3.34 6.80
N HIS A 39 0.88 -2.47 7.50
CA HIS A 39 0.24 -1.44 8.28
C HIS A 39 1.22 -0.36 8.53
N ARG A 40 0.76 0.83 8.52
CA ARG A 40 1.63 2.01 8.63
C ARG A 40 2.05 2.36 10.05
N SER A 41 1.90 1.47 10.97
CA SER A 41 2.21 1.75 12.33
C SER A 41 2.41 0.48 13.10
N ILE A 42 3.18 0.58 14.14
CA ILE A 42 3.50 -0.54 15.00
C ILE A 42 2.73 -0.39 16.28
N THR A 43 2.72 -1.42 17.09
CA THR A 43 2.02 -1.33 18.36
C THR A 43 2.82 -1.98 19.48
N CYS A 44 2.89 -1.32 20.61
CA CYS A 44 3.58 -1.86 21.76
C CYS A 44 2.65 -2.78 22.53
N ILE A 45 2.92 -4.06 22.39
CA ILE A 45 2.16 -5.12 22.99
C ILE A 45 3.08 -6.22 23.48
N HIS A 46 2.74 -6.85 24.58
CA HIS A 46 3.51 -7.98 25.18
C HIS A 46 4.87 -7.54 25.75
N GLY A 47 5.27 -6.30 25.46
CA GLY A 47 6.55 -5.77 25.90
C GLY A 47 7.46 -5.53 24.73
N VAL A 48 6.90 -5.61 23.55
CA VAL A 48 7.60 -5.53 22.31
C VAL A 48 6.70 -4.76 21.36
N TRP A 49 7.25 -4.12 20.40
CA TRP A 49 6.44 -3.54 19.36
C TRP A 49 6.02 -4.63 18.39
N THR A 50 5.15 -4.30 17.47
CA THR A 50 4.72 -5.23 16.49
C THR A 50 5.81 -5.48 15.44
N GLN A 51 5.43 -6.07 14.38
CA GLN A 51 6.34 -6.64 13.40
C GLN A 51 6.88 -5.64 12.40
N LEU A 52 6.41 -4.38 12.48
CA LEU A 52 6.76 -3.30 11.51
C LEU A 52 6.04 -3.57 10.19
N PRO A 53 5.83 -2.54 9.36
CA PRO A 53 5.33 -2.74 8.03
C PRO A 53 6.40 -3.38 7.13
N GLN A 54 6.06 -3.61 5.93
CA GLN A 54 6.94 -4.23 4.98
C GLN A 54 7.22 -3.26 3.86
N CYS A 55 8.40 -2.69 3.85
CA CYS A 55 8.77 -1.80 2.77
C CYS A 55 9.40 -2.56 1.67
N VAL A 56 8.65 -2.76 0.64
CA VAL A 56 9.09 -3.47 -0.48
C VAL A 56 9.51 -2.48 -1.51
N ALA A 57 10.52 -2.82 -2.23
CA ALA A 57 11.17 -1.99 -3.27
C ALA A 57 10.28 -1.70 -4.45
N ILE A 58 9.06 -2.13 -4.34
CA ILE A 58 8.00 -1.92 -5.30
C ILE A 58 8.14 -2.88 -6.50
N ASP A 59 9.32 -3.42 -6.63
CA ASP A 59 9.67 -4.35 -7.65
C ASP A 59 9.09 -5.70 -7.33
N LYS A 60 9.00 -5.96 -6.05
CA LYS A 60 8.59 -7.25 -5.56
C LYS A 60 7.15 -7.17 -5.09
N LEU A 61 6.48 -6.18 -5.61
CA LEU A 61 5.11 -5.96 -5.39
C LEU A 61 4.35 -6.81 -6.38
N LYS A 62 3.08 -6.70 -6.35
CA LYS A 62 2.28 -7.50 -7.17
C LYS A 62 1.92 -6.70 -8.37
N LYS A 63 1.54 -7.42 -9.31
CA LYS A 63 1.18 -6.97 -10.59
C LYS A 63 -0.30 -6.97 -10.66
N CYS A 64 -0.80 -5.82 -10.74
CA CYS A 64 -2.19 -5.58 -10.85
C CYS A 64 -2.61 -5.96 -12.23
N LYS A 65 -3.78 -6.38 -12.38
CA LYS A 65 -4.18 -6.86 -13.65
C LYS A 65 -5.42 -6.18 -14.11
N SER A 66 -5.43 -5.81 -15.37
CA SER A 66 -6.57 -5.24 -15.99
C SER A 66 -7.69 -6.27 -16.00
N SER A 67 -8.73 -6.00 -15.26
CA SER A 67 -9.88 -6.84 -15.29
C SER A 67 -10.46 -6.79 -16.72
N ASN A 68 -10.79 -7.92 -17.27
CA ASN A 68 -11.26 -7.99 -18.67
C ASN A 68 -12.71 -7.50 -18.79
N LEU A 69 -13.24 -7.04 -17.70
CA LEU A 69 -14.60 -6.55 -17.64
C LEU A 69 -14.59 -5.03 -17.75
N ILE A 70 -13.46 -4.45 -17.43
CA ILE A 70 -13.33 -3.01 -17.38
C ILE A 70 -12.62 -2.47 -18.57
N ILE A 71 -12.70 -1.19 -18.69
CA ILE A 71 -12.03 -0.49 -19.72
C ILE A 71 -11.12 0.51 -19.06
N LEU A 72 -9.92 0.51 -19.48
CA LEU A 72 -8.92 1.42 -19.02
C LEU A 72 -8.66 2.38 -20.14
N GLU A 73 -7.73 3.28 -19.97
CA GLU A 73 -7.44 4.22 -21.03
C GLU A 73 -6.70 3.52 -22.18
N GLU A 74 -6.46 4.23 -23.25
CA GLU A 74 -5.94 3.64 -24.48
C GLU A 74 -4.43 3.36 -24.41
N HIS A 75 -3.83 3.59 -23.27
CA HIS A 75 -2.44 3.17 -23.05
C HIS A 75 -2.49 2.00 -22.10
N LEU A 76 -3.58 1.93 -21.36
CA LEU A 76 -3.69 1.04 -20.23
C LEU A 76 -4.47 -0.22 -20.56
N LYS A 77 -5.18 -0.23 -21.68
CA LYS A 77 -5.87 -1.45 -22.12
C LYS A 77 -4.82 -2.41 -22.68
N ASN A 78 -3.69 -1.83 -23.04
CA ASN A 78 -2.52 -2.53 -23.54
C ASN A 78 -1.68 -3.02 -22.36
N LYS A 79 -2.10 -2.67 -21.18
CA LYS A 79 -1.41 -3.02 -19.99
C LYS A 79 -2.22 -4.10 -19.33
N LYS A 80 -1.73 -5.30 -19.37
CA LYS A 80 -2.44 -6.36 -18.70
C LYS A 80 -2.00 -6.38 -17.27
N GLU A 81 -0.73 -6.12 -17.08
CA GLU A 81 -0.13 -6.10 -15.79
C GLU A 81 0.40 -4.73 -15.47
N PHE A 82 -0.13 -4.17 -14.44
CA PHE A 82 0.26 -2.89 -13.95
C PHE A 82 1.12 -3.11 -12.74
N ASP A 83 1.66 -2.05 -12.24
CA ASP A 83 2.42 -2.06 -11.02
C ASP A 83 1.70 -1.28 -9.98
N HIS A 84 2.12 -1.40 -8.76
CA HIS A 84 1.55 -0.63 -7.68
C HIS A 84 1.96 0.80 -7.85
N ASN A 85 1.10 1.72 -7.36
CA ASN A 85 1.33 3.17 -7.38
C ASN A 85 0.94 3.72 -8.72
N SER A 86 0.42 2.86 -9.56
CA SER A 86 -0.03 3.27 -10.84
C SER A 86 -1.41 3.85 -10.73
N ASN A 87 -1.52 5.14 -10.96
CA ASN A 87 -2.76 5.83 -10.91
C ASN A 87 -3.39 5.77 -12.28
N ILE A 88 -4.44 5.03 -12.40
CA ILE A 88 -5.12 4.86 -13.65
C ILE A 88 -6.57 5.20 -13.48
N ARG A 89 -7.31 5.14 -14.54
CA ARG A 89 -8.71 5.28 -14.48
C ARG A 89 -9.34 4.17 -15.25
N TYR A 90 -10.26 3.51 -14.63
CA TYR A 90 -10.99 2.46 -15.27
C TYR A 90 -12.43 2.85 -15.30
N ARG A 91 -13.16 2.12 -16.03
CA ARG A 91 -14.55 2.26 -16.11
C ARG A 91 -15.12 0.91 -16.41
N CYS A 92 -16.34 0.71 -16.08
CA CYS A 92 -16.98 -0.53 -16.35
C CYS A 92 -17.45 -0.53 -17.80
N ARG A 93 -17.67 -1.69 -18.35
CA ARG A 93 -18.14 -1.82 -19.73
C ARG A 93 -19.57 -1.32 -19.87
N GLY A 94 -20.30 -1.33 -18.77
CA GLY A 94 -21.65 -0.87 -18.80
C GLY A 94 -21.81 0.51 -18.21
N LYS A 95 -20.77 1.02 -17.60
CA LYS A 95 -20.83 2.32 -16.98
C LYS A 95 -19.90 3.28 -17.68
N GLU A 96 -20.41 4.36 -18.16
CA GLU A 96 -19.61 5.34 -18.83
C GLU A 96 -19.20 6.43 -17.86
N GLY A 97 -18.00 6.33 -17.38
CA GLY A 97 -17.44 7.28 -16.48
C GLY A 97 -16.31 6.64 -15.76
N TRP A 98 -15.28 7.36 -15.49
CA TRP A 98 -14.11 6.78 -14.89
C TRP A 98 -14.11 7.04 -13.40
N ILE A 99 -13.61 6.09 -12.65
CA ILE A 99 -13.61 6.20 -11.21
C ILE A 99 -12.23 6.66 -10.69
N HIS A 100 -11.17 6.27 -11.42
CA HIS A 100 -9.74 6.50 -11.03
C HIS A 100 -9.36 5.60 -9.88
N THR A 101 -8.40 4.79 -10.10
CA THR A 101 -7.95 3.88 -9.10
C THR A 101 -6.43 3.80 -9.10
N VAL A 102 -5.87 3.42 -7.99
CA VAL A 102 -4.45 3.29 -7.81
C VAL A 102 -4.18 1.85 -7.50
N CYS A 103 -3.24 1.26 -8.19
CA CYS A 103 -2.90 -0.10 -7.88
C CYS A 103 -2.30 -0.14 -6.52
N ILE A 104 -2.71 -1.07 -5.74
CA ILE A 104 -2.18 -1.30 -4.43
C ILE A 104 -1.74 -2.75 -4.36
N ASN A 105 -0.46 -3.02 -4.72
CA ASN A 105 0.13 -4.36 -4.68
C ASN A 105 -0.79 -5.43 -5.25
N GLY A 106 -0.91 -5.42 -6.55
CA GLY A 106 -1.77 -6.39 -7.22
C GLY A 106 -3.27 -6.07 -7.15
N ARG A 107 -3.66 -5.13 -6.33
CA ARG A 107 -5.06 -4.82 -6.11
C ARG A 107 -5.27 -3.41 -6.57
N TRP A 108 -6.46 -2.93 -6.50
CA TRP A 108 -6.76 -1.59 -6.89
C TRP A 108 -7.38 -0.83 -5.74
N ASP A 109 -7.36 0.48 -5.85
CA ASP A 109 -7.96 1.36 -4.85
C ASP A 109 -8.49 2.63 -5.51
N PRO A 110 -9.80 2.76 -5.68
CA PRO A 110 -10.79 1.75 -5.28
C PRO A 110 -10.66 0.49 -6.13
N GLU A 111 -10.77 -0.65 -5.49
CA GLU A 111 -10.67 -1.94 -6.14
C GLU A 111 -11.68 -2.00 -7.28
N VAL A 112 -11.19 -2.18 -8.48
CA VAL A 112 -11.95 -2.13 -9.63
C VAL A 112 -13.01 -3.21 -9.66
N ASN A 113 -14.17 -2.83 -10.09
CA ASN A 113 -15.28 -3.72 -10.17
C ASN A 113 -16.10 -3.32 -11.37
N CYS A 114 -16.74 -4.26 -11.98
CA CYS A 114 -17.58 -3.97 -13.14
C CYS A 114 -18.81 -4.84 -13.08
N SER A 115 -19.15 -5.20 -11.91
CA SER A 115 -20.34 -5.96 -11.69
C SER A 115 -21.47 -4.97 -11.53
N THR A 1 3.91 0.55 29.47
CA THR A 1 4.63 1.10 28.34
C THR A 1 5.31 -0.02 27.60
N CYS A 2 5.30 0.06 26.29
CA CYS A 2 6.00 -0.91 25.46
C CYS A 2 7.50 -0.69 25.57
N GLY A 3 7.98 0.31 24.91
CA GLY A 3 9.32 0.64 24.96
C GLY A 3 9.77 1.07 23.63
N ASP A 4 10.96 0.73 23.34
CA ASP A 4 11.66 1.09 22.12
C ASP A 4 10.89 0.72 20.91
N ILE A 5 10.82 1.63 20.02
CA ILE A 5 10.18 1.39 18.78
C ILE A 5 11.06 0.54 17.87
N PRO A 6 10.44 -0.26 17.04
CA PRO A 6 11.12 -1.09 16.05
C PRO A 6 11.71 -0.25 14.89
N GLU A 7 12.06 -0.92 13.82
CA GLU A 7 12.61 -0.31 12.67
C GLU A 7 12.15 -1.12 11.50
N LEU A 8 12.36 -0.62 10.35
CA LEU A 8 12.08 -1.31 9.13
C LEU A 8 13.32 -1.85 8.52
N GLU A 9 13.18 -2.98 7.89
CA GLU A 9 14.26 -3.61 7.18
C GLU A 9 14.72 -2.78 5.98
N HIS A 10 13.78 -2.16 5.28
CA HIS A 10 14.11 -1.39 4.07
C HIS A 10 13.32 -0.10 4.02
N GLY A 11 12.95 0.38 5.16
CA GLY A 11 12.17 1.60 5.24
C GLY A 11 12.63 2.45 6.39
N TRP A 12 11.72 3.16 7.00
CA TRP A 12 12.07 4.01 8.11
C TRP A 12 10.87 4.27 9.00
N ALA A 13 11.14 4.89 10.10
CA ALA A 13 10.15 5.30 11.03
C ALA A 13 10.03 6.79 10.92
N GLN A 14 8.84 7.29 11.08
CA GLN A 14 8.63 8.70 11.05
C GLN A 14 9.15 9.36 12.33
N LEU A 15 8.36 9.28 13.40
CA LEU A 15 8.71 9.85 14.72
C LEU A 15 7.49 9.70 15.59
N SER A 16 7.65 9.17 16.76
CA SER A 16 6.51 8.97 17.62
C SER A 16 6.79 9.49 19.05
N SER A 17 8.03 9.39 19.46
CA SER A 17 8.54 9.88 20.75
C SER A 17 8.10 8.96 21.94
N PRO A 18 9.08 8.46 22.73
CA PRO A 18 8.84 7.62 23.92
C PRO A 18 8.01 8.37 24.98
N PRO A 19 7.63 7.72 26.12
CA PRO A 19 8.02 6.33 26.50
C PRO A 19 7.36 5.26 25.69
N TYR A 20 6.28 5.61 25.03
CA TYR A 20 5.49 4.71 24.20
C TYR A 20 4.53 3.93 25.03
N TYR A 21 3.38 4.49 25.17
CA TYR A 21 2.32 3.91 25.94
C TYR A 21 1.45 3.08 25.10
N TYR A 22 0.52 2.46 25.73
CA TYR A 22 -0.40 1.64 25.03
C TYR A 22 -1.33 2.51 24.26
N GLY A 23 -1.58 2.11 23.07
CA GLY A 23 -2.40 2.89 22.22
C GLY A 23 -1.58 3.84 21.36
N ASP A 24 -0.28 3.99 21.68
CA ASP A 24 0.62 4.81 20.87
C ASP A 24 0.88 4.13 19.58
N SER A 25 1.13 4.89 18.57
CA SER A 25 1.34 4.35 17.26
C SER A 25 2.48 5.07 16.59
N VAL A 26 3.18 4.38 15.76
CA VAL A 26 4.33 4.95 15.09
C VAL A 26 4.20 4.66 13.62
N GLU A 27 4.36 5.67 12.83
CA GLU A 27 4.21 5.53 11.42
C GLU A 27 5.52 5.16 10.75
N PHE A 28 5.44 4.22 9.86
CA PHE A 28 6.56 3.67 9.13
C PHE A 28 6.24 3.63 7.67
N ASN A 29 7.14 4.10 6.88
CA ASN A 29 6.97 4.10 5.46
C ASN A 29 8.29 3.68 4.89
N CYS A 30 8.49 3.93 3.67
CA CYS A 30 9.72 3.59 3.03
C CYS A 30 10.28 4.88 2.54
N SER A 31 11.57 5.05 2.66
CA SER A 31 12.24 6.30 2.29
C SER A 31 11.83 6.73 0.86
N GLU A 32 12.34 6.02 -0.10
CA GLU A 32 12.01 6.15 -1.49
C GLU A 32 12.70 5.01 -2.14
N SER A 33 12.32 4.66 -3.37
CA SER A 33 12.90 3.53 -4.09
C SER A 33 12.54 2.20 -3.41
N PHE A 34 11.54 2.27 -2.60
CA PHE A 34 11.03 1.21 -1.83
C PHE A 34 9.54 1.43 -1.69
N THR A 35 8.83 0.38 -1.58
CA THR A 35 7.40 0.40 -1.51
C THR A 35 6.92 -0.19 -0.18
N MET A 36 5.85 0.36 0.34
CA MET A 36 5.29 -0.02 1.60
C MET A 36 4.14 -0.95 1.38
N ILE A 37 4.23 -2.08 1.96
CA ILE A 37 3.16 -3.03 1.98
C ILE A 37 2.81 -3.31 3.43
N GLY A 38 1.56 -3.51 3.71
CA GLY A 38 1.13 -3.84 5.05
C GLY A 38 0.29 -2.76 5.64
N HIS A 39 0.94 -1.83 6.30
CA HIS A 39 0.27 -0.71 6.96
C HIS A 39 1.32 0.25 7.36
N ARG A 40 1.02 1.49 7.23
CA ARG A 40 2.05 2.53 7.45
C ARG A 40 2.25 2.90 8.92
N SER A 41 1.86 2.05 9.83
CA SER A 41 2.00 2.36 11.24
C SER A 41 1.90 1.14 12.10
N ILE A 42 2.42 1.25 13.29
CA ILE A 42 2.43 0.20 14.27
C ILE A 42 1.68 0.67 15.49
N THR A 43 1.31 -0.25 16.35
CA THR A 43 0.58 0.12 17.55
C THR A 43 1.12 -0.63 18.76
N CYS A 44 1.26 0.06 19.86
CA CYS A 44 1.70 -0.56 21.09
C CYS A 44 0.51 -1.14 21.82
N ILE A 45 0.46 -2.44 21.83
CA ILE A 45 -0.58 -3.22 22.44
C ILE A 45 0.01 -4.52 22.98
N HIS A 46 -0.48 -4.98 24.12
CA HIS A 46 0.00 -6.23 24.78
C HIS A 46 1.43 -6.11 25.32
N GLY A 47 2.04 -4.95 25.12
CA GLY A 47 3.39 -4.72 25.55
C GLY A 47 4.34 -4.98 24.41
N VAL A 48 3.79 -4.95 23.21
CA VAL A 48 4.49 -5.23 22.01
C VAL A 48 3.95 -4.25 20.96
N TRP A 49 4.73 -3.89 20.02
CA TRP A 49 4.22 -3.17 18.88
C TRP A 49 3.58 -4.15 17.91
N THR A 50 2.91 -3.63 16.92
CA THR A 50 2.25 -4.45 15.96
C THR A 50 3.24 -5.03 14.94
N GLN A 51 2.71 -5.55 13.89
CA GLN A 51 3.45 -6.39 12.95
C GLN A 51 4.40 -5.62 12.04
N LEU A 52 4.25 -4.30 11.96
CA LEU A 52 5.08 -3.45 11.07
C LEU A 52 4.81 -3.67 9.57
N PRO A 53 5.01 -2.62 8.74
CA PRO A 53 4.89 -2.75 7.30
C PRO A 53 6.11 -3.46 6.70
N GLN A 54 6.08 -3.62 5.43
CA GLN A 54 7.14 -4.23 4.71
C GLN A 54 7.57 -3.30 3.61
N CYS A 55 8.78 -2.81 3.70
CA CYS A 55 9.32 -2.02 2.66
C CYS A 55 10.10 -2.86 1.72
N VAL A 56 9.60 -2.91 0.57
CA VAL A 56 10.12 -3.67 -0.49
C VAL A 56 10.96 -2.79 -1.35
N ALA A 57 11.79 -3.39 -2.08
CA ALA A 57 12.71 -2.67 -2.96
C ALA A 57 12.07 -2.22 -4.26
N ILE A 58 10.81 -2.58 -4.41
CA ILE A 58 9.95 -2.22 -5.56
C ILE A 58 10.25 -3.09 -6.77
N ASP A 59 11.39 -3.62 -6.74
CA ASP A 59 11.99 -4.34 -7.82
C ASP A 59 11.50 -5.76 -7.80
N LYS A 60 11.01 -6.14 -6.66
CA LYS A 60 10.45 -7.41 -6.45
C LYS A 60 8.95 -7.32 -6.20
N LEU A 61 8.34 -6.32 -6.78
CA LEU A 61 6.96 -6.15 -6.67
C LEU A 61 6.25 -6.88 -7.77
N LYS A 62 5.01 -6.65 -7.89
CA LYS A 62 4.20 -7.31 -8.82
C LYS A 62 3.45 -6.28 -9.61
N LYS A 63 3.12 -6.67 -10.74
CA LYS A 63 2.38 -5.93 -11.68
C LYS A 63 0.98 -6.36 -11.66
N CYS A 64 0.18 -5.43 -11.86
CA CYS A 64 -1.23 -5.58 -11.92
C CYS A 64 -1.69 -5.91 -13.32
N LYS A 65 -2.84 -6.45 -13.42
CA LYS A 65 -3.40 -6.85 -14.66
C LYS A 65 -4.66 -6.08 -14.93
N SER A 66 -4.76 -5.57 -16.13
CA SER A 66 -6.00 -4.98 -16.60
C SER A 66 -7.10 -6.06 -16.54
N SER A 67 -8.10 -5.85 -15.73
CA SER A 67 -9.18 -6.78 -15.63
C SER A 67 -10.14 -6.57 -16.81
N ASN A 68 -10.55 -7.65 -17.41
CA ASN A 68 -11.37 -7.64 -18.65
C ASN A 68 -12.83 -7.27 -18.36
N LEU A 69 -13.10 -6.96 -17.14
CA LEU A 69 -14.43 -6.57 -16.73
C LEU A 69 -14.49 -5.08 -16.45
N ILE A 70 -13.34 -4.47 -16.33
CA ILE A 70 -13.25 -3.08 -16.04
C ILE A 70 -12.65 -2.33 -17.18
N ILE A 71 -13.04 -1.11 -17.28
CA ILE A 71 -12.58 -0.24 -18.32
C ILE A 71 -11.68 0.75 -17.68
N LEU A 72 -10.58 0.98 -18.28
CA LEU A 72 -9.62 1.88 -17.75
C LEU A 72 -9.59 3.08 -18.63
N GLU A 73 -8.86 4.10 -18.19
CA GLU A 73 -8.64 5.28 -18.99
C GLU A 73 -8.04 4.84 -20.31
N GLU A 74 -8.24 5.58 -21.35
CA GLU A 74 -7.81 5.17 -22.69
C GLU A 74 -6.27 5.17 -22.84
N HIS A 75 -5.58 5.61 -21.79
CA HIS A 75 -4.11 5.52 -21.74
C HIS A 75 -3.78 4.10 -21.30
N LEU A 76 -4.61 3.64 -20.38
CA LEU A 76 -4.46 2.40 -19.68
C LEU A 76 -5.18 1.28 -20.36
N LYS A 77 -6.07 1.64 -21.23
CA LYS A 77 -6.84 0.75 -21.93
C LYS A 77 -6.01 0.10 -23.06
N ASN A 78 -4.74 0.47 -23.10
CA ASN A 78 -3.75 -0.12 -23.97
C ASN A 78 -2.64 -0.72 -23.10
N LYS A 79 -2.88 -0.76 -21.80
CA LYS A 79 -1.97 -1.28 -20.82
C LYS A 79 -2.49 -2.65 -20.46
N LYS A 80 -1.65 -3.62 -20.49
CA LYS A 80 -2.06 -4.96 -20.15
C LYS A 80 -1.72 -5.19 -18.70
N GLU A 81 -0.60 -4.66 -18.34
CA GLU A 81 -0.02 -4.80 -17.07
C GLU A 81 0.35 -3.48 -16.53
N PHE A 82 -0.08 -3.25 -15.37
CA PHE A 82 0.13 -2.00 -14.71
C PHE A 82 1.18 -2.20 -13.67
N ASP A 83 2.01 -1.24 -13.51
CA ASP A 83 3.09 -1.35 -12.58
C ASP A 83 2.61 -0.80 -11.23
N HIS A 84 3.24 -1.23 -10.14
CA HIS A 84 2.92 -0.78 -8.79
C HIS A 84 2.85 0.76 -8.70
N ASN A 85 2.05 1.27 -7.76
CA ASN A 85 1.96 2.71 -7.45
C ASN A 85 1.33 3.49 -8.60
N SER A 86 0.89 2.79 -9.62
CA SER A 86 0.34 3.43 -10.73
C SER A 86 -1.09 3.78 -10.40
N ASN A 87 -1.35 5.04 -10.28
CA ASN A 87 -2.67 5.53 -10.01
C ASN A 87 -3.44 5.58 -11.30
N ILE A 88 -4.41 4.75 -11.39
CA ILE A 88 -5.18 4.64 -12.60
C ILE A 88 -6.64 4.86 -12.28
N ARG A 89 -7.44 4.90 -13.29
CA ARG A 89 -8.85 5.00 -13.09
C ARG A 89 -9.50 3.89 -13.83
N TYR A 90 -10.34 3.18 -13.16
CA TYR A 90 -11.12 2.16 -13.79
C TYR A 90 -12.54 2.53 -13.58
N ARG A 91 -13.38 1.88 -14.28
CA ARG A 91 -14.76 2.04 -14.18
C ARG A 91 -15.36 0.70 -14.47
N CYS A 92 -16.54 0.50 -14.02
CA CYS A 92 -17.19 -0.73 -14.19
C CYS A 92 -18.03 -0.66 -15.42
N ARG A 93 -18.16 -1.78 -16.09
CA ARG A 93 -18.94 -1.87 -17.31
C ARG A 93 -20.43 -1.85 -17.01
N GLY A 94 -20.77 -2.01 -15.73
CA GLY A 94 -22.13 -1.96 -15.33
C GLY A 94 -22.45 -0.76 -14.47
N LYS A 95 -21.46 0.08 -14.22
CA LYS A 95 -21.70 1.26 -13.40
C LYS A 95 -21.45 2.56 -14.13
N GLU A 96 -20.28 2.68 -14.77
CA GLU A 96 -19.81 3.91 -15.43
C GLU A 96 -19.39 4.97 -14.38
N GLY A 97 -18.33 5.66 -14.68
CA GLY A 97 -17.74 6.59 -13.75
C GLY A 97 -16.52 5.99 -13.13
N TRP A 98 -15.52 6.78 -12.95
CA TRP A 98 -14.24 6.27 -12.52
C TRP A 98 -14.13 6.25 -11.01
N ILE A 99 -13.47 5.22 -10.50
CA ILE A 99 -13.34 5.05 -9.07
C ILE A 99 -11.94 5.46 -8.56
N HIS A 100 -10.92 5.38 -9.46
CA HIS A 100 -9.46 5.68 -9.12
C HIS A 100 -8.88 4.59 -8.25
N THR A 101 -7.86 3.93 -8.71
CA THR A 101 -7.25 2.86 -7.95
C THR A 101 -5.73 2.86 -8.15
N VAL A 102 -5.02 2.28 -7.21
CA VAL A 102 -3.57 2.24 -7.22
C VAL A 102 -3.10 0.79 -7.25
N CYS A 103 -2.14 0.49 -8.10
CA CYS A 103 -1.58 -0.86 -8.20
C CYS A 103 -0.72 -1.16 -6.98
N ILE A 104 -1.17 -2.08 -6.21
CA ILE A 104 -0.53 -2.51 -5.02
C ILE A 104 -0.04 -3.92 -5.23
N ASN A 105 1.13 -4.04 -5.87
CA ASN A 105 1.79 -5.33 -6.09
C ASN A 105 0.85 -6.35 -6.73
N GLY A 106 0.46 -6.12 -7.94
CA GLY A 106 -0.42 -7.05 -8.62
C GLY A 106 -1.88 -6.94 -8.23
N ARG A 107 -2.21 -5.99 -7.38
CA ARG A 107 -3.57 -5.84 -6.91
C ARG A 107 -3.92 -4.39 -7.00
N TRP A 108 -5.14 -4.09 -6.85
CA TRP A 108 -5.59 -2.75 -6.94
C TRP A 108 -6.10 -2.29 -5.61
N ASP A 109 -6.15 -1.00 -5.43
CA ASP A 109 -6.73 -0.43 -4.26
C ASP A 109 -7.34 0.90 -4.60
N PRO A 110 -8.66 0.99 -4.64
CA PRO A 110 -9.56 -0.14 -4.38
C PRO A 110 -9.55 -1.18 -5.50
N GLU A 111 -9.62 -2.43 -5.10
CA GLU A 111 -9.71 -3.53 -6.05
C GLU A 111 -10.85 -3.31 -7.02
N VAL A 112 -10.53 -3.39 -8.29
CA VAL A 112 -11.44 -3.21 -9.29
C VAL A 112 -12.38 -4.43 -9.31
N ASN A 113 -13.65 -4.21 -9.56
CA ASN A 113 -14.61 -5.28 -9.43
C ASN A 113 -15.88 -4.91 -10.17
N CYS A 114 -16.36 -5.82 -10.96
CA CYS A 114 -17.63 -5.68 -11.63
C CYS A 114 -18.57 -6.83 -11.29
N SER A 115 -18.04 -7.79 -10.58
CA SER A 115 -18.82 -8.91 -10.14
C SER A 115 -18.87 -8.88 -8.61
N THR A 1 4.08 0.92 29.14
CA THR A 1 4.80 1.63 28.12
C THR A 1 5.61 0.62 27.38
N CYS A 2 5.50 0.59 26.08
CA CYS A 2 6.28 -0.34 25.30
C CYS A 2 7.76 -0.03 25.43
N GLY A 3 8.17 1.03 24.82
CA GLY A 3 9.48 1.42 24.89
C GLY A 3 9.92 1.79 23.55
N ASP A 4 11.19 1.87 23.43
CA ASP A 4 11.92 2.24 22.21
C ASP A 4 11.35 1.56 21.00
N ILE A 5 10.91 2.38 20.07
CA ILE A 5 10.28 1.93 18.85
C ILE A 5 11.20 1.01 18.04
N PRO A 6 10.64 0.07 17.30
CA PRO A 6 11.40 -0.85 16.45
C PRO A 6 11.99 -0.13 15.22
N GLU A 7 12.40 -0.88 14.25
CA GLU A 7 12.92 -0.37 13.07
C GLU A 7 12.33 -1.11 11.93
N LEU A 8 12.29 -0.48 10.86
CA LEU A 8 11.77 -1.03 9.67
C LEU A 8 12.88 -1.56 8.79
N GLU A 9 12.71 -2.80 8.42
CA GLU A 9 13.60 -3.61 7.59
C GLU A 9 14.26 -2.83 6.42
N HIS A 10 13.46 -2.29 5.52
CA HIS A 10 13.97 -1.58 4.35
C HIS A 10 13.29 -0.24 4.29
N GLY A 11 12.89 0.24 5.44
CA GLY A 11 12.19 1.48 5.52
C GLY A 11 12.76 2.36 6.57
N TRP A 12 11.95 3.25 7.07
CA TRP A 12 12.40 4.23 8.02
C TRP A 12 11.32 4.54 9.03
N ALA A 13 11.65 5.33 10.00
CA ALA A 13 10.74 5.70 11.04
C ALA A 13 10.35 7.13 10.84
N GLN A 14 9.09 7.43 11.00
CA GLN A 14 8.64 8.77 10.87
C GLN A 14 8.79 9.55 12.17
N LEU A 15 7.86 9.33 13.10
CA LEU A 15 7.87 10.00 14.39
C LEU A 15 6.91 9.32 15.32
N SER A 16 7.07 9.61 16.59
CA SER A 16 6.23 9.12 17.67
C SER A 16 6.72 9.71 18.97
N SER A 17 7.94 9.35 19.30
CA SER A 17 8.64 9.76 20.51
C SER A 17 8.00 9.13 21.80
N PRO A 18 8.78 8.96 22.89
CA PRO A 18 8.33 8.30 24.12
C PRO A 18 7.17 9.06 24.81
N PRO A 19 6.54 8.50 25.86
CA PRO A 19 6.92 7.21 26.51
C PRO A 19 6.57 5.97 25.74
N TYR A 20 5.82 6.14 24.67
CA TYR A 20 5.38 5.04 23.83
C TYR A 20 4.37 4.19 24.59
N TYR A 21 3.29 4.84 24.97
CA TYR A 21 2.19 4.21 25.70
C TYR A 21 1.44 3.21 24.86
N TYR A 22 0.53 2.51 25.51
CA TYR A 22 -0.32 1.59 24.81
C TYR A 22 -1.32 2.36 24.01
N GLY A 23 -1.53 1.94 22.81
CA GLY A 23 -2.42 2.62 21.95
C GLY A 23 -1.66 3.54 21.02
N ASP A 24 -0.42 3.86 21.38
CA ASP A 24 0.40 4.71 20.54
C ASP A 24 0.76 3.98 19.29
N SER A 25 0.80 4.71 18.25
CA SER A 25 1.15 4.20 16.99
C SER A 25 2.29 5.02 16.45
N VAL A 26 3.04 4.46 15.54
CA VAL A 26 4.19 5.13 14.97
C VAL A 26 4.17 4.87 13.51
N GLU A 27 4.38 5.89 12.73
CA GLU A 27 4.39 5.75 11.31
C GLU A 27 5.74 5.23 10.82
N PHE A 28 5.67 4.22 9.99
CA PHE A 28 6.81 3.57 9.40
C PHE A 28 6.50 3.32 7.95
N ASN A 29 7.24 3.93 7.09
CA ASN A 29 7.04 3.76 5.66
C ASN A 29 8.36 3.36 5.09
N CYS A 30 8.48 3.39 3.82
CA CYS A 30 9.69 2.95 3.19
C CYS A 30 10.30 4.18 2.59
N SER A 31 11.58 4.32 2.78
CA SER A 31 12.31 5.55 2.45
C SER A 31 12.05 5.97 1.01
N GLU A 32 12.53 5.19 0.10
CA GLU A 32 12.38 5.41 -1.30
C GLU A 32 12.89 4.19 -1.96
N SER A 33 12.45 3.93 -3.19
CA SER A 33 12.90 2.77 -3.96
C SER A 33 12.42 1.47 -3.33
N PHE A 34 11.51 1.62 -2.44
CA PHE A 34 10.93 0.56 -1.71
C PHE A 34 9.47 0.82 -1.58
N THR A 35 8.76 -0.21 -1.60
CA THR A 35 7.34 -0.22 -1.54
C THR A 35 6.98 -0.49 -0.11
N MET A 36 5.87 -0.02 0.30
CA MET A 36 5.37 -0.26 1.59
C MET A 36 4.20 -1.19 1.44
N ILE A 37 4.30 -2.33 2.02
CA ILE A 37 3.23 -3.29 2.02
C ILE A 37 2.85 -3.61 3.44
N GLY A 38 1.58 -3.65 3.72
CA GLY A 38 1.10 -4.03 5.01
C GLY A 38 0.33 -2.94 5.68
N HIS A 39 1.05 -2.02 6.29
CA HIS A 39 0.45 -0.92 7.03
C HIS A 39 1.53 0.01 7.39
N ARG A 40 1.27 1.25 7.28
CA ARG A 40 2.32 2.28 7.46
C ARG A 40 2.54 2.68 8.91
N SER A 41 2.13 1.87 9.81
CA SER A 41 2.24 2.21 11.18
C SER A 41 2.24 1.00 12.06
N ILE A 42 2.75 1.19 13.24
CA ILE A 42 2.81 0.17 14.22
C ILE A 42 1.97 0.59 15.39
N THR A 43 1.65 -0.32 16.27
CA THR A 43 0.87 0.03 17.44
C THR A 43 1.37 -0.68 18.68
N CYS A 44 1.47 0.04 19.77
CA CYS A 44 1.88 -0.54 21.03
C CYS A 44 0.68 -1.18 21.71
N ILE A 45 0.69 -2.49 21.70
CA ILE A 45 -0.36 -3.32 22.26
C ILE A 45 0.24 -4.58 22.85
N HIS A 46 -0.40 -5.15 23.88
CA HIS A 46 0.05 -6.38 24.57
C HIS A 46 1.27 -6.08 25.47
N GLY A 47 2.23 -5.44 24.88
CA GLY A 47 3.46 -5.06 25.52
C GLY A 47 4.58 -5.09 24.51
N VAL A 48 4.24 -4.74 23.29
CA VAL A 48 5.13 -4.78 22.19
C VAL A 48 4.47 -3.97 21.08
N TRP A 49 5.22 -3.52 20.14
CA TRP A 49 4.65 -2.88 18.98
C TRP A 49 4.10 -3.95 18.04
N THR A 50 3.46 -3.53 16.97
CA THR A 50 2.85 -4.44 16.06
C THR A 50 3.86 -5.06 15.08
N GLN A 51 3.30 -5.74 14.13
CA GLN A 51 3.99 -6.56 13.12
C GLN A 51 4.93 -5.87 12.15
N LEU A 52 4.85 -4.54 12.06
CA LEU A 52 5.70 -3.74 11.12
C LEU A 52 5.35 -3.97 9.64
N PRO A 53 5.39 -2.91 8.81
CA PRO A 53 5.19 -3.04 7.37
C PRO A 53 6.33 -3.82 6.70
N GLN A 54 6.19 -4.03 5.43
CA GLN A 54 7.17 -4.73 4.64
C GLN A 54 7.62 -3.80 3.53
N CYS A 55 8.91 -3.66 3.38
CA CYS A 55 9.42 -2.78 2.37
C CYS A 55 10.15 -3.55 1.32
N VAL A 56 9.52 -3.70 0.20
CA VAL A 56 10.10 -4.41 -0.90
C VAL A 56 10.70 -3.40 -1.85
N ALA A 57 11.79 -3.76 -2.43
CA ALA A 57 12.63 -2.91 -3.34
C ALA A 57 11.92 -2.44 -4.62
N ILE A 58 10.68 -2.78 -4.73
CA ILE A 58 9.79 -2.40 -5.82
C ILE A 58 10.06 -3.20 -7.10
N ASP A 59 11.17 -3.83 -7.09
CA ASP A 59 11.65 -4.61 -8.19
C ASP A 59 11.09 -6.01 -8.07
N LYS A 60 10.80 -6.36 -6.84
CA LYS A 60 10.32 -7.69 -6.49
C LYS A 60 8.84 -7.61 -6.26
N LEU A 61 8.25 -6.59 -6.81
CA LEU A 61 6.84 -6.39 -6.69
C LEU A 61 6.13 -7.18 -7.75
N LYS A 62 4.91 -6.88 -7.90
CA LYS A 62 4.08 -7.54 -8.80
C LYS A 62 3.37 -6.52 -9.61
N LYS A 63 3.01 -6.94 -10.73
CA LYS A 63 2.42 -6.15 -11.74
C LYS A 63 0.97 -6.47 -11.82
N CYS A 64 0.21 -5.48 -11.61
CA CYS A 64 -1.22 -5.56 -11.71
C CYS A 64 -1.59 -5.62 -13.14
N LYS A 65 -2.75 -6.08 -13.43
CA LYS A 65 -3.15 -6.11 -14.78
C LYS A 65 -4.54 -5.57 -14.94
N SER A 66 -4.74 -5.03 -16.09
CA SER A 66 -6.02 -4.57 -16.53
C SER A 66 -6.99 -5.74 -16.62
N SER A 67 -8.08 -5.66 -15.89
CA SER A 67 -9.13 -6.62 -16.03
C SER A 67 -9.87 -6.32 -17.34
N ASN A 68 -10.50 -7.31 -17.91
CA ASN A 68 -11.27 -7.12 -19.13
C ASN A 68 -12.71 -6.80 -18.74
N LEU A 69 -12.99 -6.78 -17.45
CA LEU A 69 -14.34 -6.49 -16.99
C LEU A 69 -14.47 -5.02 -16.74
N ILE A 70 -13.35 -4.39 -16.58
CA ILE A 70 -13.29 -3.01 -16.29
C ILE A 70 -12.74 -2.22 -17.40
N ILE A 71 -13.05 -0.98 -17.35
CA ILE A 71 -12.64 -0.04 -18.32
C ILE A 71 -11.82 0.97 -17.62
N LEU A 72 -10.68 1.23 -18.15
CA LEU A 72 -9.77 2.18 -17.57
C LEU A 72 -9.81 3.40 -18.44
N GLU A 73 -8.99 4.38 -18.11
CA GLU A 73 -8.89 5.55 -18.97
C GLU A 73 -8.44 5.08 -20.32
N GLU A 74 -8.79 5.78 -21.32
CA GLU A 74 -8.56 5.35 -22.66
C GLU A 74 -7.08 5.41 -23.09
N HIS A 75 -6.19 5.84 -22.17
CA HIS A 75 -4.75 5.71 -22.40
C HIS A 75 -4.38 4.35 -21.83
N LEU A 76 -4.94 4.11 -20.64
CA LEU A 76 -4.58 3.00 -19.76
C LEU A 76 -5.18 1.71 -20.21
N LYS A 77 -6.10 1.79 -21.14
CA LYS A 77 -6.66 0.61 -21.73
C LYS A 77 -5.59 -0.11 -22.56
N ASN A 78 -4.53 0.64 -22.91
CA ASN A 78 -3.41 0.13 -23.70
C ASN A 78 -2.30 -0.32 -22.77
N LYS A 79 -2.62 -0.44 -21.51
CA LYS A 79 -1.70 -0.88 -20.51
C LYS A 79 -2.22 -2.21 -20.05
N LYS A 80 -1.53 -3.28 -20.35
CA LYS A 80 -2.01 -4.59 -19.93
C LYS A 80 -1.59 -4.83 -18.50
N GLU A 81 -0.41 -4.35 -18.17
CA GLU A 81 0.18 -4.55 -16.88
C GLU A 81 0.61 -3.23 -16.31
N PHE A 82 0.31 -3.04 -15.07
CA PHE A 82 0.58 -1.82 -14.38
C PHE A 82 1.59 -2.09 -13.29
N ASP A 83 2.47 -1.15 -13.09
CA ASP A 83 3.43 -1.23 -12.01
C ASP A 83 2.81 -0.70 -10.77
N HIS A 84 3.38 -1.00 -9.64
CA HIS A 84 2.89 -0.48 -8.38
C HIS A 84 2.95 1.05 -8.35
N ASN A 85 2.00 1.64 -7.60
CA ASN A 85 1.89 3.09 -7.37
C ASN A 85 1.20 3.75 -8.53
N SER A 86 0.70 2.96 -9.45
CA SER A 86 0.00 3.51 -10.54
C SER A 86 -1.42 3.83 -10.10
N ASN A 87 -1.69 5.10 -9.91
CA ASN A 87 -2.99 5.57 -9.49
C ASN A 87 -3.85 5.75 -10.72
N ILE A 88 -4.71 4.82 -10.96
CA ILE A 88 -5.58 4.87 -12.10
C ILE A 88 -7.01 5.03 -11.64
N ARG A 89 -7.90 4.98 -12.57
CA ARG A 89 -9.28 4.97 -12.30
C ARG A 89 -9.91 3.99 -13.25
N TYR A 90 -10.77 3.19 -12.72
CA TYR A 90 -11.46 2.20 -13.51
C TYR A 90 -12.92 2.44 -13.33
N ARG A 91 -13.67 1.83 -14.18
CA ARG A 91 -15.09 1.92 -14.17
C ARG A 91 -15.59 0.59 -14.65
N CYS A 92 -16.77 0.26 -14.27
CA CYS A 92 -17.37 -0.97 -14.69
C CYS A 92 -17.99 -0.84 -16.04
N ARG A 93 -17.95 -1.93 -16.77
CA ARG A 93 -18.58 -2.06 -18.03
C ARG A 93 -20.08 -1.94 -17.79
N GLY A 94 -20.63 -0.80 -18.12
CA GLY A 94 -22.04 -0.56 -17.91
C GLY A 94 -22.30 0.46 -16.82
N LYS A 95 -21.26 0.85 -16.12
CA LYS A 95 -21.37 1.81 -15.04
C LYS A 95 -20.53 3.04 -15.36
N GLU A 96 -21.18 4.15 -15.55
CA GLU A 96 -20.45 5.36 -15.90
C GLU A 96 -20.03 6.12 -14.64
N GLY A 97 -18.87 5.80 -14.16
CA GLY A 97 -18.30 6.45 -13.02
C GLY A 97 -17.06 5.74 -12.60
N TRP A 98 -16.07 6.47 -12.19
CA TRP A 98 -14.80 5.88 -11.88
C TRP A 98 -14.64 5.74 -10.38
N ILE A 99 -13.98 4.69 -9.96
CA ILE A 99 -13.80 4.43 -8.54
C ILE A 99 -12.40 4.87 -8.08
N HIS A 100 -11.42 4.83 -9.00
CA HIS A 100 -9.98 5.15 -8.73
C HIS A 100 -9.36 3.99 -7.98
N THR A 101 -8.21 3.57 -8.38
CA THR A 101 -7.51 2.50 -7.70
C THR A 101 -6.01 2.56 -7.97
N VAL A 102 -5.23 2.00 -7.05
CA VAL A 102 -3.79 2.04 -7.13
C VAL A 102 -3.24 0.62 -7.19
N CYS A 103 -2.26 0.40 -8.05
CA CYS A 103 -1.63 -0.92 -8.16
C CYS A 103 -0.79 -1.20 -6.93
N ILE A 104 -1.21 -2.18 -6.20
CA ILE A 104 -0.57 -2.62 -4.99
C ILE A 104 -0.04 -4.02 -5.20
N ASN A 105 1.12 -4.10 -5.85
CA ASN A 105 1.85 -5.35 -6.07
C ASN A 105 0.96 -6.43 -6.70
N GLY A 106 0.53 -6.21 -7.90
CA GLY A 106 -0.33 -7.16 -8.58
C GLY A 106 -1.75 -7.19 -8.05
N ARG A 107 -2.18 -6.12 -7.41
CA ARG A 107 -3.52 -6.03 -6.91
C ARG A 107 -3.89 -4.59 -7.01
N TRP A 108 -5.10 -4.31 -6.92
CA TRP A 108 -5.57 -2.99 -6.98
C TRP A 108 -6.09 -2.59 -5.62
N ASP A 109 -6.15 -1.31 -5.37
CA ASP A 109 -6.70 -0.79 -4.11
C ASP A 109 -7.43 0.51 -4.38
N PRO A 110 -8.77 0.49 -4.37
CA PRO A 110 -9.57 -0.72 -4.11
C PRO A 110 -9.49 -1.67 -5.27
N GLU A 111 -9.38 -2.94 -4.97
CA GLU A 111 -9.32 -3.96 -5.99
C GLU A 111 -10.54 -3.83 -6.87
N VAL A 112 -10.29 -3.68 -8.16
CA VAL A 112 -11.25 -3.47 -9.12
C VAL A 112 -12.25 -4.60 -9.11
N ASN A 113 -13.48 -4.26 -8.98
CA ASN A 113 -14.48 -5.25 -8.88
C ASN A 113 -15.59 -4.96 -9.83
N CYS A 114 -15.78 -5.82 -10.78
CA CYS A 114 -16.87 -5.66 -11.67
C CYS A 114 -17.78 -6.88 -11.61
N SER A 115 -17.41 -7.78 -10.71
CA SER A 115 -18.14 -8.96 -10.44
C SER A 115 -18.13 -9.13 -8.94
N THR A 1 4.66 0.26 29.47
CA THR A 1 5.23 0.90 28.31
C THR A 1 5.98 -0.13 27.51
N CYS A 2 5.81 -0.10 26.21
CA CYS A 2 6.58 -0.98 25.37
C CYS A 2 8.04 -0.54 25.43
N GLY A 3 8.29 0.64 24.93
CA GLY A 3 9.61 1.18 25.03
C GLY A 3 10.44 0.91 23.83
N ASP A 4 11.11 1.97 23.39
CA ASP A 4 12.02 2.00 22.23
C ASP A 4 11.44 1.33 20.99
N ILE A 5 10.96 2.15 20.08
CA ILE A 5 10.36 1.65 18.86
C ILE A 5 11.33 0.79 18.04
N PRO A 6 10.81 -0.16 17.28
CA PRO A 6 11.62 -1.00 16.39
C PRO A 6 12.22 -0.20 15.20
N GLU A 7 12.54 -0.89 14.16
CA GLU A 7 13.06 -0.34 12.98
C GLU A 7 12.30 -0.99 11.87
N LEU A 8 12.33 -0.39 10.76
CA LEU A 8 11.68 -0.93 9.61
C LEU A 8 12.75 -1.60 8.77
N GLU A 9 12.45 -2.79 8.34
CA GLU A 9 13.32 -3.61 7.51
C GLU A 9 13.90 -2.86 6.29
N HIS A 10 13.08 -2.02 5.65
CA HIS A 10 13.52 -1.30 4.46
C HIS A 10 12.93 0.10 4.43
N GLY A 11 12.65 0.62 5.59
CA GLY A 11 12.05 1.92 5.68
C GLY A 11 12.60 2.73 6.81
N TRP A 12 11.76 3.53 7.41
CA TRP A 12 12.16 4.43 8.47
C TRP A 12 11.00 4.68 9.41
N ALA A 13 11.19 5.53 10.37
CA ALA A 13 10.14 5.92 11.26
C ALA A 13 9.89 7.41 11.08
N GLN A 14 8.65 7.81 11.16
CA GLN A 14 8.30 9.21 11.09
C GLN A 14 8.67 9.93 12.37
N LEU A 15 7.86 9.77 13.37
CA LEU A 15 8.10 10.33 14.66
C LEU A 15 7.47 9.39 15.64
N SER A 16 8.19 9.02 16.63
CA SER A 16 7.73 8.08 17.55
C SER A 16 7.64 8.72 18.94
N SER A 17 8.79 8.97 19.50
CA SER A 17 8.98 9.61 20.81
C SER A 17 8.41 8.74 21.98
N PRO A 18 9.27 8.42 22.97
CA PRO A 18 8.87 7.65 24.17
C PRO A 18 7.83 8.42 25.02
N PRO A 19 7.29 7.82 26.10
CA PRO A 19 7.70 6.51 26.66
C PRO A 19 7.16 5.31 25.91
N TYR A 20 6.24 5.56 25.00
CA TYR A 20 5.65 4.54 24.15
C TYR A 20 4.70 3.66 24.97
N TYR A 21 3.51 4.17 25.21
CA TYR A 21 2.51 3.49 26.00
C TYR A 21 1.69 2.54 25.18
N TYR A 22 0.89 1.78 25.88
CA TYR A 22 -0.02 0.86 25.25
C TYR A 22 -1.07 1.64 24.50
N GLY A 23 -1.30 1.23 23.30
CA GLY A 23 -2.23 1.89 22.47
C GLY A 23 -1.55 2.88 21.57
N ASP A 24 -0.27 3.16 21.81
CA ASP A 24 0.47 4.07 20.96
C ASP A 24 0.81 3.41 19.66
N SER A 25 0.81 4.19 18.63
CA SER A 25 1.09 3.71 17.30
C SER A 25 2.12 4.61 16.66
N VAL A 26 2.92 4.07 15.77
CA VAL A 26 3.97 4.85 15.14
C VAL A 26 3.99 4.57 13.65
N GLU A 27 4.20 5.61 12.88
CA GLU A 27 4.30 5.51 11.45
C GLU A 27 5.71 5.17 11.02
N PHE A 28 5.79 4.11 10.31
CA PHE A 28 6.96 3.62 9.69
C PHE A 28 6.64 3.48 8.22
N ASN A 29 7.15 4.37 7.43
CA ASN A 29 6.86 4.32 6.02
C ASN A 29 8.15 3.99 5.32
N CYS A 30 8.20 4.24 4.08
CA CYS A 30 9.38 3.92 3.33
C CYS A 30 9.95 5.24 2.89
N SER A 31 11.22 5.38 3.05
CA SER A 31 11.89 6.66 2.80
C SER A 31 11.81 7.05 1.33
N GLU A 32 12.42 6.26 0.51
CA GLU A 32 12.46 6.48 -0.90
C GLU A 32 12.92 5.19 -1.49
N SER A 33 12.59 4.94 -2.74
CA SER A 33 12.99 3.72 -3.45
C SER A 33 12.27 2.47 -2.94
N PHE A 34 11.39 2.65 -2.00
CA PHE A 34 10.67 1.62 -1.39
C PHE A 34 9.22 2.02 -1.30
N THR A 35 8.41 1.05 -1.40
CA THR A 35 6.99 1.15 -1.38
C THR A 35 6.43 0.46 -0.11
N MET A 36 5.44 1.11 0.50
CA MET A 36 4.78 0.65 1.69
C MET A 36 3.65 -0.26 1.31
N ILE A 37 3.70 -1.43 1.81
CA ILE A 37 2.66 -2.39 1.59
C ILE A 37 1.91 -2.70 2.87
N GLY A 38 0.60 -2.58 2.78
CA GLY A 38 -0.28 -2.92 3.85
C GLY A 38 -0.72 -1.74 4.63
N HIS A 39 0.10 -1.36 5.53
CA HIS A 39 -0.15 -0.35 6.45
C HIS A 39 1.15 0.31 6.72
N ARG A 40 1.16 1.34 7.55
CA ARG A 40 2.40 2.06 7.80
C ARG A 40 2.67 2.19 9.28
N SER A 41 1.89 1.58 10.10
CA SER A 41 2.01 1.82 11.49
C SER A 41 2.18 0.58 12.30
N ILE A 42 2.69 0.80 13.47
CA ILE A 42 2.87 -0.24 14.44
C ILE A 42 2.07 0.11 15.65
N THR A 43 1.78 -0.85 16.46
CA THR A 43 0.96 -0.59 17.63
C THR A 43 1.56 -1.28 18.86
N CYS A 44 1.61 -0.57 19.96
CA CYS A 44 2.09 -1.12 21.20
C CYS A 44 0.96 -1.81 21.93
N ILE A 45 0.99 -3.13 21.87
CA ILE A 45 0.00 -4.00 22.47
C ILE A 45 0.67 -5.26 22.99
N HIS A 46 0.14 -5.82 24.07
CA HIS A 46 0.68 -7.04 24.70
C HIS A 46 2.08 -6.87 25.27
N GLY A 47 2.59 -5.68 25.22
CA GLY A 47 3.90 -5.40 25.74
C GLY A 47 4.94 -5.42 24.68
N VAL A 48 4.54 -5.18 23.46
CA VAL A 48 5.45 -5.17 22.35
C VAL A 48 4.75 -4.41 21.23
N TRP A 49 5.49 -3.98 20.28
CA TRP A 49 4.92 -3.38 19.10
C TRP A 49 4.44 -4.47 18.16
N THR A 50 3.78 -4.07 17.12
CA THR A 50 3.23 -4.98 16.18
C THR A 50 4.29 -5.51 15.20
N GLN A 51 3.82 -6.05 14.13
CA GLN A 51 4.59 -6.83 13.20
C GLN A 51 5.33 -6.00 12.16
N LEU A 52 5.23 -4.66 12.26
CA LEU A 52 5.86 -3.73 11.31
C LEU A 52 5.17 -3.77 9.93
N PRO A 53 5.27 -2.69 9.16
CA PRO A 53 4.80 -2.66 7.79
C PRO A 53 5.77 -3.34 6.81
N GLN A 54 5.49 -3.26 5.53
CA GLN A 54 6.31 -3.92 4.55
C GLN A 54 6.83 -2.91 3.53
N CYS A 55 8.08 -2.55 3.63
CA CYS A 55 8.69 -1.71 2.61
C CYS A 55 9.44 -2.54 1.62
N VAL A 56 8.98 -2.55 0.40
CA VAL A 56 9.63 -3.26 -0.65
C VAL A 56 10.27 -2.28 -1.57
N ALA A 57 11.38 -2.68 -2.12
CA ALA A 57 12.26 -1.86 -2.98
C ALA A 57 11.63 -1.45 -4.29
N ILE A 58 10.39 -1.81 -4.45
CA ILE A 58 9.53 -1.46 -5.58
C ILE A 58 9.85 -2.29 -6.83
N ASP A 59 11.02 -2.75 -6.82
CA ASP A 59 11.66 -3.44 -7.92
C ASP A 59 11.23 -4.88 -7.91
N LYS A 60 10.85 -5.29 -6.75
CA LYS A 60 10.41 -6.62 -6.51
C LYS A 60 8.95 -6.66 -6.11
N LEU A 61 8.24 -5.61 -6.51
CA LEU A 61 6.85 -5.53 -6.30
C LEU A 61 6.15 -6.34 -7.39
N LYS A 62 4.89 -6.19 -7.49
CA LYS A 62 4.11 -6.95 -8.36
C LYS A 62 3.37 -6.04 -9.28
N LYS A 63 3.00 -6.60 -10.34
CA LYS A 63 2.31 -5.99 -11.38
C LYS A 63 0.92 -6.55 -11.40
N CYS A 64 0.04 -5.68 -11.61
CA CYS A 64 -1.37 -5.95 -11.68
C CYS A 64 -1.75 -6.36 -13.07
N LYS A 65 -2.99 -6.65 -13.25
CA LYS A 65 -3.52 -7.05 -14.50
C LYS A 65 -4.88 -6.40 -14.67
N SER A 66 -5.18 -5.98 -15.86
CA SER A 66 -6.48 -5.47 -16.19
C SER A 66 -7.53 -6.56 -16.01
N SER A 67 -8.57 -6.26 -15.29
CA SER A 67 -9.66 -7.15 -15.11
C SER A 67 -10.50 -7.14 -16.41
N ASN A 68 -11.34 -8.13 -16.61
CA ASN A 68 -12.08 -8.27 -17.86
C ASN A 68 -13.41 -7.55 -17.89
N LEU A 69 -13.89 -7.16 -16.74
CA LEU A 69 -15.22 -6.56 -16.67
C LEU A 69 -15.12 -5.05 -16.76
N ILE A 70 -13.93 -4.55 -16.49
CA ILE A 70 -13.70 -3.15 -16.40
C ILE A 70 -13.07 -2.57 -17.62
N ILE A 71 -13.22 -1.29 -17.71
CA ILE A 71 -12.73 -0.51 -18.78
C ILE A 71 -11.73 0.44 -18.19
N LEU A 72 -10.61 0.60 -18.81
CA LEU A 72 -9.62 1.51 -18.33
C LEU A 72 -9.53 2.69 -19.27
N GLU A 73 -8.65 3.59 -18.96
CA GLU A 73 -8.38 4.74 -19.80
C GLU A 73 -7.83 4.26 -21.12
N GLU A 74 -7.96 5.06 -22.15
CA GLU A 74 -7.54 4.66 -23.49
C GLU A 74 -6.02 4.52 -23.58
N HIS A 75 -5.35 5.12 -22.62
CA HIS A 75 -3.90 5.06 -22.50
C HIS A 75 -3.47 3.97 -21.54
N LEU A 76 -4.46 3.28 -21.00
CA LEU A 76 -4.22 2.19 -20.07
C LEU A 76 -4.87 0.88 -20.50
N LYS A 77 -5.75 0.92 -21.49
CA LYS A 77 -6.36 -0.32 -21.99
C LYS A 77 -5.34 -1.15 -22.72
N ASN A 78 -4.28 -0.50 -23.16
CA ASN A 78 -3.19 -1.13 -23.89
C ASN A 78 -2.15 -1.67 -22.91
N LYS A 79 -2.51 -1.75 -21.66
CA LYS A 79 -1.66 -2.23 -20.63
C LYS A 79 -2.22 -3.56 -20.19
N LYS A 80 -1.48 -4.60 -20.35
CA LYS A 80 -1.90 -5.90 -19.89
C LYS A 80 -1.60 -5.98 -18.41
N GLU A 81 -0.43 -5.51 -18.08
CA GLU A 81 0.08 -5.58 -16.75
C GLU A 81 0.46 -4.23 -16.28
N PHE A 82 -0.19 -3.80 -15.25
CA PHE A 82 0.06 -2.50 -14.71
C PHE A 82 1.09 -2.61 -13.65
N ASP A 83 2.02 -1.73 -13.66
CA ASP A 83 3.02 -1.74 -12.66
C ASP A 83 2.49 -1.17 -11.39
N HIS A 84 2.91 -1.74 -10.31
CA HIS A 84 2.67 -1.26 -8.98
C HIS A 84 2.79 0.30 -8.89
N ASN A 85 1.87 0.89 -8.15
CA ASN A 85 1.79 2.35 -7.89
C ASN A 85 1.28 3.14 -9.06
N SER A 86 0.86 2.46 -10.09
CA SER A 86 0.27 3.13 -11.21
C SER A 86 -1.13 3.54 -10.84
N ASN A 87 -1.34 4.81 -10.83
CA ASN A 87 -2.62 5.39 -10.53
C ASN A 87 -3.41 5.44 -11.81
N ILE A 88 -4.31 4.51 -11.96
CA ILE A 88 -5.12 4.42 -13.14
C ILE A 88 -6.56 4.72 -12.82
N ARG A 89 -7.38 4.66 -13.81
CA ARG A 89 -8.77 4.82 -13.64
C ARG A 89 -9.47 3.65 -14.29
N TYR A 90 -10.21 2.91 -13.52
CA TYR A 90 -11.06 1.90 -14.09
C TYR A 90 -12.45 2.43 -14.00
N ARG A 91 -13.29 1.83 -14.72
CA ARG A 91 -14.67 2.10 -14.69
C ARG A 91 -15.37 0.83 -14.99
N CYS A 92 -16.57 0.73 -14.59
CA CYS A 92 -17.31 -0.47 -14.74
C CYS A 92 -18.14 -0.35 -16.02
N ARG A 93 -18.63 -1.44 -16.51
CA ARG A 93 -19.45 -1.41 -17.69
C ARG A 93 -20.90 -1.07 -17.33
N GLY A 94 -21.25 -1.32 -16.07
CA GLY A 94 -22.56 -0.96 -15.58
C GLY A 94 -22.55 0.38 -14.90
N LYS A 95 -21.37 0.87 -14.62
CA LYS A 95 -21.19 2.15 -13.98
C LYS A 95 -20.18 2.93 -14.76
N GLU A 96 -20.62 3.82 -15.61
CA GLU A 96 -19.71 4.52 -16.44
C GLU A 96 -19.20 5.79 -15.77
N GLY A 97 -18.16 5.61 -15.02
CA GLY A 97 -17.47 6.67 -14.35
C GLY A 97 -16.25 6.10 -13.74
N TRP A 98 -15.25 6.89 -13.57
CA TRP A 98 -13.99 6.37 -13.12
C TRP A 98 -13.87 6.45 -11.63
N ILE A 99 -13.42 5.39 -11.05
CA ILE A 99 -13.32 5.32 -9.60
C ILE A 99 -11.91 5.71 -9.12
N HIS A 100 -10.89 5.50 -10.00
CA HIS A 100 -9.45 5.80 -9.73
C HIS A 100 -8.87 4.75 -8.78
N THR A 101 -7.87 4.03 -9.20
CA THR A 101 -7.26 3.04 -8.35
C THR A 101 -5.74 2.97 -8.57
N VAL A 102 -5.03 2.40 -7.61
CA VAL A 102 -3.58 2.30 -7.62
C VAL A 102 -3.18 0.83 -7.54
N CYS A 103 -2.23 0.42 -8.35
CA CYS A 103 -1.73 -0.96 -8.36
C CYS A 103 -0.89 -1.23 -7.12
N ILE A 104 -1.46 -1.90 -6.22
CA ILE A 104 -0.82 -2.24 -5.00
C ILE A 104 -0.32 -3.65 -5.10
N ASN A 105 0.82 -3.79 -5.77
CA ASN A 105 1.52 -5.07 -5.92
C ASN A 105 0.59 -6.18 -6.42
N GLY A 106 0.15 -6.07 -7.65
CA GLY A 106 -0.71 -7.09 -8.22
C GLY A 106 -2.16 -6.98 -7.80
N ARG A 107 -2.52 -5.93 -7.11
CA ARG A 107 -3.88 -5.74 -6.68
C ARG A 107 -4.19 -4.28 -6.85
N TRP A 108 -5.39 -3.92 -6.73
CA TRP A 108 -5.78 -2.56 -6.90
C TRP A 108 -6.23 -1.98 -5.58
N ASP A 109 -6.24 -0.66 -5.50
CA ASP A 109 -6.72 0.07 -4.32
C ASP A 109 -7.29 1.40 -4.78
N PRO A 110 -8.61 1.57 -4.78
CA PRO A 110 -9.56 0.52 -4.38
C PRO A 110 -9.56 -0.63 -5.38
N GLU A 111 -9.61 -1.82 -4.85
CA GLU A 111 -9.60 -3.03 -5.61
C GLU A 111 -10.72 -3.00 -6.65
N VAL A 112 -10.34 -3.13 -7.89
CA VAL A 112 -11.25 -3.03 -9.01
C VAL A 112 -12.31 -4.12 -9.00
N ASN A 113 -13.56 -3.69 -9.00
CA ASN A 113 -14.71 -4.55 -8.99
C ASN A 113 -15.77 -3.95 -9.92
N CYS A 114 -16.42 -4.77 -10.70
CA CYS A 114 -17.46 -4.31 -11.62
C CYS A 114 -18.70 -5.20 -11.44
N SER A 115 -18.79 -5.78 -10.29
CA SER A 115 -19.93 -6.59 -9.94
C SER A 115 -21.09 -5.69 -9.52
#